data_3PLU
# 
_entry.id   3PLU 
# 
_audit_conform.dict_name       mmcif_pdbx.dic 
_audit_conform.dict_version    5.379 
_audit_conform.dict_location   http://mmcif.pdb.org/dictionaries/ascii/mmcif_pdbx.dic 
# 
loop_
_database_2.database_id 
_database_2.database_code 
_database_2.pdbx_database_accession 
_database_2.pdbx_DOI 
PDB   3PLU         pdb_00003plu 10.2210/pdb3plu/pdb 
RCSB  RCSB062531   ?            ?                   
WWPDB D_1000062531 ?            ?                   
# 
_pdbx_database_related.db_name        PDB 
_pdbx_database_related.db_id          3PLV 
_pdbx_database_related.details        . 
_pdbx_database_related.content_type   unspecified 
# 
_pdbx_database_status.status_code                     REL 
_pdbx_database_status.entry_id                        3PLU 
_pdbx_database_status.recvd_initial_deposition_date   2010-11-15 
_pdbx_database_status.deposit_site                    RCSB 
_pdbx_database_status.process_site                    RCSB 
_pdbx_database_status.status_code_sf                  REL 
_pdbx_database_status.status_code_mr                  ? 
_pdbx_database_status.SG_entry                        ? 
_pdbx_database_status.status_code_cs                  ? 
_pdbx_database_status.pdb_format_compatible           Y 
_pdbx_database_status.status_code_nmr_data            ? 
_pdbx_database_status.methods_development_category    ? 
# 
loop_
_audit_author.name 
_audit_author.pdbx_ordinal 
'Mishra, S.K.'   1 
'Ammon, T.'      2 
'Popowicz, G.M.' 3 
'Krajewski, M.'  4 
'Nagel, R.J.'    5 
'Ares, M.'       6 
'Holak, T.A.'    7 
'Jentsch, S.'    8 
# 
_citation.id                        primary 
_citation.title                     'Role of the ubiquitin-like protein Hub1 in splice-site usage and alternative splicing.' 
_citation.journal_abbrev            Nature 
_citation.journal_volume            474 
_citation.page_first                173 
_citation.page_last                 178 
_citation.year                      2011 
_citation.journal_id_ASTM           NATUAS 
_citation.country                   UK 
_citation.journal_id_ISSN           0028-0836 
_citation.journal_id_CSD            0006 
_citation.book_publisher            ? 
_citation.pdbx_database_id_PubMed   21614000 
_citation.pdbx_database_id_DOI      10.1038/nature10143 
# 
loop_
_citation_author.citation_id 
_citation_author.name 
_citation_author.ordinal 
_citation_author.identifier_ORCID 
primary 'Mishra, S.K.'   1 ? 
primary 'Ammon, T.'      2 ? 
primary 'Popowicz, G.M.' 3 ? 
primary 'Krajewski, M.'  4 ? 
primary 'Nagel, R.J.'    5 ? 
primary 'Ares, M.'       6 ? 
primary 'Holak, T.A.'    7 ? 
primary 'Jentsch, S.'    8 ? 
# 
_cell.entry_id           3PLU 
_cell.length_a           35.230 
_cell.length_b           36.340 
_cell.length_c           36.780 
_cell.angle_alpha        83.44 
_cell.angle_beta         89.85 
_cell.angle_gamma        85.84 
_cell.Z_PDB              2 
_cell.pdbx_unique_axis   ? 
_cell.length_a_esd       ? 
_cell.length_b_esd       ? 
_cell.length_c_esd       ? 
_cell.angle_alpha_esd    ? 
_cell.angle_beta_esd     ? 
_cell.angle_gamma_esd    ? 
# 
_symmetry.entry_id                         3PLU 
_symmetry.space_group_name_H-M             'P 1' 
_symmetry.pdbx_full_space_group_name_H-M   ? 
_symmetry.cell_setting                     ? 
_symmetry.Int_Tables_number                1 
_symmetry.space_group_name_Hall            ? 
# 
loop_
_entity.id 
_entity.type 
_entity.src_method 
_entity.pdbx_description 
_entity.formula_weight 
_entity.pdbx_number_of_molecules 
_entity.pdbx_ec 
_entity.pdbx_mutation 
_entity.pdbx_fragment 
_entity.details 
1 polymer man 'Ubiquitin-like modifier HUB1'                              10440.913 2   ? A20G ?              ? 
2 polymer syn '66 kDa U4/U6.U5 small nuclear ribonucleoprotein component' 2217.562  2   ? ?    'HINDI domain' ? 
3 water   nat water                                                       18.015    275 ? ?    ?              ? 
# 
loop_
_entity_poly.entity_id 
_entity_poly.type 
_entity_poly.nstd_linkage 
_entity_poly.nstd_monomer 
_entity_poly.pdbx_seq_one_letter_code 
_entity_poly.pdbx_seq_one_letter_code_can 
_entity_poly.pdbx_strand_id 
_entity_poly.pdbx_target_identifier 
1 'polypeptide(L)' no no 
;MGSSHHHHHHSSGLVPRGSHMIEVVVNDRLGKKVRVKCLGEDSVGDFKKVLSLQIGTQPNKIVLQKGGSVLKDHISLEDY
EVHDQTNLELYYL
;
;MGSSHHHHHHSSGLVPRGSHMIEVVVNDRLGKKVRVKCLGEDSVGDFKKVLSLQIGTQPNKIVLQKGGSVLKDHISLEDY
EVHDQTNLELYYL
;
A,B ? 
2 'polypeptide(L)' no no NLSIEETNEIREKLGMKPI                                                                              
NLSIEETNEIREKLGMKPI                                                                              C,D ? 
# 
loop_
_entity_poly_seq.entity_id 
_entity_poly_seq.num 
_entity_poly_seq.mon_id 
_entity_poly_seq.hetero 
1 1  MET n 
1 2  GLY n 
1 3  SER n 
1 4  SER n 
1 5  HIS n 
1 6  HIS n 
1 7  HIS n 
1 8  HIS n 
1 9  HIS n 
1 10 HIS n 
1 11 SER n 
1 12 SER n 
1 13 GLY n 
1 14 LEU n 
1 15 VAL n 
1 16 PRO n 
1 17 ARG n 
1 18 GLY n 
1 19 SER n 
1 20 HIS n 
1 21 MET n 
1 22 ILE n 
1 23 GLU n 
1 24 VAL n 
1 25 VAL n 
1 26 VAL n 
1 27 ASN n 
1 28 ASP n 
1 29 ARG n 
1 30 LEU n 
1 31 GLY n 
1 32 LYS n 
1 33 LYS n 
1 34 VAL n 
1 35 ARG n 
1 36 VAL n 
1 37 LYS n 
1 38 CYS n 
1 39 LEU n 
1 40 GLY n 
1 41 GLU n 
1 42 ASP n 
1 43 SER n 
1 44 VAL n 
1 45 GLY n 
1 46 ASP n 
1 47 PHE n 
1 48 LYS n 
1 49 LYS n 
1 50 VAL n 
1 51 LEU n 
1 52 SER n 
1 53 LEU n 
1 54 GLN n 
1 55 ILE n 
1 56 GLY n 
1 57 THR n 
1 58 GLN n 
1 59 PRO n 
1 60 ASN n 
1 61 LYS n 
1 62 ILE n 
1 63 VAL n 
1 64 LEU n 
1 65 GLN n 
1 66 LYS n 
1 67 GLY n 
1 68 GLY n 
1 69 SER n 
1 70 VAL n 
1 71 LEU n 
1 72 LYS n 
1 73 ASP n 
1 74 HIS n 
1 75 ILE n 
1 76 SER n 
1 77 LEU n 
1 78 GLU n 
1 79 ASP n 
1 80 TYR n 
1 81 GLU n 
1 82 VAL n 
1 83 HIS n 
1 84 ASP n 
1 85 GLN n 
1 86 THR n 
1 87 ASN n 
1 88 LEU n 
1 89 GLU n 
1 90 LEU n 
1 91 TYR n 
1 92 TYR n 
1 93 LEU n 
2 1  ASN n 
2 2  LEU n 
2 3  SER n 
2 4  ILE n 
2 5  GLU n 
2 6  GLU n 
2 7  THR n 
2 8  ASN n 
2 9  GLU n 
2 10 ILE n 
2 11 ARG n 
2 12 GLU n 
2 13 LYS n 
2 14 LEU n 
2 15 GLY n 
2 16 MET n 
2 17 LYS n 
2 18 PRO n 
2 19 ILE n 
# 
_entity_src_gen.entity_id                          1 
_entity_src_gen.pdbx_src_id                        1 
_entity_src_gen.pdbx_alt_source_flag               sample 
_entity_src_gen.pdbx_seq_type                      ? 
_entity_src_gen.pdbx_beg_seq_num                   ? 
_entity_src_gen.pdbx_end_seq_num                   ? 
_entity_src_gen.gene_src_common_name               
;brewer's yeast,lager beer yeast,yeast
;
_entity_src_gen.gene_src_genus                     ? 
_entity_src_gen.pdbx_gene_src_gene                 'HUB1, YNR032C-A' 
_entity_src_gen.gene_src_species                   ? 
_entity_src_gen.gene_src_strain                    ? 
_entity_src_gen.gene_src_tissue                    ? 
_entity_src_gen.gene_src_tissue_fraction           ? 
_entity_src_gen.gene_src_details                   ? 
_entity_src_gen.pdbx_gene_src_fragment             ? 
_entity_src_gen.pdbx_gene_src_scientific_name      'Saccharomyces cerevisiae' 
_entity_src_gen.pdbx_gene_src_ncbi_taxonomy_id     4932 
_entity_src_gen.pdbx_gene_src_variant              ? 
_entity_src_gen.pdbx_gene_src_cell_line            ? 
_entity_src_gen.pdbx_gene_src_atcc                 ? 
_entity_src_gen.pdbx_gene_src_organ                ? 
_entity_src_gen.pdbx_gene_src_organelle            ? 
_entity_src_gen.pdbx_gene_src_cell                 ? 
_entity_src_gen.pdbx_gene_src_cellular_location    ? 
_entity_src_gen.host_org_common_name               ? 
_entity_src_gen.pdbx_host_org_scientific_name      'Escherichia coli' 
_entity_src_gen.pdbx_host_org_ncbi_taxonomy_id     562 
_entity_src_gen.host_org_genus                     ? 
_entity_src_gen.pdbx_host_org_gene                 ? 
_entity_src_gen.pdbx_host_org_organ                ? 
_entity_src_gen.host_org_species                   ? 
_entity_src_gen.pdbx_host_org_tissue               ? 
_entity_src_gen.pdbx_host_org_tissue_fraction      ? 
_entity_src_gen.pdbx_host_org_strain               BL21DE3 
_entity_src_gen.pdbx_host_org_variant              ? 
_entity_src_gen.pdbx_host_org_cell_line            ? 
_entity_src_gen.pdbx_host_org_atcc                 ? 
_entity_src_gen.pdbx_host_org_culture_collection   ? 
_entity_src_gen.pdbx_host_org_cell                 ? 
_entity_src_gen.pdbx_host_org_organelle            ? 
_entity_src_gen.pdbx_host_org_cellular_location    ? 
_entity_src_gen.pdbx_host_org_vector_type          plasmid 
_entity_src_gen.pdbx_host_org_vector               ? 
_entity_src_gen.host_org_details                   ? 
_entity_src_gen.expression_system_id               ? 
_entity_src_gen.plasmid_name                       pET-28 
_entity_src_gen.plasmid_details                    ? 
_entity_src_gen.pdbx_description                   ? 
# 
_pdbx_entity_src_syn.entity_id              2 
_pdbx_entity_src_syn.pdbx_src_id            1 
_pdbx_entity_src_syn.pdbx_alt_source_flag   sample 
_pdbx_entity_src_syn.pdbx_beg_seq_num       ? 
_pdbx_entity_src_syn.pdbx_end_seq_num       ? 
_pdbx_entity_src_syn.organism_scientific    'Saccharomyces cerevisiae' 
_pdbx_entity_src_syn.organism_common_name   
;brewer's yeast,lager beer yeast,yeast
;
_pdbx_entity_src_syn.ncbi_taxonomy_id       4932 
_pdbx_entity_src_syn.details                ? 
# 
loop_
_struct_ref.id 
_struct_ref.db_name 
_struct_ref.db_code 
_struct_ref.pdbx_db_accession 
_struct_ref.entity_id 
_struct_ref.pdbx_seq_one_letter_code 
_struct_ref.pdbx_align_begin 
_struct_ref.pdbx_db_isoform 
1 UNP HUB1_YEAST  Q6Q546 1 MIEVVVNDRLGKKVRVKCLAEDSVGDFKKVLSLQIGTQPNKIVLQKGGSVLKDHISLEDYEVHDQTNLELYYL 1 ? 
2 UNP SNU66_YEAST Q12420 2 NLSIEETNEIREKLGMKPI                                                       6 ? 
# 
loop_
_struct_ref_seq.align_id 
_struct_ref_seq.ref_id 
_struct_ref_seq.pdbx_PDB_id_code 
_struct_ref_seq.pdbx_strand_id 
_struct_ref_seq.seq_align_beg 
_struct_ref_seq.pdbx_seq_align_beg_ins_code 
_struct_ref_seq.seq_align_end 
_struct_ref_seq.pdbx_seq_align_end_ins_code 
_struct_ref_seq.pdbx_db_accession 
_struct_ref_seq.db_align_beg 
_struct_ref_seq.pdbx_db_align_beg_ins_code 
_struct_ref_seq.db_align_end 
_struct_ref_seq.pdbx_db_align_end_ins_code 
_struct_ref_seq.pdbx_auth_seq_align_beg 
_struct_ref_seq.pdbx_auth_seq_align_end 
1 1 3PLU A 21 ? 93 ? Q6Q546 1 ? 73 ? 1 73 
2 1 3PLU B 21 ? 93 ? Q6Q546 1 ? 73 ? 1 73 
3 2 3PLU C 1  ? 19 ? Q12420 6 ? 24 ? 6 24 
4 2 3PLU D 1  ? 19 ? Q12420 6 ? 24 ? 6 24 
# 
loop_
_struct_ref_seq_dif.align_id 
_struct_ref_seq_dif.pdbx_pdb_id_code 
_struct_ref_seq_dif.mon_id 
_struct_ref_seq_dif.pdbx_pdb_strand_id 
_struct_ref_seq_dif.seq_num 
_struct_ref_seq_dif.pdbx_pdb_ins_code 
_struct_ref_seq_dif.pdbx_seq_db_name 
_struct_ref_seq_dif.pdbx_seq_db_accession_code 
_struct_ref_seq_dif.db_mon_id 
_struct_ref_seq_dif.pdbx_seq_db_seq_num 
_struct_ref_seq_dif.details 
_struct_ref_seq_dif.pdbx_auth_seq_num 
_struct_ref_seq_dif.pdbx_ordinal 
1 3PLU MET A 1  ? UNP Q6Q546 ?   ?  'expression tag'      -19 1  
1 3PLU GLY A 2  ? UNP Q6Q546 ?   ?  'expression tag'      -18 2  
1 3PLU SER A 3  ? UNP Q6Q546 ?   ?  'expression tag'      -17 3  
1 3PLU SER A 4  ? UNP Q6Q546 ?   ?  'expression tag'      -16 4  
1 3PLU HIS A 5  ? UNP Q6Q546 ?   ?  'expression tag'      -15 5  
1 3PLU HIS A 6  ? UNP Q6Q546 ?   ?  'expression tag'      -14 6  
1 3PLU HIS A 7  ? UNP Q6Q546 ?   ?  'expression tag'      -13 7  
1 3PLU HIS A 8  ? UNP Q6Q546 ?   ?  'expression tag'      -12 8  
1 3PLU HIS A 9  ? UNP Q6Q546 ?   ?  'expression tag'      -11 9  
1 3PLU HIS A 10 ? UNP Q6Q546 ?   ?  'expression tag'      -10 10 
1 3PLU SER A 11 ? UNP Q6Q546 ?   ?  'expression tag'      -9  11 
1 3PLU SER A 12 ? UNP Q6Q546 ?   ?  'expression tag'      -8  12 
1 3PLU GLY A 13 ? UNP Q6Q546 ?   ?  'expression tag'      -7  13 
1 3PLU LEU A 14 ? UNP Q6Q546 ?   ?  'expression tag'      -6  14 
1 3PLU VAL A 15 ? UNP Q6Q546 ?   ?  'expression tag'      -5  15 
1 3PLU PRO A 16 ? UNP Q6Q546 ?   ?  'expression tag'      -4  16 
1 3PLU ARG A 17 ? UNP Q6Q546 ?   ?  'expression tag'      -3  17 
1 3PLU GLY A 18 ? UNP Q6Q546 ?   ?  'expression tag'      -2  18 
1 3PLU SER A 19 ? UNP Q6Q546 ?   ?  'expression tag'      -1  19 
1 3PLU HIS A 20 ? UNP Q6Q546 ?   ?  'expression tag'      0   20 
1 3PLU GLY A 40 ? UNP Q6Q546 ALA 20 'engineered mutation' 20  21 
2 3PLU MET B 1  ? UNP Q6Q546 ?   ?  'expression tag'      -19 22 
2 3PLU GLY B 2  ? UNP Q6Q546 ?   ?  'expression tag'      -18 23 
2 3PLU SER B 3  ? UNP Q6Q546 ?   ?  'expression tag'      -17 24 
2 3PLU SER B 4  ? UNP Q6Q546 ?   ?  'expression tag'      -16 25 
2 3PLU HIS B 5  ? UNP Q6Q546 ?   ?  'expression tag'      -15 26 
2 3PLU HIS B 6  ? UNP Q6Q546 ?   ?  'expression tag'      -14 27 
2 3PLU HIS B 7  ? UNP Q6Q546 ?   ?  'expression tag'      -13 28 
2 3PLU HIS B 8  ? UNP Q6Q546 ?   ?  'expression tag'      -12 29 
2 3PLU HIS B 9  ? UNP Q6Q546 ?   ?  'expression tag'      -11 30 
2 3PLU HIS B 10 ? UNP Q6Q546 ?   ?  'expression tag'      -10 31 
2 3PLU SER B 11 ? UNP Q6Q546 ?   ?  'expression tag'      -9  32 
2 3PLU SER B 12 ? UNP Q6Q546 ?   ?  'expression tag'      -8  33 
2 3PLU GLY B 13 ? UNP Q6Q546 ?   ?  'expression tag'      -7  34 
2 3PLU LEU B 14 ? UNP Q6Q546 ?   ?  'expression tag'      -6  35 
2 3PLU VAL B 15 ? UNP Q6Q546 ?   ?  'expression tag'      -5  36 
2 3PLU PRO B 16 ? UNP Q6Q546 ?   ?  'expression tag'      -4  37 
2 3PLU ARG B 17 ? UNP Q6Q546 ?   ?  'expression tag'      -3  38 
2 3PLU GLY B 18 ? UNP Q6Q546 ?   ?  'expression tag'      -2  39 
2 3PLU SER B 19 ? UNP Q6Q546 ?   ?  'expression tag'      -1  40 
2 3PLU HIS B 20 ? UNP Q6Q546 ?   ?  'expression tag'      0   41 
2 3PLU GLY B 40 ? UNP Q6Q546 ALA 20 'engineered mutation' 20  42 
# 
loop_
_chem_comp.id 
_chem_comp.type 
_chem_comp.mon_nstd_flag 
_chem_comp.name 
_chem_comp.pdbx_synonyms 
_chem_comp.formula 
_chem_comp.formula_weight 
ALA 'L-peptide linking' y ALANINE         ? 'C3 H7 N O2'     89.093  
ARG 'L-peptide linking' y ARGININE        ? 'C6 H15 N4 O2 1' 175.209 
ASN 'L-peptide linking' y ASPARAGINE      ? 'C4 H8 N2 O3'    132.118 
ASP 'L-peptide linking' y 'ASPARTIC ACID' ? 'C4 H7 N O4'     133.103 
CYS 'L-peptide linking' y CYSTEINE        ? 'C3 H7 N O2 S'   121.158 
GLN 'L-peptide linking' y GLUTAMINE       ? 'C5 H10 N2 O3'   146.144 
GLU 'L-peptide linking' y 'GLUTAMIC ACID' ? 'C5 H9 N O4'     147.129 
GLY 'peptide linking'   y GLYCINE         ? 'C2 H5 N O2'     75.067  
HIS 'L-peptide linking' y HISTIDINE       ? 'C6 H10 N3 O2 1' 156.162 
HOH non-polymer         . WATER           ? 'H2 O'           18.015  
ILE 'L-peptide linking' y ISOLEUCINE      ? 'C6 H13 N O2'    131.173 
LEU 'L-peptide linking' y LEUCINE         ? 'C6 H13 N O2'    131.173 
LYS 'L-peptide linking' y LYSINE          ? 'C6 H15 N2 O2 1' 147.195 
MET 'L-peptide linking' y METHIONINE      ? 'C5 H11 N O2 S'  149.211 
PHE 'L-peptide linking' y PHENYLALANINE   ? 'C9 H11 N O2'    165.189 
PRO 'L-peptide linking' y PROLINE         ? 'C5 H9 N O2'     115.130 
SER 'L-peptide linking' y SERINE          ? 'C3 H7 N O3'     105.093 
THR 'L-peptide linking' y THREONINE       ? 'C4 H9 N O3'     119.119 
TYR 'L-peptide linking' y TYROSINE        ? 'C9 H11 N O3'    181.189 
VAL 'L-peptide linking' y VALINE          ? 'C5 H11 N O2'    117.146 
# 
_exptl.entry_id          3PLU 
_exptl.method            'X-RAY DIFFRACTION' 
_exptl.crystals_number   1 
# 
_exptl_crystal.id                    1 
_exptl_crystal.density_meas          ? 
_exptl_crystal.density_Matthews      1.84 
_exptl_crystal.density_percent_sol   33.26 
_exptl_crystal.description           ? 
_exptl_crystal.F_000                 ? 
_exptl_crystal.preparation           ? 
# 
_exptl_crystal_grow.crystal_id      1 
_exptl_crystal_grow.method          'VAPOR DIFFUSION, SITTING DROP' 
_exptl_crystal_grow.temp            290 
_exptl_crystal_grow.temp_details    ? 
_exptl_crystal_grow.pH              6.9 
_exptl_crystal_grow.pdbx_details    '20% PEG 3350, 0.2M Ammonium Chloride, pH 6.9, VAPOR DIFFUSION, SITTING DROP, temperature 290K' 
_exptl_crystal_grow.pdbx_pH_range   ? 
# 
_diffrn.id                     1 
_diffrn.ambient_temp           90 
_diffrn.ambient_temp_details   ? 
_diffrn.crystal_id             1 
# 
_diffrn_detector.diffrn_id              1 
_diffrn_detector.detector               CCD 
_diffrn_detector.type                   'MAR CCD 165 mm' 
_diffrn_detector.pdbx_collection_date   2006-05-09 
_diffrn_detector.details                mirrors 
# 
_diffrn_radiation.diffrn_id                        1 
_diffrn_radiation.wavelength_id                    1 
_diffrn_radiation.pdbx_monochromatic_or_laue_m_l   M 
_diffrn_radiation.monochromator                    Si-111 
_diffrn_radiation.pdbx_diffrn_protocol             'SINGLE WAVELENGTH' 
_diffrn_radiation.pdbx_scattering_type             x-ray 
# 
_diffrn_radiation_wavelength.id           1 
_diffrn_radiation_wavelength.wavelength   1.05 
_diffrn_radiation_wavelength.wt           1.0 
# 
_diffrn_source.diffrn_id                   1 
_diffrn_source.source                      SYNCHROTRON 
_diffrn_source.type                        'MPG/DESY, HAMBURG BEAMLINE BW6' 
_diffrn_source.pdbx_synchrotron_site       'MPG/DESY, HAMBURG' 
_diffrn_source.pdbx_synchrotron_beamline   BW6 
_diffrn_source.pdbx_wavelength             ? 
_diffrn_source.pdbx_wavelength_list        1.05 
# 
_reflns.entry_id                     3PLU 
_reflns.observed_criterion_sigma_I   2 
_reflns.observed_criterion_sigma_F   2 
_reflns.d_resolution_low             30 
_reflns.d_resolution_high            1.4 
_reflns.number_obs                   33677 
_reflns.number_all                   35599 
_reflns.percent_possible_obs         94.6 
_reflns.pdbx_Rmerge_I_obs            ? 
_reflns.pdbx_Rsym_value              ? 
_reflns.pdbx_netI_over_sigmaI        ? 
_reflns.B_iso_Wilson_estimate        ? 
_reflns.pdbx_redundancy              ? 
_reflns.R_free_details               ? 
_reflns.limit_h_max                  ? 
_reflns.limit_h_min                  ? 
_reflns.limit_k_max                  ? 
_reflns.limit_k_min                  ? 
_reflns.limit_l_max                  ? 
_reflns.limit_l_min                  ? 
_reflns.observed_criterion_F_max     ? 
_reflns.observed_criterion_F_min     ? 
_reflns.pdbx_chi_squared             ? 
_reflns.pdbx_scaling_rejects         ? 
_reflns.pdbx_ordinal                 1 
_reflns.pdbx_diffrn_id               1 
# 
_reflns_shell.d_res_high             1.4 
_reflns_shell.d_res_low              1.5 
_reflns_shell.percent_possible_all   92.4 
_reflns_shell.Rmerge_I_obs           0.318 
_reflns_shell.pdbx_Rsym_value        ? 
_reflns_shell.meanI_over_sigI_obs    5.56 
_reflns_shell.pdbx_redundancy        ? 
_reflns_shell.percent_possible_obs   ? 
_reflns_shell.number_unique_all      ? 
_reflns_shell.number_measured_all    ? 
_reflns_shell.number_measured_obs    ? 
_reflns_shell.number_unique_obs      ? 
_reflns_shell.pdbx_chi_squared       ? 
_reflns_shell.pdbx_ordinal           1 
_reflns_shell.pdbx_diffrn_id         1 
# 
_refine.entry_id                                 3PLU 
_refine.ls_number_reflns_obs                     31992 
_refine.ls_number_reflns_all                     33677 
_refine.pdbx_ls_sigma_I                          ? 
_refine.pdbx_ls_sigma_F                          2 
_refine.pdbx_data_cutoff_high_absF               ? 
_refine.pdbx_data_cutoff_low_absF                ? 
_refine.pdbx_data_cutoff_high_rms_absF           ? 
_refine.ls_d_res_low                             26.12 
_refine.ls_d_res_high                            1.40 
_refine.ls_percent_reflns_obs                    94.63 
_refine.ls_R_factor_obs                          0.18737 
_refine.ls_R_factor_all                          ? 
_refine.ls_R_factor_R_work                       0.18521 
_refine.ls_R_factor_R_free                       0.22819 
_refine.ls_R_factor_R_free_error                 ? 
_refine.ls_R_factor_R_free_error_details         ? 
_refine.ls_percent_reflns_R_free                 5.0 
_refine.ls_number_reflns_R_free                  1686 
_refine.ls_number_parameters                     ? 
_refine.ls_number_restraints                     ? 
_refine.occupancy_min                            ? 
_refine.occupancy_max                            ? 
_refine.correlation_coeff_Fo_to_Fc               0.963 
_refine.correlation_coeff_Fo_to_Fc_free          0.941 
_refine.B_iso_mean                               18.696 
_refine.aniso_B[1][1]                            -0.12 
_refine.aniso_B[2][2]                            0.17 
_refine.aniso_B[3][3]                            -0.07 
_refine.aniso_B[1][2]                            0.11 
_refine.aniso_B[1][3]                            -0.05 
_refine.aniso_B[2][3]                            -0.01 
_refine.solvent_model_details                    MASK 
_refine.solvent_model_param_ksol                 ? 
_refine.solvent_model_param_bsol                 ? 
_refine.pdbx_solvent_vdw_probe_radii             1.40 
_refine.pdbx_solvent_ion_probe_radii             0.80 
_refine.pdbx_solvent_shrinkage_radii             0.80 
_refine.pdbx_ls_cross_valid_method               THROUGHOUT 
_refine.details                                  'HYDROGENS HAVE BEEN ADDED IN THE RIDING POSITIONS' 
_refine.pdbx_starting_model                      'PDB entry 1UBI' 
_refine.pdbx_method_to_determine_struct          'MOLECULAR REPLACEMENT' 
_refine.pdbx_isotropic_thermal_model             ? 
_refine.pdbx_stereochemistry_target_values       'MAXIMUM LIKELIHOOD' 
_refine.pdbx_stereochem_target_val_spec_case     ? 
_refine.pdbx_R_Free_selection_details            RANDOM 
_refine.pdbx_overall_ESU_R_Free                  0.077 
_refine.overall_SU_ML                            0.045 
_refine.overall_SU_B                             2.433 
_refine.overall_SU_R_Cruickshank_DPI             ? 
_refine.ls_redundancy_reflns_obs                 ? 
_refine.B_iso_min                                ? 
_refine.B_iso_max                                ? 
_refine.overall_SU_R_free                        ? 
_refine.ls_wR_factor_R_free                      ? 
_refine.ls_wR_factor_R_work                      ? 
_refine.overall_FOM_free_R_set                   ? 
_refine.overall_FOM_work_R_set                   ? 
_refine.pdbx_overall_phase_error                 ? 
_refine.pdbx_refine_id                           'X-RAY DIFFRACTION' 
_refine.pdbx_diffrn_id                           1 
_refine.pdbx_overall_ESU_R                       ? 
_refine.pdbx_TLS_residual_ADP_flag               ? 
_refine.pdbx_overall_SU_R_free_Cruickshank_DPI   ? 
_refine.pdbx_overall_SU_R_Blow_DPI               ? 
_refine.pdbx_overall_SU_R_free_Blow_DPI          ? 
# 
_refine_hist.pdbx_refine_id                   'X-RAY DIFFRACTION' 
_refine_hist.cycle_id                         LAST 
_refine_hist.pdbx_number_atoms_protein        1443 
_refine_hist.pdbx_number_atoms_nucleic_acid   0 
_refine_hist.pdbx_number_atoms_ligand         0 
_refine_hist.number_atoms_solvent             275 
_refine_hist.number_atoms_total               1718 
_refine_hist.d_res_high                       1.40 
_refine_hist.d_res_low                        26.12 
# 
loop_
_refine_ls_restr.type 
_refine_ls_restr.dev_ideal 
_refine_ls_restr.dev_ideal_target 
_refine_ls_restr.weight 
_refine_ls_restr.number 
_refine_ls_restr.pdbx_refine_id 
_refine_ls_restr.pdbx_restraint_function 
r_bond_refined_d         0.007  0.022  ? 1457 'X-RAY DIFFRACTION' ? 
r_angle_refined_deg      1.033  1.997  ? 1963 'X-RAY DIFFRACTION' ? 
r_dihedral_angle_1_deg   5.229  5.000  ? 180  'X-RAY DIFFRACTION' ? 
r_dihedral_angle_2_deg   38.795 26.000 ? 65   'X-RAY DIFFRACTION' ? 
r_dihedral_angle_3_deg   10.527 15.000 ? 284  'X-RAY DIFFRACTION' ? 
r_dihedral_angle_4_deg   7.488  15.000 ? 6    'X-RAY DIFFRACTION' ? 
r_chiral_restr           0.073  0.200  ? 234  'X-RAY DIFFRACTION' ? 
r_gen_planes_refined     0.003  0.020  ? 1056 'X-RAY DIFFRACTION' ? 
r_nbd_refined            0.177  0.200  ? 668  'X-RAY DIFFRACTION' ? 
r_nbtor_refined          0.298  0.200  ? 986  'X-RAY DIFFRACTION' ? 
r_xyhbond_nbd_refined    0.096  0.200  ? 203  'X-RAY DIFFRACTION' ? 
r_symmetry_vdw_refined   0.185  0.200  ? 39   'X-RAY DIFFRACTION' ? 
r_symmetry_hbond_refined 0.100  0.200  ? 30   'X-RAY DIFFRACTION' ? 
r_mcbond_it              1.125  1.500  ? 939  'X-RAY DIFFRACTION' ? 
r_mcangle_it             1.704  2.000  ? 1471 'X-RAY DIFFRACTION' ? 
r_scbond_it              1.885  3.000  ? 569  'X-RAY DIFFRACTION' ? 
r_scangle_it             2.934  4.500  ? 492  'X-RAY DIFFRACTION' ? 
r_rigid_bond_restr       1.130  3.000  ? 1508 'X-RAY DIFFRACTION' ? 
r_sphericity_free        2.956  3.000  ? 276  'X-RAY DIFFRACTION' ? 
r_sphericity_bonded      3.273  3.000  ? 1443 'X-RAY DIFFRACTION' ? 
# 
_refine_ls_shell.pdbx_total_number_of_bins_used   20 
_refine_ls_shell.d_res_high                       1.400 
_refine_ls_shell.d_res_low                        1.436 
_refine_ls_shell.number_reflns_R_work             2268 
_refine_ls_shell.R_factor_R_work                  0.242 
_refine_ls_shell.percent_reflns_obs               91.98 
_refine_ls_shell.R_factor_R_free                  0.296 
_refine_ls_shell.R_factor_R_free_error            ? 
_refine_ls_shell.percent_reflns_R_free            ? 
_refine_ls_shell.number_reflns_R_free             119 
_refine_ls_shell.number_reflns_all                ? 
_refine_ls_shell.R_factor_all                     ? 
_refine_ls_shell.number_reflns_obs                ? 
_refine_ls_shell.redundancy_reflns_obs            ? 
_refine_ls_shell.pdbx_refine_id                   'X-RAY DIFFRACTION' 
# 
_struct.entry_id                  3PLU 
_struct.title                     'Structure of Hub-1 protein in complex with Snu66 peptide (HINDI)' 
_struct.pdbx_model_details        ? 
_struct.pdbx_CASP_flag            ? 
_struct.pdbx_model_type_details   ? 
# 
_struct_keywords.entry_id        3PLU 
_struct_keywords.pdbx_keywords   'PEPTIDE BINDING PROTEIN' 
_struct_keywords.text            'Ubiquitin-like, HUB-1, Snu66, PEPTIDE BINDING PROTEIN' 
# 
loop_
_struct_asym.id 
_struct_asym.pdbx_blank_PDB_chainid_flag 
_struct_asym.pdbx_modified 
_struct_asym.entity_id 
_struct_asym.details 
A N N 1 ? 
B N N 1 ? 
C N N 2 ? 
D N N 2 ? 
E N N 3 ? 
F N N 3 ? 
G N N 3 ? 
H N N 3 ? 
# 
_struct_biol.id        1 
_struct_biol.details   ? 
# 
loop_
_struct_conf.conf_type_id 
_struct_conf.id 
_struct_conf.pdbx_PDB_helix_id 
_struct_conf.beg_label_comp_id 
_struct_conf.beg_label_asym_id 
_struct_conf.beg_label_seq_id 
_struct_conf.pdbx_beg_PDB_ins_code 
_struct_conf.end_label_comp_id 
_struct_conf.end_label_asym_id 
_struct_conf.end_label_seq_id 
_struct_conf.pdbx_end_PDB_ins_code 
_struct_conf.beg_auth_comp_id 
_struct_conf.beg_auth_asym_id 
_struct_conf.beg_auth_seq_id 
_struct_conf.end_auth_comp_id 
_struct_conf.end_auth_asym_id 
_struct_conf.end_auth_seq_id 
_struct_conf.pdbx_PDB_helix_class 
_struct_conf.details 
_struct_conf.pdbx_PDB_helix_length 
HELX_P HELX_P1 1 SER A 43 ? GLY A 56 ? SER A 23 GLY A 36 1 ? 14 
HELX_P HELX_P2 2 GLN A 58 ? ASN A 60 ? GLN A 38 ASN A 40 5 ? 3  
HELX_P HELX_P3 3 LEU A 77 ? GLU A 81 ? LEU A 57 GLU A 61 5 ? 5  
HELX_P HELX_P4 4 SER B 43 ? GLY B 56 ? SER B 23 GLY B 36 1 ? 14 
HELX_P HELX_P5 5 GLN B 58 ? ASN B 60 ? GLN B 38 ASN B 40 5 ? 3  
HELX_P HELX_P6 6 LEU B 77 ? GLU B 81 ? LEU B 57 GLU B 61 5 ? 5  
HELX_P HELX_P7 7 SER C 3  ? LEU C 14 ? SER C 8  LEU C 19 1 ? 12 
HELX_P HELX_P8 8 SER D 3  ? LEU D 14 ? SER D 8  LEU D 19 1 ? 12 
# 
_struct_conf_type.id          HELX_P 
_struct_conf_type.criteria    ? 
_struct_conf_type.reference   ? 
# 
loop_
_struct_sheet.id 
_struct_sheet.type 
_struct_sheet.number_strands 
_struct_sheet.details 
A ? 5 ? 
B ? 5 ? 
# 
loop_
_struct_sheet_order.sheet_id 
_struct_sheet_order.range_id_1 
_struct_sheet_order.range_id_2 
_struct_sheet_order.offset 
_struct_sheet_order.sense 
A 1 2 ? anti-parallel 
A 2 3 ? parallel      
A 3 4 ? anti-parallel 
A 4 5 ? anti-parallel 
B 1 2 ? anti-parallel 
B 2 3 ? parallel      
B 3 4 ? anti-parallel 
B 4 5 ? anti-parallel 
# 
loop_
_struct_sheet_range.sheet_id 
_struct_sheet_range.id 
_struct_sheet_range.beg_label_comp_id 
_struct_sheet_range.beg_label_asym_id 
_struct_sheet_range.beg_label_seq_id 
_struct_sheet_range.pdbx_beg_PDB_ins_code 
_struct_sheet_range.end_label_comp_id 
_struct_sheet_range.end_label_asym_id 
_struct_sheet_range.end_label_seq_id 
_struct_sheet_range.pdbx_end_PDB_ins_code 
_struct_sheet_range.beg_auth_comp_id 
_struct_sheet_range.beg_auth_asym_id 
_struct_sheet_range.beg_auth_seq_id 
_struct_sheet_range.end_auth_comp_id 
_struct_sheet_range.end_auth_asym_id 
_struct_sheet_range.end_auth_seq_id 
A 1 LYS A 33 ? LEU A 39 ? LYS A 13 LEU A 19 
A 2 MET A 21 ? ASN A 27 ? MET A 1  ASN A 7  
A 3 ASN A 87 ? TYR A 92 ? ASN A 67 TYR A 72 
A 4 ILE A 62 ? LYS A 66 ? ILE A 42 LYS A 46 
A 5 SER A 69 ? VAL A 70 ? SER A 49 VAL A 50 
B 1 LYS B 33 ? LEU B 39 ? LYS B 13 LEU B 19 
B 2 MET B 21 ? ASN B 27 ? MET B 1  ASN B 7  
B 3 ASN B 87 ? TYR B 92 ? ASN B 67 TYR B 72 
B 4 ILE B 62 ? LYS B 66 ? ILE B 42 LYS B 46 
B 5 SER B 69 ? VAL B 70 ? SER B 49 VAL B 50 
# 
loop_
_pdbx_struct_sheet_hbond.sheet_id 
_pdbx_struct_sheet_hbond.range_id_1 
_pdbx_struct_sheet_hbond.range_id_2 
_pdbx_struct_sheet_hbond.range_1_label_atom_id 
_pdbx_struct_sheet_hbond.range_1_label_comp_id 
_pdbx_struct_sheet_hbond.range_1_label_asym_id 
_pdbx_struct_sheet_hbond.range_1_label_seq_id 
_pdbx_struct_sheet_hbond.range_1_PDB_ins_code 
_pdbx_struct_sheet_hbond.range_1_auth_atom_id 
_pdbx_struct_sheet_hbond.range_1_auth_comp_id 
_pdbx_struct_sheet_hbond.range_1_auth_asym_id 
_pdbx_struct_sheet_hbond.range_1_auth_seq_id 
_pdbx_struct_sheet_hbond.range_2_label_atom_id 
_pdbx_struct_sheet_hbond.range_2_label_comp_id 
_pdbx_struct_sheet_hbond.range_2_label_asym_id 
_pdbx_struct_sheet_hbond.range_2_label_seq_id 
_pdbx_struct_sheet_hbond.range_2_PDB_ins_code 
_pdbx_struct_sheet_hbond.range_2_auth_atom_id 
_pdbx_struct_sheet_hbond.range_2_auth_comp_id 
_pdbx_struct_sheet_hbond.range_2_auth_asym_id 
_pdbx_struct_sheet_hbond.range_2_auth_seq_id 
A 1 2 O VAL A 34 ? O VAL A 14 N VAL A 26 ? N VAL A 6  
A 2 3 N VAL A 25 ? N VAL A 5  O LEU A 88 ? O LEU A 68 
A 3 4 O GLU A 89 ? O GLU A 69 N GLN A 65 ? N GLN A 45 
A 4 5 N LYS A 66 ? N LYS A 46 O SER A 69 ? O SER A 49 
B 1 2 O VAL B 34 ? O VAL B 14 N VAL B 26 ? N VAL B 6  
B 2 3 N VAL B 25 ? N VAL B 5  O LEU B 88 ? O LEU B 68 
B 3 4 O GLU B 89 ? O GLU B 69 N GLN B 65 ? N GLN B 45 
B 4 5 N LYS B 66 ? N LYS B 46 O SER B 69 ? O SER B 49 
# 
_atom_sites.entry_id                    3PLU 
_atom_sites.fract_transf_matrix[1][1]   -0.02760993 
_atom_sites.fract_transf_matrix[1][2]   0.00678042 
_atom_sites.fract_transf_matrix[1][3]   0.00131015 
_atom_sites.fract_transf_matrix[2][1]   0.00826935 
_atom_sites.fract_transf_matrix[2][2]   0.02609756 
_atom_sites.fract_transf_matrix[2][3]   -0.00467819 
_atom_sites.fract_transf_matrix[3][1]   -0.00313740 
_atom_sites.fract_transf_matrix[3][2]   -0.00704366 
_atom_sites.fract_transf_matrix[3][3]   -0.02625930 
_atom_sites.fract_transf_vector[1]      -0.230215 
_atom_sites.fract_transf_vector[2]      0.140942 
_atom_sites.fract_transf_vector[3]      0.192236 
# 
loop_
_atom_type.symbol 
C 
N 
O 
S 
# 
loop_
_atom_site.group_PDB 
_atom_site.id 
_atom_site.type_symbol 
_atom_site.label_atom_id 
_atom_site.label_alt_id 
_atom_site.label_comp_id 
_atom_site.label_asym_id 
_atom_site.label_entity_id 
_atom_site.label_seq_id 
_atom_site.pdbx_PDB_ins_code 
_atom_site.Cartn_x 
_atom_site.Cartn_y 
_atom_site.Cartn_z 
_atom_site.occupancy 
_atom_site.B_iso_or_equiv 
_atom_site.pdbx_formal_charge 
_atom_site.auth_seq_id 
_atom_site.auth_comp_id 
_atom_site.auth_asym_id 
_atom_site.auth_atom_id 
_atom_site.pdbx_PDB_model_num 
ATOM   1    N N   . HIS A 1 20 ? -15.749 -2.204  25.453  1.00 21.27  ? 0   HIS A N   1 
ATOM   2    C CA  . HIS A 1 20 ? -14.864 -1.173  24.823  1.00 20.42  ? 0   HIS A CA  1 
ATOM   3    C C   . HIS A 1 20 ? -14.898 -1.246  23.291  1.00 19.60  ? 0   HIS A C   1 
ATOM   4    O O   . HIS A 1 20 ? -13.967 -0.811  22.614  1.00 19.54  ? 0   HIS A O   1 
ATOM   5    C CB  . HIS A 1 20 ? -13.423 -1.320  25.320  1.00 21.19  ? 0   HIS A CB  1 
ATOM   6    C CG  . HIS A 1 20 ? -13.286 -1.264  26.811  1.00 22.55  ? 0   HIS A CG  1 
ATOM   7    N ND1 . HIS A 1 20 ? -13.471 -0.104  27.532  1.00 23.69  ? 0   HIS A ND1 1 
ATOM   8    C CD2 . HIS A 1 20 ? -12.971 -2.224  27.712  1.00 24.03  ? 0   HIS A CD2 1 
ATOM   9    C CE1 . HIS A 1 20 ? -13.283 -0.354  28.816  1.00 24.32  ? 0   HIS A CE1 1 
ATOM   10   N NE2 . HIS A 1 20 ? -12.980 -1.633  28.953  1.00 24.56  ? 0   HIS A NE2 1 
ATOM   11   N N   . MET A 1 21 ? -15.979 -1.797  22.751  1.00 18.44  ? 1   MET A N   1 
ATOM   12   C CA  . MET A 1 21 ? -16.086 -1.986  21.310  1.00 18.02  ? 1   MET A CA  1 
ATOM   13   C C   . MET A 1 21 ? -16.096 -0.659  20.572  1.00 16.52  ? 1   MET A C   1 
ATOM   14   O O   . MET A 1 21 ? -16.775 0.287   20.980  1.00 16.94  ? 1   MET A O   1 
ATOM   15   C CB  . MET A 1 21 ? -17.361 -2.751  20.974  1.00 17.97  ? 1   MET A CB  1 
ATOM   16   C CG  . MET A 1 21 ? -17.456 -3.174  19.514  1.00 19.30  ? 1   MET A CG  1 
ATOM   17   S SD  . MET A 1 21 ? -19.106 -3.738  19.087  1.00 22.64  ? 1   MET A SD  1 
ATOM   18   C CE  . MET A 1 21 ? -19.942 -2.175  18.795  1.00 24.00  ? 1   MET A CE  1 
ATOM   19   N N   . ILE A 1 22 ? -15.336 -0.603  19.480  1.00 15.04  ? 2   ILE A N   1 
ATOM   20   C CA  . ILE A 1 22 ? -15.446 0.496   18.529  1.00 14.41  ? 2   ILE A CA  1 
ATOM   21   C C   . ILE A 1 22 ? -15.796 -0.077  17.163  1.00 13.60  ? 2   ILE A C   1 
ATOM   22   O O   . ILE A 1 22 ? -15.554 -1.258  16.905  1.00 13.54  ? 2   ILE A O   1 
ATOM   23   C CB  . ILE A 1 22 ? -14.151 1.350   18.444  1.00 14.56  ? 2   ILE A CB  1 
ATOM   24   C CG1 . ILE A 1 22 ? -12.952 0.504   17.983  1.00 15.02  ? 2   ILE A CG1 1 
ATOM   25   C CG2 . ILE A 1 22 ? -13.901 2.076   19.787  1.00 15.40  ? 2   ILE A CG2 1 
ATOM   26   C CD1 . ILE A 1 22 ? -11.730 1.316   17.585  1.00 15.46  ? 2   ILE A CD1 1 
ATOM   27   N N   . GLU A 1 23 ? -16.363 0.757   16.297  1.00 12.71  ? 3   GLU A N   1 
ATOM   28   C CA  . GLU A 1 23 ? -16.691 0.335   14.944  1.00 12.37  ? 3   GLU A CA  1 
ATOM   29   C C   . GLU A 1 23 ? -15.983 1.234   13.952  1.00 11.44  ? 3   GLU A C   1 
ATOM   30   O O   . GLU A 1 23 ? -16.232 2.438   13.900  1.00 11.93  ? 3   GLU A O   1 
ATOM   31   C CB  . GLU A 1 23 ? -18.199 0.355   14.723  1.00 12.90  ? 3   GLU A CB  1 
ATOM   32   C CG  . GLU A 1 23 ? -18.650 -0.323  13.444  1.00 15.01  ? 3   GLU A CG  1 
ATOM   33   C CD  . GLU A 1 23 ? -20.146 -0.240  13.282  1.00 18.38  ? 3   GLU A CD  1 
ATOM   34   O OE1 . GLU A 1 23 ? -20.804 -1.296  13.348  1.00 20.43  ? 3   GLU A OE1 1 
ATOM   35   O OE2 . GLU A 1 23 ? -20.658 0.889   13.118  1.00 20.43  ? 3   GLU A OE2 1 
ATOM   36   N N   . VAL A 1 24 ? -15.089 0.632   13.177  1.00 10.77  ? 4   VAL A N   1 
ATOM   37   C CA  . VAL A 1 24 ? -14.264 1.360   12.228  1.00 10.41  ? 4   VAL A CA  1 
ATOM   38   C C   . VAL A 1 24 ? -14.874 1.227   10.841  1.00 10.08  ? 4   VAL A C   1 
ATOM   39   O O   . VAL A 1 24 ? -15.332 0.156   10.464  1.00 10.49  ? 4   VAL A O   1 
ATOM   40   C CB  . VAL A 1 24 ? -12.817 0.837   12.259  1.00 10.58  ? 4   VAL A CB  1 
ATOM   41   C CG1 . VAL A 1 24 ? -11.979 1.502   11.184  1.00 12.00  ? 4   VAL A CG1 1 
ATOM   42   C CG2 . VAL A 1 24 ? -12.221 1.080   13.638  1.00 11.21  ? 4   VAL A CG2 1 
ATOM   43   N N   . VAL A 1 25 ? -14.887 2.325   10.092  1.00 9.45   ? 5   VAL A N   1 
ATOM   44   C CA  . VAL A 1 25 ? -15.500 2.348   8.769   1.00 9.62   ? 5   VAL A CA  1 
ATOM   45   C C   . VAL A 1 25 ? -14.421 2.288   7.700   1.00 9.37   ? 5   VAL A C   1 
ATOM   46   O O   . VAL A 1 25 ? -13.563 3.156   7.622   1.00 9.63   ? 5   VAL A O   1 
ATOM   47   C CB  . VAL A 1 25 ? -16.369 3.610   8.571   1.00 9.72   ? 5   VAL A CB  1 
ATOM   48   C CG1 . VAL A 1 25 ? -17.100 3.534   7.233   1.00 10.36  ? 5   VAL A CG1 1 
ATOM   49   C CG2 . VAL A 1 25 ? -17.357 3.769   9.734   1.00 10.31  ? 5   VAL A CG2 1 
ATOM   50   N N   . VAL A 1 26 ? -14.462 1.233   6.895   1.00 8.67   ? 6   VAL A N   1 
ATOM   51   C CA  . VAL A 1 26 ? -13.454 1.016   5.878   1.00 8.78   ? 6   VAL A CA  1 
ATOM   52   C C   . VAL A 1 26 ? -14.065 1.287   4.504   1.00 8.64   ? 6   VAL A C   1 
ATOM   53   O O   . VAL A 1 26 ? -15.110 0.725   4.152   1.00 9.14   ? 6   VAL A O   1 
ATOM   54   C CB  . VAL A 1 26 ? -12.919 -0.423  5.974   1.00 8.60   ? 6   VAL A CB  1 
ATOM   55   C CG1 . VAL A 1 26 ? -11.878 -0.689  4.901   1.00 9.34   ? 6   VAL A CG1 1 
ATOM   56   C CG2 . VAL A 1 26 ? -12.334 -0.686  7.368   1.00 10.02  ? 6   VAL A CG2 1 
ATOM   57   N N   . ASN A 1 27 ? -13.399 2.153   3.733   1.00 8.84   ? 7   ASN A N   1 
ATOM   58   C CA  . ASN A 1 27 ? -13.931 2.686   2.480   1.00 9.31   ? 7   ASN A CA  1 
ATOM   59   C C   . ASN A 1 27 ? -13.088 2.219   1.308   1.00 9.13   ? 7   ASN A C   1 
ATOM   60   O O   . ASN A 1 27 ? -11.885 2.473   1.289   1.00 8.92   ? 7   ASN A O   1 
ATOM   61   C CB  . ASN A 1 27 ? -13.896 4.214   2.548   1.00 9.77   ? 7   ASN A CB  1 
ATOM   62   C CG  . ASN A 1 27 ? -14.702 4.762   3.707   1.00 10.86  ? 7   ASN A CG  1 
ATOM   63   O OD1 . ASN A 1 27 ? -15.904 4.920   3.601   1.00 13.65  ? 7   ASN A OD1 1 
ATOM   64   N ND2 . ASN A 1 27 ? -14.043 5.044   4.818   1.00 12.66  ? 7   ASN A ND2 1 
ATOM   65   N N   . ASP A 1 28 ? -13.703 1.540   0.341   1.00 9.53   ? 8   ASP A N   1 
ATOM   66   C CA  . ASP A 1 28 ? -12.920 0.986   -0.764  1.00 10.31  ? 8   ASP A CA  1 
ATOM   67   C C   . ASP A 1 28 ? -13.034 1.819   -2.044  1.00 10.48  ? 8   ASP A C   1 
ATOM   68   O O   . ASP A 1 28 ? -13.756 2.816   -2.091  1.00 10.43  ? 8   ASP A O   1 
ATOM   69   C CB  . ASP A 1 28 ? -13.180 -0.533  -0.979  1.00 11.01  ? 8   ASP A CB  1 
ATOM   70   C CG  . ASP A 1 28 ? -14.431 -0.840  -1.797  1.00 12.15  ? 8   ASP A CG  1 
ATOM   71   O OD1 . ASP A 1 28 ? -15.059 0.084   -2.358  1.00 11.36  ? 8   ASP A OD1 1 
ATOM   72   O OD2 . ASP A 1 28 ? -14.782 -2.041  -1.891  1.00 15.62  ? 8   ASP A OD2 1 
ATOM   73   N N   . ARG A 1 29 ? -12.301 1.415   -3.072  1.00 10.81  ? 9   ARG A N   1 
ATOM   74   C CA  . ARG A 1 29 ? -12.174 2.229   -4.272  1.00 11.58  ? 9   ARG A CA  1 
ATOM   75   C C   . ARG A 1 29 ? -13.340 2.045   -5.251  1.00 11.43  ? 9   ARG A C   1 
ATOM   76   O O   . ARG A 1 29 ? -13.306 2.563   -6.368  1.00 11.72  ? 9   ARG A O   1 
ATOM   77   C CB  . ARG A 1 29 ? -10.811 1.988   -4.932  1.00 12.18  ? 9   ARG A CB  1 
ATOM   78   C CG  . ARG A 1 29 ? -9.624  2.492   -4.096  1.00 13.35  ? 9   ARG A CG  1 
ATOM   79   C CD  . ARG A 1 29 ? -9.681  4.003   -3.841  1.00 15.47  ? 9   ARG A CD  1 
ATOM   80   N NE  . ARG A 1 29 ? -9.380  4.780   -5.043  1.00 17.40  ? 9   ARG A NE  1 
ATOM   81   C CZ  . ARG A 1 29 ? -9.291  6.108   -5.081  1.00 18.51  ? 9   ARG A CZ  1 
ATOM   82   N NH1 . ARG A 1 29 ? -9.494  6.830   -3.987  1.00 19.25  ? 9   ARG A NH1 1 
ATOM   83   N NH2 . ARG A 1 29 ? -9.005  6.719   -6.227  1.00 20.25  ? 9   ARG A NH2 1 
ATOM   84   N N   . LEU A 1 30 ? -14.366 1.316   -4.809  1.00 11.64  ? 10  LEU A N   1 
ATOM   85   C CA  . LEU A 1 30 ? -15.660 1.280   -5.499  1.00 11.94  ? 10  LEU A CA  1 
ATOM   86   C C   . LEU A 1 30 ? -16.764 1.935   -4.662  1.00 11.53  ? 10  LEU A C   1 
ATOM   87   O O   . LEU A 1 30 ? -17.952 1.818   -4.976  1.00 11.56  ? 10  LEU A O   1 
ATOM   88   C CB  . LEU A 1 30 ? -16.036 -0.149  -5.901  1.00 12.24  ? 10  LEU A CB  1 
ATOM   89   C CG  . LEU A 1 30 ? -15.161 -0.754  -7.003  1.00 13.70  ? 10  LEU A CG  1 
ATOM   90   C CD1 . LEU A 1 30 ? -15.467 -2.233  -7.177  1.00 16.31  ? 10  LEU A CD1 1 
ATOM   91   C CD2 . LEU A 1 30 ? -15.317 -0.010  -8.330  1.00 15.18  ? 10  LEU A CD2 1 
ATOM   92   N N   . GLY A 1 31 ? -16.369 2.613   -3.589  1.00 11.12  ? 11  GLY A N   1 
ATOM   93   C CA  . GLY A 1 31 ? -17.321 3.345   -2.755  1.00 11.87  ? 11  GLY A CA  1 
ATOM   94   C C   . GLY A 1 31 ? -18.067 2.495   -1.747  1.00 12.39  ? 11  GLY A C   1 
ATOM   95   O O   . GLY A 1 31 ? -19.046 2.953   -1.145  1.00 12.67  ? 11  GLY A O   1 
ATOM   96   N N   . LYS A 1 32 ? -17.606 1.262   -1.544  1.00 12.43  ? 12  LYS A N   1 
ATOM   97   C CA  . LYS A 1 32 ? -18.211 0.403   -0.526  1.00 12.92  ? 12  LYS A CA  1 
ATOM   98   C C   . LYS A 1 32 ? -17.687 0.770   0.849   1.00 12.65  ? 12  LYS A C   1 
ATOM   99   O O   . LYS A 1 32 ? -16.474 0.919   1.045   1.00 13.19  ? 12  LYS A O   1 
ATOM   100  C CB  . LYS A 1 32 ? -17.969 -1.076  -0.824  1.00 13.77  ? 12  LYS A CB  1 
ATOM   101  C CG  . LYS A 1 32 ? -18.594 -1.561  -2.134  1.00 15.73  ? 12  LYS A CG  1 
ATOM   102  C CD  . LYS A 1 32 ? -20.104 -1.436  -2.133  1.00 18.11  ? 12  LYS A CD  1 
ATOM   103  N N   . LYS A 1 33 ? -18.617 0.958   1.782   1.00 12.88  ? 13  LYS A N   1 
ATOM   104  C CA  . LYS A 1 33 ? -18.299 1.145   3.195   1.00 13.01  ? 13  LYS A CA  1 
ATOM   105  C C   . LYS A 1 33 ? -18.527 -0.166  3.925   1.00 12.32  ? 13  LYS A C   1 
ATOM   106  O O   . LYS A 1 33 ? -19.595 -0.771  3.815   1.00 12.73  ? 13  LYS A O   1 
ATOM   107  C CB  . LYS A 1 33 ? -19.171 2.236   3.826   1.00 14.00  ? 13  LYS A CB  1 
ATOM   108  C CG  . LYS A 1 33 ? -18.730 3.644   3.518   1.00 14.76  ? 13  LYS A CG  1 
ATOM   109  C CD  . LYS A 1 33 ? -19.511 4.676   4.326   1.00 14.88  ? 13  LYS A CD  1 
ATOM   110  C CE  . LYS A 1 33 ? -19.010 6.068   4.009   1.00 17.28  ? 13  LYS A CE  1 
ATOM   111  N NZ  . LYS A 1 33 ? -19.964 7.126   4.418   0.50 18.31  ? 13  LYS A NZ  1 
ATOM   112  N N   . VAL A 1 34 ? -17.510 -0.584  4.671   1.00 10.91  ? 14  VAL A N   1 
ATOM   113  C CA  . VAL A 1 34 ? -17.559 -1.809  5.449   1.00 10.94  ? 14  VAL A CA  1 
ATOM   114  C C   . VAL A 1 34 ? -17.263 -1.436  6.898   1.00 10.59  ? 14  VAL A C   1 
ATOM   115  O O   . VAL A 1 34 ? -16.222 -0.851  7.195   1.00 10.97  ? 14  VAL A O   1 
ATOM   116  C CB  . VAL A 1 34 ? -16.523 -2.836  4.934   1.00 10.64  ? 14  VAL A CB  1 
ATOM   117  C CG1 . VAL A 1 34 ? -16.495 -4.068  5.825   1.00 11.18  ? 14  VAL A CG1 1 
ATOM   118  C CG2 . VAL A 1 34 ? -16.822 -3.236  3.493   1.00 12.48  ? 14  VAL A CG2 1 
ATOM   119  N N   . ARG A 1 35 ? -18.186 -1.772  7.787   1.00 10.63  ? 15  ARG A N   1 
ATOM   120  C CA  . ARG A 1 35 ? -18.030 -1.466  9.202   1.00 11.13  ? 15  ARG A CA  1 
ATOM   121  C C   . ARG A 1 35 ? -17.491 -2.673  9.953   1.00 11.07  ? 15  ARG A C   1 
ATOM   122  O O   . ARG A 1 35 ? -18.033 -3.767  9.834   1.00 11.54  ? 15  ARG A O   1 
ATOM   123  C CB  . ARG A 1 35 ? -19.361 -0.996  9.787   1.00 11.95  ? 15  ARG A CB  1 
ATOM   124  C CG  . ARG A 1 35 ? -19.817 0.322   9.206   1.00 14.33  ? 15  ARG A CG  1 
ATOM   125  C CD  . ARG A 1 35 ? -21.260 0.622   9.538   1.00 17.55  ? 15  ARG A CD  1 
ATOM   126  N NE  . ARG A 1 35 ? -21.622 1.919   8.982   1.00 20.12  ? 15  ARG A NE  1 
ATOM   127  C CZ  . ARG A 1 35 ? -21.449 3.076   9.613   1.00 21.72  ? 15  ARG A CZ  1 
ATOM   128  N NH1 . ARG A 1 35 ? -20.943 3.103   10.841  1.00 21.93  ? 15  ARG A NH1 1 
ATOM   129  N NH2 . ARG A 1 35 ? -21.797 4.207   9.019   1.00 23.42  ? 15  ARG A NH2 1 
ATOM   130  N N   . VAL A 1 36 ? -16.405 -2.468  10.694  1.00 10.25  ? 16  VAL A N   1 
ATOM   131  C CA  . VAL A 1 36 ? -15.723 -3.561  11.389  1.00 10.97  ? 16  VAL A CA  1 
ATOM   132  C C   . VAL A 1 36 ? -15.699 -3.261  12.883  1.00 11.03  ? 16  VAL A C   1 
ATOM   133  O O   . VAL A 1 36 ? -15.133 -2.251  13.324  1.00 10.95  ? 16  VAL A O   1 
ATOM   134  C CB  . VAL A 1 36 ? -14.278 -3.783  10.860  1.00 11.20  ? 16  VAL A CB  1 
ATOM   135  C CG1 . VAL A 1 36 ? -13.617 -4.983  11.542  1.00 11.58  ? 16  VAL A CG1 1 
ATOM   136  C CG2 . VAL A 1 36 ? -14.267 -3.961  9.339   1.00 11.56  ? 16  VAL A CG2 1 
ATOM   137  N N   . LYS A 1 37 ? -16.336 -4.133  13.657  1.00 11.59  ? 17  LYS A N   1 
ATOM   138  C CA  . LYS A 1 37 ? -16.326 -4.004  15.109  1.00 12.52  ? 17  LYS A CA  1 
ATOM   139  C C   . LYS A 1 37 ? -15.010 -4.571  15.637  1.00 12.34  ? 17  LYS A C   1 
ATOM   140  O O   . LYS A 1 37 ? -14.576 -5.638  15.208  1.00 12.66  ? 17  LYS A O   1 
ATOM   141  C CB  . LYS A 1 37 ? -17.531 -4.734  15.711  1.00 12.73  ? 17  LYS A CB  1 
ATOM   142  C CG  . LYS A 1 37 ? -18.874 -4.104  15.355  1.00 13.93  ? 17  LYS A CG  1 
ATOM   143  C CD  . LYS A 1 37 ? -20.039 -5.033  15.708  1.00 14.22  ? 17  LYS A CD  1 
ATOM   144  C CE  . LYS A 1 37 ? -21.387 -4.400  15.402  1.00 16.23  ? 17  LYS A CE  1 
ATOM   145  N NZ  . LYS A 1 37 ? -21.547 -4.084  13.962  1.00 15.96  ? 17  LYS A NZ  1 
ATOM   146  N N   . CYS A 1 38 ? -14.369 -3.839  16.541  1.00 12.39  ? 18  CYS A N   1 
ATOM   147  C CA  . CYS A 1 38 ? -13.023 -4.184  17.004  1.00 13.31  ? 18  CYS A CA  1 
ATOM   148  C C   . CYS A 1 38 ? -12.722 -3.454  18.314  1.00 13.60  ? 18  CYS A C   1 
ATOM   149  O O   . CYS A 1 38 ? -13.619 -2.856  18.915  1.00 13.81  ? 18  CYS A O   1 
ATOM   150  C CB  . CYS A 1 38 ? -11.987 -3.829  15.925  1.00 13.53  ? 18  CYS A CB  1 
ATOM   151  S SG  . CYS A 1 38 ? -11.989 -2.085  15.448  1.00 14.32  ? 18  CYS A SG  1 
ATOM   152  N N   . LEU A 1 39 ? -11.466 -3.520  18.752  1.00 14.28  ? 19  LEU A N   1 
ATOM   153  C CA  . LEU A 1 39 ? -11.001 -2.783  19.929  1.00 14.78  ? 19  LEU A CA  1 
ATOM   154  C C   . LEU A 1 39 ? -9.865  -1.847  19.548  1.00 15.02  ? 19  LEU A C   1 
ATOM   155  O O   . LEU A 1 39 ? -9.025  -2.190  18.716  1.00 14.85  ? 19  LEU A O   1 
ATOM   156  C CB  . LEU A 1 39 ? -10.515 -3.747  21.017  1.00 15.38  ? 19  LEU A CB  1 
ATOM   157  C CG  . LEU A 1 39 ? -11.456 -4.828  21.554  1.00 16.02  ? 19  LEU A CG  1 
ATOM   158  C CD1 . LEU A 1 39 ? -10.685 -5.748  22.505  1.00 17.03  ? 19  LEU A CD1 1 
ATOM   159  C CD2 . LEU A 1 39 ? -12.678 -4.224  22.241  1.00 16.99  ? 19  LEU A CD2 1 
ATOM   160  N N   . GLY A 1 40 ? -9.837  -0.672  20.170  1.00 15.41  ? 20  GLY A N   1 
ATOM   161  C CA  . GLY A 1 40 ? -8.750  0.286   19.966  1.00 16.41  ? 20  GLY A CA  1 
ATOM   162  C C   . GLY A 1 40 ? -7.382  -0.322  20.236  1.00 17.21  ? 20  GLY A C   1 
ATOM   163  O O   . GLY A 1 40 ? -6.390  0.057   19.610  1.00 17.42  ? 20  GLY A O   1 
ATOM   164  N N   . GLU A 1 41 ? -7.336  -1.276  21.164  1.00 17.97  ? 21  GLU A N   1 
ATOM   165  C CA  . GLU A 1 41 ? -6.082  -1.940  21.535  1.00 18.90  ? 21  GLU A CA  1 
ATOM   166  C C   . GLU A 1 41 ? -5.587  -2.949  20.490  1.00 18.47  ? 21  GLU A C   1 
ATOM   167  O O   . GLU A 1 41 ? -4.440  -3.401  20.566  1.00 18.69  ? 21  GLU A O   1 
ATOM   168  C CB  . GLU A 1 41 ? -6.189  -2.595  22.923  1.00 19.29  ? 21  GLU A CB  1 
ATOM   169  C CG  . GLU A 1 41 ? -7.246  -3.697  23.059  1.00 20.95  ? 21  GLU A CG  1 
ATOM   170  C CD  . GLU A 1 41 ? -7.380  -4.218  24.487  1.00 23.01  ? 21  GLU A CD  1 
ATOM   171  O OE1 . GLU A 1 41 ? -7.653  -5.425  24.651  1.00 25.54  ? 21  GLU A OE1 1 
ATOM   172  O OE2 . GLU A 1 41 ? -7.220  -3.421  25.441  1.00 25.31  ? 21  GLU A OE2 1 
ATOM   173  N N   . ASP A 1 42 ? -6.445  -3.305  19.528  1.00 17.83  ? 22  ASP A N   1 
ATOM   174  C CA  . ASP A 1 42 ? -6.056  -4.233  18.457  1.00 17.20  ? 22  ASP A CA  1 
ATOM   175  C C   . ASP A 1 42 ? -4.949  -3.632  17.612  1.00 16.66  ? 22  ASP A C   1 
ATOM   176  O O   . ASP A 1 42 ? -4.954  -2.429  17.337  1.00 16.28  ? 22  ASP A O   1 
ATOM   177  C CB  . ASP A 1 42 ? -7.224  -4.522  17.505  1.00 17.04  ? 22  ASP A CB  1 
ATOM   178  C CG  . ASP A 1 42 ? -8.348  -5.324  18.139  1.00 17.71  ? 22  ASP A CG  1 
ATOM   179  O OD1 . ASP A 1 42 ? -8.152  -5.935  19.218  1.00 18.66  ? 22  ASP A OD1 1 
ATOM   180  O OD2 . ASP A 1 42 ? -9.441  -5.355  17.524  1.00 16.97  ? 22  ASP A OD2 1 
ATOM   181  N N   . SER A 1 43 ? -4.015  -4.469  17.175  1.00 16.17  ? 23  SER A N   1 
ATOM   182  C CA  . SER A 1 43 ? -3.020  -4.031  16.207  1.00 15.75  ? 23  SER A CA  1 
ATOM   183  C C   . SER A 1 43 ? -3.688  -3.839  14.849  1.00 14.82  ? 23  SER A C   1 
ATOM   184  O O   . SER A 1 43 ? -4.728  -4.438  14.562  1.00 14.57  ? 23  SER A O   1 
ATOM   185  C CB  . SER A 1 43 ? -1.887  -5.049  16.091  1.00 16.20  ? 23  SER A CB  1 
ATOM   186  O OG  . SER A 1 43 ? -2.337  -6.252  15.496  1.00 17.49  ? 23  SER A OG  1 
ATOM   187  N N   . VAL A 1 44 ? -3.087  -2.997  14.018  1.00 14.06  ? 24  VAL A N   1 
ATOM   188  C CA  . VAL A 1 44 ? -3.537  -2.840  12.636  1.00 13.42  ? 24  VAL A CA  1 
ATOM   189  C C   . VAL A 1 44 ? -3.530  -4.208  11.926  1.00 13.26  ? 24  VAL A C   1 
ATOM   190  O O   . VAL A 1 44 ? -4.449  -4.537  11.175  1.00 13.15  ? 24  VAL A O   1 
ATOM   191  C CB  . VAL A 1 44 ? -2.681  -1.782  11.892  1.00 13.32  ? 24  VAL A CB  1 
ATOM   192  C CG1 . VAL A 1 44 ? -2.880  -1.875  10.379  1.00 12.89  ? 24  VAL A CG1 1 
ATOM   193  C CG2 . VAL A 1 44 ? -3.000  -0.376  12.410  1.00 12.84  ? 24  VAL A CG2 1 
ATOM   194  N N   . GLY A 1 45 ? -2.509  -5.015  12.211  1.00 13.53  ? 25  GLY A N   1 
ATOM   195  C CA  . GLY A 1 45 ? -2.408  -6.353  11.632  1.00 13.86  ? 25  GLY A CA  1 
ATOM   196  C C   . GLY A 1 45 ? -3.591  -7.236  11.969  1.00 14.15  ? 25  GLY A C   1 
ATOM   197  O O   . GLY A 1 45 ? -4.144  -7.917  11.096  1.00 14.49  ? 25  GLY A O   1 
ATOM   198  N N   . ASP A 1 46 ? -3.991  -7.213  13.238  1.00 14.40  ? 26  ASP A N   1 
ATOM   199  C CA  . ASP A 1 46 ? -5.128  -8.018  13.680  1.00 14.80  ? 26  ASP A CA  1 
ATOM   200  C C   . ASP A 1 46 ? -6.447  -7.453  13.163  1.00 13.96  ? 26  ASP A C   1 
ATOM   201  O O   . ASP A 1 46 ? -7.370  -8.201  12.837  1.00 14.18  ? 26  ASP A O   1 
ATOM   202  C CB  . ASP A 1 46 ? -5.134  -8.175  15.202  1.00 15.78  ? 26  ASP A CB  1 
ATOM   203  C CG  . ASP A 1 46 ? -4.082  -9.164  15.692  1.00 18.31  ? 26  ASP A CG  1 
ATOM   204  O OD1 . ASP A 1 46 ? -3.433  -9.830  14.856  1.00 19.85  ? 26  ASP A OD1 1 
ATOM   205  O OD2 . ASP A 1 46 ? -3.911  -9.275  16.919  1.00 21.30  ? 26  ASP A OD2 1 
ATOM   206  N N   . PHE A 1 47 ? -6.527  -6.128  13.066  1.00 13.01  ? 27  PHE A N   1 
ATOM   207  C CA  . PHE A 1 47 ? -7.682  -5.506  12.418  1.00 12.36  ? 27  PHE A CA  1 
ATOM   208  C C   . PHE A 1 47 ? -7.827  -6.000  10.968  1.00 12.07  ? 27  PHE A C   1 
ATOM   209  O O   . PHE A 1 47 ? -8.922  -6.347  10.526  1.00 12.19  ? 27  PHE A O   1 
ATOM   210  C CB  . PHE A 1 47 ? -7.592  -3.980  12.476  1.00 11.87  ? 27  PHE A CB  1 
ATOM   211  C CG  . PHE A 1 47 ? -8.748  -3.293  11.810  1.00 10.44  ? 27  PHE A CG  1 
ATOM   212  C CD1 . PHE A 1 47 ? -9.958  -3.138  12.475  1.00 10.35  ? 27  PHE A CD1 1 
ATOM   213  C CD2 . PHE A 1 47 ? -8.636  -2.824  10.509  1.00 10.18  ? 27  PHE A CD2 1 
ATOM   214  C CE1 . PHE A 1 47 ? -11.032 -2.513  11.853  1.00 9.91   ? 27  PHE A CE1 1 
ATOM   215  C CE2 . PHE A 1 47 ? -9.709  -2.202  9.874   1.00 10.08  ? 27  PHE A CE2 1 
ATOM   216  C CZ  . PHE A 1 47 ? -10.908 -2.038  10.545  1.00 10.25  ? 27  PHE A CZ  1 
ATOM   217  N N   . LYS A 1 48 ? -6.713  -6.047  10.244  1.00 12.21  ? 28  LYS A N   1 
ATOM   218  C CA  . LYS A 1 48 ? -6.712  -6.580  8.880   1.00 12.38  ? 28  LYS A CA  1 
ATOM   219  C C   . LYS A 1 48 ? -7.161  -8.032  8.787   1.00 12.46  ? 28  LYS A C   1 
ATOM   220  O O   . LYS A 1 48 ? -7.826  -8.399  7.828   1.00 11.55  ? 28  LYS A O   1 
ATOM   221  C CB  . LYS A 1 48 ? -5.337  -6.438  8.247   1.00 12.99  ? 28  LYS A CB  1 
ATOM   222  C CG  . LYS A 1 48 ? -4.979  -5.031  7.850   1.00 14.28  ? 28  LYS A CG  1 
ATOM   223  C CD  . LYS A 1 48 ? -3.615  -5.065  7.199   1.00 16.38  ? 28  LYS A CD  1 
ATOM   224  C CE  . LYS A 1 48 ? -3.144  -3.705  6.772   1.00 17.62  ? 28  LYS A CE  1 
ATOM   225  N NZ  . LYS A 1 48 ? -1.729  -3.798  6.296   1.00 18.19  ? 28  LYS A NZ  1 
ATOM   226  N N   . LYS A 1 49 ? -6.788  -8.842  9.780   1.00 12.80  ? 29  LYS A N   1 
ATOM   227  C CA  . LYS A 1 49 ? -7.219  -10.241 9.829   1.00 13.48  ? 29  LYS A CA  1 
ATOM   228  C C   . LYS A 1 49 ? -8.737  -10.357 9.920   1.00 13.06  ? 29  LYS A C   1 
ATOM   229  O O   . LYS A 1 49 ? -9.342  -11.128 9.179   1.00 13.21  ? 29  LYS A O   1 
ATOM   230  C CB  . LYS A 1 49 ? -6.571  -10.982 11.002  1.00 13.94  ? 29  LYS A CB  1 
ATOM   231  C CG  . LYS A 1 49 ? -5.087  -11.194 10.848  1.00 16.17  ? 29  LYS A CG  1 
ATOM   232  C CD  . LYS A 1 49 ? -4.564  -12.108 11.947  1.00 19.26  ? 29  LYS A CD  1 
ATOM   233  C CE  . LYS A 1 49 ? -3.072  -12.350 11.792  1.00 21.19  ? 29  LYS A CE  1 
ATOM   234  N NZ  . LYS A 1 49 ? -2.581  -13.399 12.737  1.00 23.03  ? 29  LYS A NZ  1 
ATOM   235  N N   . VAL A 1 50 ? -9.348  -9.577  10.813  1.00 12.75  ? 30  VAL A N   1 
ATOM   236  C CA  . VAL A 1 50 ? -10.806 -9.606  10.970  1.00 12.66  ? 30  VAL A CA  1 
ATOM   237  C C   . VAL A 1 50 ? -11.489 -9.034  9.726   1.00 12.08  ? 30  VAL A C   1 
ATOM   238  O O   . VAL A 1 50 ? -12.402 -9.648  9.176   1.00 12.47  ? 30  VAL A O   1 
ATOM   239  C CB  . VAL A 1 50 ? -11.280 -8.870  12.252  1.00 12.69  ? 30  VAL A CB  1 
ATOM   240  C CG1 . VAL A 1 50 ? -12.807 -8.788  12.309  1.00 13.88  ? 30  VAL A CG1 1 
ATOM   241  C CG2 . VAL A 1 50 ? -10.727 -9.548  13.515  1.00 13.43  ? 30  VAL A CG2 1 
ATOM   242  N N   . LEU A 1 51 ? -11.040 -7.866  9.274   1.00 11.34  ? 31  LEU A N   1 
ATOM   243  C CA  . LEU A 1 51 ? -11.591 -7.278  8.066   1.00 10.93  ? 31  LEU A CA  1 
ATOM   244  C C   . LEU A 1 51 ? -11.539 -8.250  6.881   1.00 11.08  ? 31  LEU A C   1 
ATOM   245  O O   . LEU A 1 51 ? -12.518 -8.397  6.145   1.00 11.17  ? 31  LEU A O   1 
ATOM   246  C CB  . LEU A 1 51 ? -10.826 -5.995  7.732   1.00 11.30  ? 31  LEU A CB  1 
ATOM   247  C CG  . LEU A 1 51 ? -11.059 -5.356  6.359   1.00 9.98   ? 31  LEU A CG  1 
ATOM   248  C CD1 . LEU A 1 51 ? -12.490 -4.826  6.159   1.00 8.93   ? 31  LEU A CD1 1 
ATOM   249  C CD2 . LEU A 1 51 ? -10.020 -4.266  6.128   1.00 10.23  ? 31  LEU A CD2 1 
ATOM   250  N N   . SER A 1 52 ? -10.388 -8.897  6.698   1.00 11.52  ? 32  SER A N   1 
ATOM   251  C CA  . SER A 1 52 ? -10.195 -9.804  5.568   1.00 11.99  ? 32  SER A CA  1 
ATOM   252  C C   . SER A 1 52 ? -11.197 -10.960 5.571   1.00 12.41  ? 32  SER A C   1 
ATOM   253  O O   . SER A 1 52 ? -11.730 -11.328 4.530   1.00 12.73  ? 32  SER A O   1 
ATOM   254  C CB  . SER A 1 52 ? -8.756  -10.341 5.547   1.00 12.06  ? 32  SER A CB  1 
ATOM   255  O OG  . SER A 1 52 ? -7.824  -9.303  5.294   1.00 12.89  ? 32  SER A OG  1 
ATOM   256  N N   . LEU A 1 53 ? -11.454 -11.532 6.744   1.00 12.91  ? 33  LEU A N   1 
ATOM   257  C CA  . LEU A 1 53 ? -12.442 -12.607 6.829   1.00 13.73  ? 33  LEU A CA  1 
ATOM   258  C C   . LEU A 1 53 ? -13.863 -12.104 6.596   1.00 13.19  ? 33  LEU A C   1 
ATOM   259  O O   . LEU A 1 53 ? -14.705 -12.815 6.054   1.00 13.73  ? 33  LEU A O   1 
ATOM   260  C CB  . LEU A 1 53 ? -12.335 -13.347 8.159   1.00 14.62  ? 33  LEU A CB  1 
ATOM   261  C CG  . LEU A 1 53 ? -11.095 -14.240 8.265   1.00 16.34  ? 33  LEU A CG  1 
ATOM   262  C CD1 . LEU A 1 53 ? -10.878 -14.684 9.688   1.00 18.85  ? 33  LEU A CD1 1 
ATOM   263  C CD2 . LEU A 1 53 ? -11.217 -15.446 7.347   1.00 17.94  ? 33  LEU A CD2 1 
ATOM   264  N N   . GLN A 1 54 ? -14.126 -10.863 6.999   1.00 12.61  ? 34  GLN A N   1 
ATOM   265  C CA  . GLN A 1 54 ? -15.430 -10.264 6.779   1.00 12.61  ? 34  GLN A CA  1 
ATOM   266  C C   . GLN A 1 54 ? -15.704 -10.013 5.289   1.00 12.10  ? 34  GLN A C   1 
ATOM   267  O O   . GLN A 1 54 ? -16.837 -10.185 4.821   1.00 12.28  ? 34  GLN A O   1 
ATOM   268  C CB  . GLN A 1 54 ? -15.550 -8.969  7.593   1.00 12.92  ? 34  GLN A CB  1 
ATOM   269  C CG  . GLN A 1 54 ? -16.950 -8.381  7.670   1.00 13.76  ? 34  GLN A CG  1 
ATOM   270  C CD  . GLN A 1 54 ? -17.045 -7.283  8.715   1.00 13.32  ? 34  GLN A CD  1 
ATOM   271  O OE1 . GLN A 1 54 ? -16.422 -7.359  9.778   1.00 14.15  ? 34  GLN A OE1 1 
ATOM   272  N NE2 . GLN A 1 54 ? -17.828 -6.256  8.415   1.00 13.66  ? 34  GLN A NE2 1 
ATOM   273  N N   . ILE A 1 55 ? -14.665 -9.629  4.545   1.00 12.05  ? 35  ILE A N   1 
ATOM   274  C CA  . ILE A 1 55 ? -14.841 -9.233  3.139   1.00 12.59  ? 35  ILE A CA  1 
ATOM   275  C C   . ILE A 1 55 ? -14.312 -10.235 2.103   1.00 13.16  ? 35  ILE A C   1 
ATOM   276  O O   . ILE A 1 55 ? -14.419 -10.004 0.891   1.00 13.84  ? 35  ILE A O   1 
ATOM   277  C CB  . ILE A 1 55 ? -14.266 -7.814  2.838   1.00 12.29  ? 35  ILE A CB  1 
ATOM   278  C CG1 . ILE A 1 55 ? -12.737 -7.798  2.967   1.00 12.34  ? 35  ILE A CG1 1 
ATOM   279  C CG2 . ILE A 1 55 ? -14.938 -6.775  3.726   1.00 12.22  ? 35  ILE A CG2 1 
ATOM   280  C CD1 . ILE A 1 55 ? -12.075 -6.470  2.565   1.00 12.59  ? 35  ILE A CD1 1 
ATOM   281  N N   . GLY A 1 56 ? -13.753 -11.343 2.581   1.00 13.73  ? 36  GLY A N   1 
ATOM   282  C CA  . GLY A 1 56 ? -13.335 -12.418 1.685   1.00 14.86  ? 36  GLY A CA  1 
ATOM   283  C C   . GLY A 1 56 ? -12.007 -12.213 0.981   1.00 15.78  ? 36  GLY A C   1 
ATOM   284  O O   . GLY A 1 56 ? -11.854 -12.578 -0.190  1.00 16.64  ? 36  GLY A O   1 
ATOM   285  N N   . THR A 1 57 ? -11.043 -11.634 1.693   1.00 15.97  ? 37  THR A N   1 
ATOM   286  C CA  . THR A 1 57 ? -9.677  -11.507 1.189   1.00 16.54  ? 37  THR A CA  1 
ATOM   287  C C   . THR A 1 57 ? -8.673  -12.029 2.224   1.00 16.59  ? 37  THR A C   1 
ATOM   288  O O   . THR A 1 57 ? -9.055  -12.721 3.176   1.00 16.81  ? 37  THR A O   1 
ATOM   289  C CB  . THR A 1 57 ? -9.360  -10.047 0.726   1.00 16.56  ? 37  THR A CB  1 
ATOM   290  O OG1 . THR A 1 57 ? -8.101  -10.018 0.047   1.00 17.14  ? 37  THR A OG1 1 
ATOM   291  C CG2 . THR A 1 57 ? -9.332  -9.050  1.891   1.00 15.83  ? 37  THR A CG2 1 
ATOM   292  N N   . GLN A 1 58 ? -7.399  -11.706 2.029   1.00 16.86  ? 38  GLN A N   1 
ATOM   293  C CA  . GLN A 1 58 ? -6.354  -12.023 3.002   1.00 17.22  ? 38  GLN A CA  1 
ATOM   294  C C   . GLN A 1 58 ? -5.567  -10.759 3.345   1.00 16.28  ? 38  GLN A C   1 
ATOM   295  O O   . GLN A 1 58 ? -5.421  -9.883  2.490   1.00 15.76  ? 38  GLN A O   1 
ATOM   296  C CB  . GLN A 1 58 ? -5.411  -13.107 2.465   1.00 18.33  ? 38  GLN A CB  1 
ATOM   297  C CG  . GLN A 1 58 ? -6.150  -14.348 2.003   1.00 21.37  ? 38  GLN A CG  1 
ATOM   298  N N   . PRO A 1 59 ? -5.065  -10.652 4.591   1.00 15.94  ? 39  PRO A N   1 
ATOM   299  C CA  . PRO A 1 59 ? -4.357  -9.437  5.018   1.00 16.03  ? 39  PRO A CA  1 
ATOM   300  C C   . PRO A 1 59 ? -3.227  -8.980  4.104   1.00 16.03  ? 39  PRO A C   1 
ATOM   301  O O   . PRO A 1 59 ? -3.049  -7.779  3.907   1.00 15.83  ? 39  PRO A O   1 
ATOM   302  C CB  . PRO A 1 59 ? -3.803  -9.817  6.395   1.00 16.37  ? 39  PRO A CB  1 
ATOM   303  C CG  . PRO A 1 59 ? -4.766  -10.808 6.901   1.00 16.73  ? 39  PRO A CG  1 
ATOM   304  C CD  . PRO A 1 59 ? -5.171  -11.618 5.702   1.00 15.77  ? 39  PRO A CD  1 
ATOM   305  N N   . ASN A 1 60 ? -2.466  -9.921  3.551   1.00 16.26  ? 40  ASN A N   1 
ATOM   306  C CA  . ASN A 1 60 ? -1.350  -9.551  2.678   1.00 16.54  ? 40  ASN A CA  1 
ATOM   307  C C   . ASN A 1 60 ? -1.767  -9.063  1.286   1.00 16.29  ? 40  ASN A C   1 
ATOM   308  O O   . ASN A 1 60 ? -0.923  -8.653  0.490   1.00 17.33  ? 40  ASN A O   1 
ATOM   309  C CB  . ASN A 1 60 ? -0.299  -10.674 2.591   1.00 17.02  ? 40  ASN A CB  1 
ATOM   310  C CG  . ASN A 1 60 ? -0.763  -11.880 1.782   1.00 18.60  ? 40  ASN A CG  1 
ATOM   311  O OD1 . ASN A 1 60 ? 0.064   -12.609 1.237   1.00 21.39  ? 40  ASN A OD1 1 
ATOM   312  N ND2 . ASN A 1 60 ? -2.066  -12.112 1.713   1.00 20.06  ? 40  ASN A ND2 1 
ATOM   313  N N   . LYS A 1 61 ? -3.071  -9.095  1.008   1.00 15.62  ? 41  LYS A N   1 
ATOM   314  C CA  . LYS A 1 61 ? -3.599  -8.624  -0.276  1.00 15.17  ? 41  LYS A CA  1 
ATOM   315  C C   . LYS A 1 61 ? -4.126  -7.183  -0.197  1.00 14.05  ? 41  LYS A C   1 
ATOM   316  O O   . LYS A 1 61 ? -4.527  -6.616  -1.212  1.00 13.65  ? 41  LYS A O   1 
ATOM   317  C CB  . LYS A 1 61 ? -4.701  -9.563  -0.782  1.00 15.80  ? 41  LYS A CB  1 
ATOM   318  C CG  . LYS A 1 61 ? -4.195  -10.937 -1.219  1.00 17.77  ? 41  LYS A CG  1 
ATOM   319  C CD  . LYS A 1 61 ? -5.349  -11.853 -1.578  1.00 20.45  ? 41  LYS A CD  1 
ATOM   320  C CE  . LYS A 1 61 ? -4.861  -13.190 -2.126  1.00 22.28  ? 41  LYS A CE  1 
ATOM   321  N NZ  . LYS A 1 61 ? -6.006  -14.099 -2.401  1.00 24.51  ? 41  LYS A NZ  1 
ATOM   322  N N   . ILE A 1 62 ? -4.106  -6.601  1.001   1.00 13.19  ? 42  ILE A N   1 
ATOM   323  C CA  . ILE A 1 62 ? -4.720  -5.280  1.222   1.00 12.28  ? 42  ILE A CA  1 
ATOM   324  C C   . ILE A 1 62 ? -3.819  -4.316  1.978   1.00 12.33  ? 42  ILE A C   1 
ATOM   325  O O   . ILE A 1 62 ? -2.931  -4.728  2.713   1.00 12.51  ? 42  ILE A O   1 
ATOM   326  C CB  . ILE A 1 62 ? -6.081  -5.381  1.972   1.00 12.11  ? 42  ILE A CB  1 
ATOM   327  C CG1 . ILE A 1 62 ? -5.922  -6.103  3.319   1.00 12.09  ? 42  ILE A CG1 1 
ATOM   328  C CG2 . ILE A 1 62 ? -7.137  -6.045  1.090   1.00 12.85  ? 42  ILE A CG2 1 
ATOM   329  C CD1 . ILE A 1 62 ? -7.120  -5.945  4.258   1.00 12.44  ? 42  ILE A CD1 1 
ATOM   330  N N   . VAL A 1 63 ? -4.083  -3.028  1.789   1.00 11.79  ? 43  VAL A N   1 
ATOM   331  C CA  . VAL A 1 63 ? -3.393  -1.948  2.470   1.00 11.81  ? 43  VAL A CA  1 
ATOM   332  C C   . VAL A 1 63 ? -4.474  -1.051  3.060   1.00 10.77  ? 43  VAL A C   1 
ATOM   333  O O   . VAL A 1 63 ? -5.518  -0.844  2.429   1.00 10.58  ? 43  VAL A O   1 
ATOM   334  C CB  . VAL A 1 63 ? -2.509  -1.154  1.461   1.00 13.07  ? 43  VAL A CB  1 
ATOM   335  C CG1 . VAL A 1 63 ? -2.044  0.191   2.011   1.00 14.16  ? 43  VAL A CG1 1 
ATOM   336  C CG2 . VAL A 1 63 ? -1.322  -2.002  1.028   1.00 13.09  ? 43  VAL A CG2 1 
ATOM   337  N N   . LEU A 1 64 ? -4.231  -0.536  4.265   1.00 10.06  ? 44  LEU A N   1 
ATOM   338  C CA  . LEU A 1 64 ? -5.128  0.458   4.862   1.00 10.29  ? 44  LEU A CA  1 
ATOM   339  C C   . LEU A 1 64 ? -4.411  1.778   5.014   1.00 10.83  ? 44  LEU A C   1 
ATOM   340  O O   . LEU A 1 64 ? -3.242  1.820   5.398   1.00 10.93  ? 44  LEU A O   1 
ATOM   341  C CB  . LEU A 1 64 ? -5.634  -0.004  6.228   1.00 9.86   ? 44  LEU A CB  1 
ATOM   342  C CG  . LEU A 1 64 ? -6.614  -1.176  6.215   1.00 10.00  ? 44  LEU A CG  1 
ATOM   343  C CD1 . LEU A 1 64 ? -6.739  -1.714  7.630   1.00 11.23  ? 44  LEU A CD1 1 
ATOM   344  C CD2 . LEU A 1 64 ? -7.976  -0.802  5.632   1.00 12.05  ? 44  LEU A CD2 1 
ATOM   345  N N   . GLN A 1 65 ? -5.120  2.855   4.692   1.00 11.95  ? 45  GLN A N   1 
ATOM   346  C CA  . GLN A 1 65 ? -4.606  4.198   4.920   1.00 13.41  ? 45  GLN A CA  1 
ATOM   347  C C   . GLN A 1 65 ? -5.576  4.997   5.780   1.00 14.62  ? 45  GLN A C   1 
ATOM   348  O O   . GLN A 1 65 ? -6.782  4.738   5.781   1.00 14.19  ? 45  GLN A O   1 
ATOM   349  C CB  . GLN A 1 65 ? -4.349  4.920   3.591   1.00 13.44  ? 45  GLN A CB  1 
ATOM   350  C CG  . GLN A 1 65 ? -3.342  4.235   2.673   1.00 14.97  ? 45  GLN A CG  1 
ATOM   351  C CD  . GLN A 1 65 ? -3.056  5.020   1.395   1.00 16.55  ? 45  GLN A CD  1 
ATOM   352  O OE1 . GLN A 1 65 ? -3.651  6.069   1.145   1.00 19.44  ? 45  GLN A OE1 1 
ATOM   353  N NE2 . GLN A 1 65 ? -2.140  4.506   0.587   1.00 18.60  ? 45  GLN A NE2 1 
ATOM   354  N N   . LYS A 1 66 ? -5.034  5.947   6.536   1.00 15.84  ? 46  LYS A N   1 
ATOM   355  C CA  . LYS A 1 66 ? -5.843  6.913   7.264   1.00 17.92  ? 46  LYS A CA  1 
ATOM   356  C C   . LYS A 1 66 ? -5.385  8.289   6.824   1.00 19.06  ? 46  LYS A C   1 
ATOM   357  O O   . LYS A 1 66 ? -4.251  8.684   7.096   1.00 19.29  ? 46  LYS A O   1 
ATOM   358  C CB  . LYS A 1 66 ? -5.696  6.757   8.779   1.00 17.73  ? 46  LYS A CB  1 
ATOM   359  C CG  . LYS A 1 66 ? -6.603  7.714   9.564   1.00 18.73  ? 46  LYS A CG  1 
ATOM   360  C CD  . LYS A 1 66 ? -6.384  7.644   11.061  1.00 19.56  ? 46  LYS A CD  1 
ATOM   361  C CE  . LYS A 1 66 ? -7.277  8.652   11.760  1.00 22.16  ? 46  LYS A CE  1 
ATOM   362  N NZ  . LYS A 1 66 ? -6.992  8.803   13.204  1.00 24.85  ? 46  LYS A NZ  1 
ATOM   363  N N   . GLY A 1 67 ? -6.271  8.993   6.122   1.00 20.78  ? 47  GLY A N   1 
ATOM   364  C CA  . GLY A 1 67 ? -5.969  10.318  5.580   1.00 22.01  ? 47  GLY A CA  1 
ATOM   365  C C   . GLY A 1 67 ? -4.783  10.315  4.631   1.00 22.74  ? 47  GLY A C   1 
ATOM   366  O O   . GLY A 1 67 ? -3.987  11.259  4.621   1.00 23.87  ? 47  GLY A O   1 
ATOM   367  N N   . GLY A 1 68 ? -4.660  9.249   3.844   1.00 22.79  ? 48  GLY A N   1 
ATOM   368  C CA  . GLY A 1 68 ? -3.593  9.130   2.854   1.00 22.43  ? 48  GLY A CA  1 
ATOM   369  C C   . GLY A 1 68 ? -2.305  8.521   3.379   1.00 21.98  ? 48  GLY A C   1 
ATOM   370  O O   . GLY A 1 68 ? -1.395  8.249   2.596   1.00 22.20  ? 48  GLY A O   1 
ATOM   371  N N   . SER A 1 69 ? -2.225  8.312   4.696   1.00 21.27  ? 49  SER A N   1 
ATOM   372  C CA  . SER A 1 69 ? -1.040  7.731   5.331   1.00 20.85  ? 49  SER A CA  1 
ATOM   373  C C   . SER A 1 69 ? -1.245  6.244   5.628   1.00 19.75  ? 49  SER A C   1 
ATOM   374  O O   . SER A 1 69 ? -2.259  5.851   6.203   1.00 19.34  ? 49  SER A O   1 
ATOM   375  C CB  . SER A 1 69 ? -0.678  8.487   6.619   1.00 21.47  ? 49  SER A CB  1 
ATOM   376  O OG  . SER A 1 69 ? -1.632  8.279   7.648   1.00 23.84  ? 49  SER A OG  1 
ATOM   377  N N   . VAL A 1 70 ? -0.264  5.426   5.257   1.00 18.78  ? 50  VAL A N   1 
ATOM   378  C CA  . VAL A 1 70 ? -0.383  3.975   5.383   1.00 18.02  ? 50  VAL A CA  1 
ATOM   379  C C   . VAL A 1 70 ? -0.237  3.533   6.839   1.00 17.16  ? 50  VAL A C   1 
ATOM   380  O O   . VAL A 1 70 ? 0.629   4.021   7.560   1.00 18.06  ? 50  VAL A O   1 
ATOM   381  C CB  . VAL A 1 70 ? 0.641   3.246   4.481   1.00 18.27  ? 50  VAL A CB  1 
ATOM   382  C CG1 . VAL A 1 70 ? 0.588   1.746   4.693   1.00 18.44  ? 50  VAL A CG1 1 
ATOM   383  C CG2 . VAL A 1 70 ? 0.362   3.546   3.028   1.00 19.36  ? 50  VAL A CG2 1 
ATOM   384  N N   . LEU A 1 71 ? -1.098  2.611   7.256   1.00 15.44  ? 51  LEU A N   1 
ATOM   385  C CA  . LEU A 1 71 ? -1.068  2.061   8.609   1.00 14.94  ? 51  LEU A CA  1 
ATOM   386  C C   . LEU A 1 71 ? -0.147  0.861   8.674   1.00 14.99  ? 51  LEU A C   1 
ATOM   387  O O   . LEU A 1 71 ? -0.241  -0.045  7.840   1.00 14.63  ? 51  LEU A O   1 
ATOM   388  C CB  . LEU A 1 71 ? -2.472  1.662   9.065   1.00 14.78  ? 51  LEU A CB  1 
ATOM   389  C CG  . LEU A 1 71 ? -3.563  2.735   9.002   1.00 14.81  ? 51  LEU A CG  1 
ATOM   390  C CD1 . LEU A 1 71 ? -4.833  2.203   9.645   1.00 15.67  ? 51  LEU A CD1 1 
ATOM   391  C CD2 . LEU A 1 71 ? -3.123  4.035   9.674   1.00 15.44  ? 51  LEU A CD2 1 
ATOM   392  N N   . LYS A 1 72 ? 0.743   0.871   9.661   1.00 15.14  ? 52  LYS A N   1 
ATOM   393  C CA  . LYS A 1 72 ? 1.693   -0.213  9.883   1.00 15.55  ? 52  LYS A CA  1 
ATOM   394  C C   . LYS A 1 72 ? 1.092   -1.265  10.803  1.00 15.74  ? 52  LYS A C   1 
ATOM   395  O O   . LYS A 1 72 ? 0.491   -0.929  11.833  1.00 15.17  ? 52  LYS A O   1 
ATOM   396  C CB  . LYS A 1 72 ? 2.998   0.333   10.474  1.00 16.03  ? 52  LYS A CB  1 
ATOM   397  C CG  . LYS A 1 72 ? 3.702   1.335   9.577   1.00 17.69  ? 52  LYS A CG  1 
ATOM   398  C CD  . LYS A 1 72 ? 5.025   1.780   10.165  1.00 19.44  ? 52  LYS A CD  1 
ATOM   399  C CE  . LYS A 1 72 ? 5.657   2.861   9.302   1.00 21.20  ? 52  LYS A CE  1 
ATOM   400  N NZ  . LYS A 1 72 ? 6.973   3.309   9.842   1.00 22.19  ? 52  LYS A NZ  1 
ATOM   401  N N   . ASP A 1 73 ? 1.269   -2.530  10.428  1.00 16.30  ? 53  ASP A N   1 
ATOM   402  C CA  . ASP A 1 73 ? 0.640   -3.670  11.105  1.00 17.18  ? 53  ASP A CA  1 
ATOM   403  C C   . ASP A 1 73 ? 0.913   -3.793  12.607  1.00 18.06  ? 53  ASP A C   1 
ATOM   404  O O   . ASP A 1 73 ? 0.042   -4.241  13.350  1.00 18.44  ? 53  ASP A O   1 
ATOM   405  C CB  . ASP A 1 73 ? 1.040   -4.990  10.428  1.00 17.23  ? 53  ASP A CB  1 
ATOM   406  C CG  . ASP A 1 73 ? 0.383   -5.188  9.076   1.00 17.84  ? 53  ASP A CG  1 
ATOM   407  O OD1 . ASP A 1 73 ? -0.509  -4.393  8.694   1.00 17.65  ? 53  ASP A OD1 1 
ATOM   408  O OD2 . ASP A 1 73 ? 0.758   -6.159  8.383   1.00 19.98  ? 53  ASP A OD2 1 
ATOM   409  N N   . HIS A 1 74 ? 2.115   -3.418  13.046  1.00 18.83  ? 54  HIS A N   1 
ATOM   410  C CA  . HIS A 1 74 ? 2.515   -3.633  14.447  1.00 19.81  ? 54  HIS A CA  1 
ATOM   411  C C   . HIS A 1 74 ? 2.096   -2.525  15.419  1.00 19.46  ? 54  HIS A C   1 
ATOM   412  O O   . HIS A 1 74 ? 2.420   -2.583  16.613  1.00 20.18  ? 54  HIS A O   1 
ATOM   413  C CB  . HIS A 1 74 ? 4.024   -3.874  14.559  1.00 20.76  ? 54  HIS A CB  1 
ATOM   414  C CG  . HIS A 1 74 ? 4.389   -4.937  15.552  1.00 24.08  ? 54  HIS A CG  1 
ATOM   415  N ND1 . HIS A 1 74 ? 4.654   -4.665  16.876  1.00 26.28  ? 54  HIS A ND1 1 
ATOM   416  C CD2 . HIS A 1 74 ? 4.514   -6.279  15.412  1.00 26.29  ? 54  HIS A CD2 1 
ATOM   417  C CE1 . HIS A 1 74 ? 4.937   -5.790  17.508  1.00 27.24  ? 54  HIS A CE1 1 
ATOM   418  N NE2 . HIS A 1 74 ? 4.857   -6.785  16.642  1.00 27.38  ? 54  HIS A NE2 1 
ATOM   419  N N   . ILE A 1 75 ? 1.400   -1.513  14.909  1.00 18.32  ? 55  ILE A N   1 
ATOM   420  C CA  . ILE A 1 75 ? 0.933   -0.402  15.735  1.00 17.65  ? 55  ILE A CA  1 
ATOM   421  C C   . ILE A 1 75 ? -0.573  -0.543  15.984  1.00 16.77  ? 55  ILE A C   1 
ATOM   422  O O   . ILE A 1 75 ? -1.307  -1.025  15.126  1.00 16.62  ? 55  ILE A O   1 
ATOM   423  C CB  . ILE A 1 75 ? 1.300   0.968   15.092  1.00 17.62  ? 55  ILE A CB  1 
ATOM   424  C CG1 . ILE A 1 75 ? 2.832   1.112   14.984  1.00 18.37  ? 55  ILE A CG1 1 
ATOM   425  C CG2 . ILE A 1 75 ? 0.666   2.135   15.864  1.00 17.75  ? 55  ILE A CG2 1 
ATOM   426  C CD1 . ILE A 1 75 ? 3.316   2.325   14.219  1.00 18.19  ? 55  ILE A CD1 1 
ATOM   427  N N   . SER A 1 76 ? -1.018  -0.149  17.175  1.00 16.07  ? 56  SER A N   1 
ATOM   428  C CA  . SER A 1 76 ? -2.421  -0.274  17.549  1.00 15.61  ? 56  SER A CA  1 
ATOM   429  C C   . SER A 1 76 ? -3.292  0.740   16.821  1.00 15.19  ? 56  SER A C   1 
ATOM   430  O O   . SER A 1 76 ? -2.836  1.830   16.460  1.00 14.92  ? 56  SER A O   1 
ATOM   431  C CB  . SER A 1 76 ? -2.594  -0.111  19.066  1.00 15.95  ? 56  SER A CB  1 
ATOM   432  O OG  . SER A 1 76 ? -2.408  1.237   19.458  1.00 16.52  ? 56  SER A OG  1 
ATOM   433  N N   . LEU A 1 77 ? -4.555  0.375   16.626  1.00 14.28  ? 57  LEU A N   1 
ATOM   434  C CA  . LEU A 1 77 ? -5.547  1.305   16.105  1.00 14.16  ? 57  LEU A CA  1 
ATOM   435  C C   . LEU A 1 77 ? -5.569  2.599   16.921  1.00 14.39  ? 57  LEU A C   1 
ATOM   436  O O   . LEU A 1 77 ? -5.511  3.687   16.354  1.00 13.53  ? 57  LEU A O   1 
ATOM   437  C CB  . LEU A 1 77 ? -6.929  0.645   16.070  1.00 13.79  ? 57  LEU A CB  1 
ATOM   438  C CG  . LEU A 1 77 ? -7.115  -0.561  15.135  1.00 14.24  ? 57  LEU A CG  1 
ATOM   439  C CD1 . LEU A 1 77 ? -8.493  -1.138  15.327  1.00 14.19  ? 57  LEU A CD1 1 
ATOM   440  C CD2 . LEU A 1 77 ? -6.885  -0.189  13.665  1.00 14.90  ? 57  LEU A CD2 1 
ATOM   441  N N   . GLU A 1 78 ? -5.609  2.487   18.247  1.00 15.22  ? 58  GLU A N   1 
ATOM   442  C CA  . GLU A 1 78 ? -5.714  3.688   19.078  1.00 16.07  ? 58  GLU A CA  1 
ATOM   443  C C   . GLU A 1 78 ? -4.510  4.628   18.949  1.00 16.10  ? 58  GLU A C   1 
ATOM   444  O O   . GLU A 1 78 ? -4.669  5.839   19.015  1.00 16.01  ? 58  GLU A O   1 
ATOM   445  C CB  . GLU A 1 78 ? -6.021  3.350   20.538  1.00 16.66  ? 58  GLU A CB  1 
ATOM   446  C CG  . GLU A 1 78 ? -4.989  2.496   21.226  1.00 17.85  ? 58  GLU A CG  1 
ATOM   447  C CD  . GLU A 1 78 ? -5.451  1.952   22.576  1.00 19.30  ? 58  GLU A CD  1 
ATOM   448  O OE1 . GLU A 1 78 ? -4.634  1.287   23.253  1.00 21.48  ? 58  GLU A OE1 1 
ATOM   449  O OE2 . GLU A 1 78 ? -6.618  2.180   22.966  1.00 21.79  ? 58  GLU A OE2 1 
ATOM   450  N N   . ASP A 1 79 ? -3.321  4.070   18.736  1.00 16.19  ? 59  ASP A N   1 
ATOM   451  C CA  . ASP A 1 79 ? -2.133  4.892   18.523  1.00 16.43  ? 59  ASP A CA  1 
ATOM   452  C C   . ASP A 1 79 ? -2.192  5.667   17.206  1.00 15.96  ? 59  ASP A C   1 
ATOM   453  O O   . ASP A 1 79 ? -1.550  6.709   17.064  1.00 16.60  ? 59  ASP A O   1 
ATOM   454  C CB  . ASP A 1 79 ? -0.852  4.063   18.630  1.00 16.84  ? 59  ASP A CB  1 
ATOM   455  C CG  . ASP A 1 79 ? -0.510  3.697   20.069  1.00 18.92  ? 59  ASP A CG  1 
ATOM   456  O OD1 . ASP A 1 79 ? -1.184  4.183   21.008  1.00 20.64  ? 59  ASP A OD1 1 
ATOM   457  O OD2 . ASP A 1 79 ? 0.437   2.916   20.263  1.00 20.56  ? 59  ASP A OD2 1 
ATOM   458  N N   . TYR A 1 80 ? -2.977  5.167   16.249  1.00 15.21  ? 60  TYR A N   1 
ATOM   459  C CA  . TYR A 1 80 ? -3.250  5.915   15.022  1.00 14.65  ? 60  TYR A CA  1 
ATOM   460  C C   . TYR A 1 80 ? -4.455  6.838   15.170  1.00 15.07  ? 60  TYR A C   1 
ATOM   461  O O   . TYR A 1 80 ? -4.889  7.463   14.194  1.00 15.21  ? 60  TYR A O   1 
ATOM   462  C CB  . TYR A 1 80 ? -3.463  4.966   13.834  1.00 14.04  ? 60  TYR A CB  1 
ATOM   463  C CG  . TYR A 1 80 ? -2.187  4.518   13.153  1.00 13.59  ? 60  TYR A CG  1 
ATOM   464  C CD1 . TYR A 1 80 ? -1.398  5.424   12.430  1.00 13.62  ? 60  TYR A CD1 1 
ATOM   465  C CD2 . TYR A 1 80 ? -1.780  3.190   13.212  1.00 13.65  ? 60  TYR A CD2 1 
ATOM   466  C CE1 . TYR A 1 80 ? -0.233  5.010   11.792  1.00 12.90  ? 60  TYR A CE1 1 
ATOM   467  C CE2 . TYR A 1 80 ? -0.616  2.766   12.582  1.00 13.27  ? 60  TYR A CE2 1 
ATOM   468  C CZ  . TYR A 1 80 ? 0.148   3.677   11.876  1.00 13.45  ? 60  TYR A CZ  1 
ATOM   469  O OH  . TYR A 1 80 ? 1.300   3.247   11.258  1.00 13.34  ? 60  TYR A OH  1 
ATOM   470  N N   . GLU A 1 81 ? -4.958  6.949   16.405  1.00 15.33  ? 61  GLU A N   1 
ATOM   471  C CA  . GLU A 1 81 ? -6.171  7.717   16.720  1.00 15.95  ? 61  GLU A CA  1 
ATOM   472  C C   . GLU A 1 81 ? -7.371  7.229   15.916  1.00 15.64  ? 61  GLU A C   1 
ATOM   473  O O   . GLU A 1 81 ? -8.222  8.014   15.475  1.00 15.97  ? 61  GLU A O   1 
ATOM   474  C CB  . GLU A 1 81 ? -5.945  9.223   16.545  1.00 16.87  ? 61  GLU A CB  1 
ATOM   475  C CG  . GLU A 1 81 ? -4.772  9.745   17.369  1.00 19.81  ? 61  GLU A CG  1 
ATOM   476  C CD  . GLU A 1 81 ? -4.706  11.253  17.423  1.00 23.81  ? 61  GLU A CD  1 
ATOM   477  O OE1 . GLU A 1 81 ? -4.367  11.780  18.503  1.00 25.59  ? 61  GLU A OE1 1 
ATOM   478  O OE2 . GLU A 1 81 ? -4.989  11.913  16.397  1.00 24.78  ? 61  GLU A OE2 1 
ATOM   479  N N   . VAL A 1 82 ? -7.419  5.913   15.734  1.00 14.58  ? 62  VAL A N   1 
ATOM   480  C CA  . VAL A 1 82 ? -8.570  5.268   15.128  1.00 13.95  ? 62  VAL A CA  1 
ATOM   481  C C   . VAL A 1 82 ? -9.566  5.011   16.244  1.00 13.93  ? 62  VAL A C   1 
ATOM   482  O O   . VAL A 1 82 ? -9.278  4.271   17.187  1.00 14.65  ? 62  VAL A O   1 
ATOM   483  C CB  . VAL A 1 82 ? -8.177  3.964   14.401  1.00 13.67  ? 62  VAL A CB  1 
ATOM   484  C CG1 . VAL A 1 82 ? -9.419  3.228   13.902  1.00 13.36  ? 62  VAL A CG1 1 
ATOM   485  C CG2 . VAL A 1 82 ? -7.238  4.274   13.231  1.00 13.80  ? 62  VAL A CG2 1 
ATOM   486  N N   . HIS A 1 83 ? -10.722 5.658   16.129  1.00 13.97  ? 63  HIS A N   1 
ATOM   487  C CA  . HIS A 1 83 ? -11.770 5.631   17.135  1.00 14.01  ? 63  HIS A CA  1 
ATOM   488  C C   . HIS A 1 83 ? -13.044 5.065   16.534  1.00 13.41  ? 63  HIS A C   1 
ATOM   489  O O   . HIS A 1 83 ? -13.092 4.733   15.348  1.00 12.64  ? 63  HIS A O   1 
ATOM   490  C CB  . HIS A 1 83 ? -12.082 7.052   17.627  1.00 14.94  ? 63  HIS A CB  1 
ATOM   491  C CG  . HIS A 1 83 ? -10.887 7.849   18.047  1.00 16.09  ? 63  HIS A CG  1 
ATOM   492  N ND1 . HIS A 1 83 ? -9.925  7.363   18.908  1.00 18.00  ? 63  HIS A ND1 1 
ATOM   493  C CD2 . HIS A 1 83 ? -10.527 9.121   17.761  1.00 17.43  ? 63  HIS A CD2 1 
ATOM   494  C CE1 . HIS A 1 83 ? -9.006  8.292   19.107  1.00 18.40  ? 63  HIS A CE1 1 
ATOM   495  N NE2 . HIS A 1 83 ? -9.350  9.370   18.425  1.00 18.57  ? 63  HIS A NE2 1 
ATOM   496  N N   . ASP A 1 84 ? -14.094 4.997   17.350  1.00 13.43  ? 64  ASP A N   1 
ATOM   497  C CA  . ASP A 1 84 ? -15.404 4.630   16.866  1.00 13.32  ? 64  ASP A CA  1 
ATOM   498  C C   . ASP A 1 84 ? -15.811 5.607   15.763  1.00 13.02  ? 64  ASP A C   1 
ATOM   499  O O   . ASP A 1 84 ? -15.751 6.830   15.944  1.00 13.39  ? 64  ASP A O   1 
ATOM   500  C CB  . ASP A 1 84 ? -16.411 4.652   18.018  1.00 13.78  ? 64  ASP A CB  1 
ATOM   501  C CG  . ASP A 1 84 ? -17.776 4.153   17.611  1.00 15.15  ? 64  ASP A CG  1 
ATOM   502  O OD1 . ASP A 1 84 ? -17.869 3.070   16.992  1.00 16.14  ? 64  ASP A OD1 1 
ATOM   503  O OD2 . ASP A 1 84 ? -18.765 4.847   17.920  1.00 17.71  ? 64  ASP A OD2 1 
ATOM   504  N N   . GLN A 1 85 ? -16.193 5.049   14.617  1.00 12.82  ? 65  GLN A N   1 
ATOM   505  C CA  . GLN A 1 85 ? -16.646 5.797   13.437  1.00 12.32  ? 65  GLN A CA  1 
ATOM   506  C C   . GLN A 1 85 ? -15.530 6.442   12.616  1.00 11.75  ? 65  GLN A C   1 
ATOM   507  O O   . GLN A 1 85 ? -15.805 7.139   11.637  1.00 11.42  ? 65  GLN A O   1 
ATOM   508  C CB  . GLN A 1 85 ? -17.760 6.815   13.771  1.00 13.14  ? 65  GLN A CB  1 
ATOM   509  C CG  . GLN A 1 85 ? -18.990 6.198   14.459  1.00 14.89  ? 65  GLN A CG  1 
ATOM   510  C CD  . GLN A 1 85 ? -19.549 5.003   13.696  1.00 16.75  ? 65  GLN A CD  1 
ATOM   511  O OE1 . GLN A 1 85 ? -19.996 5.135   12.561  1.00 18.59  ? 65  GLN A OE1 1 
ATOM   512  N NE2 . GLN A 1 85 ? -19.507 3.823   14.321  1.00 18.24  ? 65  GLN A NE2 1 
ATOM   513  N N   . THR A 1 86 ? -14.275 6.202   12.992  1.00 10.95  ? 66  THR A N   1 
ATOM   514  C CA  . THR A 1 86 ? -13.152 6.640   12.158  1.00 11.05  ? 66  THR A CA  1 
ATOM   515  C C   . THR A 1 86 ? -13.208 5.945   10.795  1.00 10.55  ? 66  THR A C   1 
ATOM   516  O O   . THR A 1 86 ? -13.511 4.752   10.713  1.00 10.08  ? 66  THR A O   1 
ATOM   517  C CB  . THR A 1 86 ? -11.796 6.353   12.840  1.00 11.64  ? 66  THR A CB  1 
ATOM   518  O OG1 . THR A 1 86 ? -11.685 7.157   14.022  1.00 12.71  ? 66  THR A OG1 1 
ATOM   519  C CG2 . THR A 1 86 ? -10.611 6.641   11.916  1.00 11.89  ? 66  THR A CG2 1 
ATOM   520  N N   . ASN A 1 87 ? -12.924 6.713   9.747   1.00 10.32  ? 67  ASN A N   1 
ATOM   521  C CA  . ASN A 1 87 ? -12.858 6.211   8.386   1.00 10.67  ? 67  ASN A CA  1 
ATOM   522  C C   . ASN A 1 87 ? -11.438 5.898   7.963   1.00 10.68  ? 67  ASN A C   1 
ATOM   523  O O   . ASN A 1 87 ? -10.523 6.708   8.154   1.00 11.76  ? 67  ASN A O   1 
ATOM   524  C CB  . ASN A 1 87 ? -13.441 7.255   7.435   1.00 10.68  ? 67  ASN A CB  1 
ATOM   525  C CG  . ASN A 1 87 ? -14.939 7.320   7.507   1.00 11.18  ? 67  ASN A CG  1 
ATOM   526  O OD1 . ASN A 1 87 ? -15.630 6.567   6.842   1.00 13.14  ? 67  ASN A OD1 1 
ATOM   527  N ND2 . ASN A 1 87 ? -15.458 8.240   8.318   1.00 13.45  ? 67  ASN A ND2 1 
ATOM   528  N N   . LEU A 1 88 ? -11.266 4.710   7.396   1.00 10.33  ? 68  LEU A N   1 
ATOM   529  C CA  . LEU A 1 88 ? -10.019 4.302   6.770   1.00 9.94   ? 68  LEU A CA  1 
ATOM   530  C C   . LEU A 1 88 ? -10.263 4.028   5.304   1.00 9.50   ? 68  LEU A C   1 
ATOM   531  O O   . LEU A 1 88 ? -11.389 3.749   4.895   1.00 9.81   ? 68  LEU A O   1 
ATOM   532  C CB  . LEU A 1 88 ? -9.480  3.020   7.408   1.00 10.29  ? 68  LEU A CB  1 
ATOM   533  C CG  . LEU A 1 88 ? -9.257  3.015   8.915   1.00 10.23  ? 68  LEU A CG  1 
ATOM   534  C CD1 . LEU A 1 88 ? -8.771  1.654   9.365   1.00 11.63  ? 68  LEU A CD1 1 
ATOM   535  C CD2 . LEU A 1 88 ? -8.292  4.124   9.330   1.00 12.11  ? 68  LEU A CD2 1 
ATOM   536  N N   . GLU A 1 89 ? -9.191  4.078   4.521   1.00 10.01  ? 69  GLU A N   1 
ATOM   537  C CA  . GLU A 1 89 ? -9.272  3.787   3.103   1.00 10.43  ? 69  GLU A CA  1 
ATOM   538  C C   . GLU A 1 89 ? -8.593  2.453   2.799   1.00 9.99   ? 69  GLU A C   1 
ATOM   539  O O   . GLU A 1 89 ? -7.464  2.210   3.236   1.00 10.20  ? 69  GLU A O   1 
ATOM   540  C CB  . GLU A 1 89 ? -8.659  4.932   2.287   1.00 11.33  ? 69  GLU A CB  1 
ATOM   541  C CG  . GLU A 1 89 ? -9.533  6.211   2.230   1.00 14.13  ? 69  GLU A CG  1 
ATOM   542  C CD  . GLU A 1 89 ? -9.774  6.894   3.583   1.00 18.32  ? 69  GLU A CD  1 
ATOM   543  O OE1 . GLU A 1 89 ? -10.956 7.054   3.989   1.00 20.97  ? 69  GLU A OE1 1 
ATOM   544  O OE2 . GLU A 1 89 ? -8.783  7.278   4.236   1.00 18.92  ? 69  GLU A OE2 1 
ATOM   545  N N   . LEU A 1 90 ? -9.299  1.602   2.055   1.00 9.57   ? 70  LEU A N   1 
ATOM   546  C CA  . LEU A 1 90 ? -8.835  0.266   1.701   1.00 9.89   ? 70  LEU A CA  1 
ATOM   547  C C   . LEU A 1 90 ? -8.368  0.220   0.258   1.00 9.78   ? 70  LEU A C   1 
ATOM   548  O O   . LEU A 1 90 ? -9.078  0.669   -0.638  1.00 10.51  ? 70  LEU A O   1 
ATOM   549  C CB  . LEU A 1 90 ? -9.978  -0.737  1.875   1.00 9.89   ? 70  LEU A CB  1 
ATOM   550  C CG  . LEU A 1 90 ? -9.741  -2.189  1.438   1.00 9.92   ? 70  LEU A CG  1 
ATOM   551  C CD1 . LEU A 1 90 ? -8.653  -2.817  2.288   1.00 10.91  ? 70  LEU A CD1 1 
ATOM   552  C CD2 . LEU A 1 90 ? -11.021 -2.992  1.497   1.00 10.63  ? 70  LEU A CD2 1 
ATOM   553  N N   . TYR A 1 91 ? -7.190  -0.361  0.047   1.00 10.15  ? 71  TYR A N   1 
ATOM   554  C CA  . TYR A 1 91 ? -6.665  -0.598  -1.289  1.00 11.54  ? 71  TYR A CA  1 
ATOM   555  C C   . TYR A 1 91 ? -6.245  -2.046  -1.415  1.00 11.63  ? 71  TYR A C   1 
ATOM   556  O O   . TYR A 1 91 ? -5.743  -2.629  -0.459  1.00 11.86  ? 71  TYR A O   1 
ATOM   557  C CB  . TYR A 1 91 ? -5.453  0.287   -1.558  1.00 12.89  ? 71  TYR A CB  1 
ATOM   558  C CG  . TYR A 1 91 ? -5.765  1.753   -1.545  1.00 13.76  ? 71  TYR A CG  1 
ATOM   559  C CD1 . TYR A 1 91 ? -5.696  2.489   -0.364  1.00 14.96  ? 71  TYR A CD1 1 
ATOM   560  C CD2 . TYR A 1 91 ? -6.114  2.413   -2.721  1.00 14.82  ? 71  TYR A CD2 1 
ATOM   561  C CE1 . TYR A 1 91 ? -5.987  3.844   -0.348  1.00 15.85  ? 71  TYR A CE1 1 
ATOM   562  C CE2 . TYR A 1 91 ? -6.404  3.767   -2.712  1.00 16.20  ? 71  TYR A CE2 1 
ATOM   563  C CZ  . TYR A 1 91 ? -6.340  4.471   -1.524  1.00 15.74  ? 71  TYR A CZ  1 
ATOM   564  O OH  . TYR A 1 91 ? -6.621  5.819   -1.510  1.00 16.50  ? 71  TYR A OH  1 
ATOM   565  N N   . TYR A 1 92 ? -6.443  -2.608  -2.605  1.00 12.30  ? 72  TYR A N   1 
ATOM   566  C CA  . TYR A 1 92 ? -5.995  -3.966  -2.903  1.00 12.87  ? 72  TYR A CA  1 
ATOM   567  C C   . TYR A 1 92 ? -4.700  -3.927  -3.693  1.00 13.21  ? 72  TYR A C   1 
ATOM   568  O O   . TYR A 1 92 ? -4.563  -3.158  -4.647  1.00 13.75  ? 72  TYR A O   1 
ATOM   569  C CB  . TYR A 1 92 ? -7.047  -4.735  -3.712  1.00 13.68  ? 72  TYR A CB  1 
ATOM   570  C CG  . TYR A 1 92 ? -8.304  -5.064  -2.947  1.00 14.44  ? 72  TYR A CG  1 
ATOM   571  C CD1 . TYR A 1 92 ? -9.329  -4.127  -2.819  1.00 14.83  ? 72  TYR A CD1 1 
ATOM   572  C CD2 . TYR A 1 92 ? -8.469  -6.313  -2.346  1.00 14.41  ? 72  TYR A CD2 1 
ATOM   573  C CE1 . TYR A 1 92 ? -10.487 -4.421  -2.112  1.00 15.35  ? 72  TYR A CE1 1 
ATOM   574  C CE2 . TYR A 1 92 ? -9.627  -6.620  -1.633  1.00 15.01  ? 72  TYR A CE2 1 
ATOM   575  C CZ  . TYR A 1 92 ? -10.632 -5.672  -1.525  1.00 14.88  ? 72  TYR A CZ  1 
ATOM   576  O OH  . TYR A 1 92 ? -11.774 -5.984  -0.822  1.00 15.83  ? 72  TYR A OH  1 
ATOM   577  N N   . LEU A 1 93 ? -3.749  -4.763  -3.295  1.00 13.84  ? 73  LEU A N   1 
ATOM   578  C CA  . LEU A 1 93 ? -2.519  -4.920  -4.070  1.00 14.35  ? 73  LEU A CA  1 
ATOM   579  C C   . LEU A 1 93 ? -2.820  -5.450  -5.461  1.00 15.09  ? 73  LEU A C   1 
ATOM   580  O O   . LEU A 1 93 ? -2.052  -5.201  -6.387  1.00 15.60  ? 73  LEU A O   1 
ATOM   581  C CB  . LEU A 1 93 ? -1.552  -5.870  -3.368  1.00 14.60  ? 73  LEU A CB  1 
ATOM   582  C CG  . LEU A 1 93 ? -0.597  -5.244  -2.356  1.00 15.14  ? 73  LEU A CG  1 
ATOM   583  C CD1 . LEU A 1 93 ? -1.339  -4.830  -1.110  1.00 15.98  ? 73  LEU A CD1 1 
ATOM   584  C CD2 . LEU A 1 93 ? 0.505   -6.233  -2.016  1.00 15.74  ? 73  LEU A CD2 1 
ATOM   585  O OXT . LEU A 1 93 ? -3.827  -6.130  -5.669  1.00 15.31  ? 73  LEU A OXT 1 
ATOM   586  N N   . HIS B 1 20 ? 15.809  4.509   3.749   1.00 21.44  ? 0   HIS B N   1 
ATOM   587  C CA  . HIS B 1 20 ? 16.966  4.974   2.924   1.00 20.60  ? 0   HIS B CA  1 
ATOM   588  C C   . HIS B 1 20 ? 16.767  4.698   1.432   1.00 19.33  ? 0   HIS B C   1 
ATOM   589  O O   . HIS B 1 20 ? 15.844  3.984   1.032   1.00 19.28  ? 0   HIS B O   1 
ATOM   590  C CB  . HIS B 1 20 ? 18.278  4.349   3.412   1.00 21.64  ? 0   HIS B CB  1 
ATOM   591  C CG  . HIS B 1 20 ? 18.633  4.710   4.822   1.00 23.42  ? 0   HIS B CG  1 
ATOM   592  N ND1 . HIS B 1 20 ? 18.587  6.005   5.294   1.00 24.90  ? 0   HIS B ND1 1 
ATOM   593  C CD2 . HIS B 1 20 ? 19.049  3.947   5.861   1.00 24.78  ? 0   HIS B CD2 1 
ATOM   594  C CE1 . HIS B 1 20 ? 18.949  6.023   6.565   1.00 25.53  ? 0   HIS B CE1 1 
ATOM   595  N NE2 . HIS B 1 20 ? 19.239  4.787   6.931   1.00 25.32  ? 0   HIS B NE2 1 
ATOM   596  N N   . MET B 1 21 ? 17.639  5.277   0.613   1.00 17.59  ? 1   MET B N   1 
ATOM   597  C CA  . MET B 1 21 ? 17.524  5.168   -0.836  1.00 15.88  ? 1   MET B CA  1 
ATOM   598  C C   . MET B 1 21 ? 17.669  3.725   -1.300  1.00 14.64  ? 1   MET B C   1 
ATOM   599  O O   . MET B 1 21 ? 18.551  2.997   -0.831  1.00 15.09  ? 1   MET B O   1 
ATOM   600  C CB  . MET B 1 21 ? 18.579  6.031   -1.524  1.00 15.78  ? 1   MET B CB  1 
ATOM   601  C CG  . MET B 1 21 ? 18.432  6.059   -3.028  1.00 15.97  ? 1   MET B CG  1 
ATOM   602  S SD  . MET B 1 21 ? 19.760  6.991   -3.786  1.00 16.74  ? 1   MET B SD  1 
ATOM   603  C CE  . MET B 1 21 ? 21.103  5.801   -3.759  1.00 18.72  ? 1   MET B CE  1 
ATOM   604  N N   . ILE B 1 22 ? 16.794  3.326   -2.219  1.00 12.69  ? 2   ILE B N   1 
ATOM   605  C CA  . ILE B 1 22 ? 16.890  2.040   -2.913  1.00 12.12  ? 2   ILE B CA  1 
ATOM   606  C C   . ILE B 1 22 ? 16.995  2.293   -4.416  1.00 11.11  ? 2   ILE B C   1 
ATOM   607  O O   . ILE B 1 22 ? 16.630  3.366   -4.908  1.00 10.53  ? 2   ILE B O   1 
ATOM   608  C CB  . ILE B 1 22 ? 15.688  1.093   -2.596  1.00 12.47  ? 2   ILE B CB  1 
ATOM   609  C CG1 . ILE B 1 22 ? 14.354  1.660   -3.112  1.00 12.40  ? 2   ILE B CG1 1 
ATOM   610  C CG2 . ILE B 1 22 ? 15.641  0.768   -1.094  1.00 12.54  ? 2   ILE B CG2 1 
ATOM   611  C CD1 . ILE B 1 22 ? 13.190  0.686   -3.031  1.00 12.79  ? 2   ILE B CD1 1 
ATOM   612  N N   . GLU B 1 23 ? 17.492  1.299   -5.143  1.00 11.10  ? 3   GLU B N   1 
ATOM   613  C CA  . GLU B 1 23 ? 17.588  1.393   -6.585  1.00 11.33  ? 3   GLU B CA  1 
ATOM   614  C C   . GLU B 1 23 ? 16.850  0.221   -7.213  1.00 10.31  ? 3   GLU B C   1 
ATOM   615  O O   . GLU B 1 23 ? 17.197  -0.940  -6.993  1.00 10.98  ? 3   GLU B O   1 
ATOM   616  C CB  . GLU B 1 23 ? 19.044  1.414   -7.021  1.00 11.87  ? 3   GLU B CB  1 
ATOM   617  C CG  . GLU B 1 23 ? 19.252  1.653   -8.493  1.00 14.33  ? 3   GLU B CG  1 
ATOM   618  C CD  . GLU B 1 23 ? 20.713  1.668   -8.828  1.00 17.50  ? 3   GLU B CD  1 
ATOM   619  O OE1 . GLU B 1 23 ? 21.254  2.774   -9.027  1.00 19.16  ? 3   GLU B OE1 1 
ATOM   620  O OE2 . GLU B 1 23 ? 21.320  0.575   -8.847  1.00 18.65  ? 3   GLU B OE2 1 
ATOM   621  N N   . VAL B 1 24 ? 15.820  0.539   -7.981  1.00 9.52   ? 4   VAL B N   1 
ATOM   622  C CA  . VAL B 1 24 ? 14.951  -0.459  -8.579  1.00 9.23   ? 4   VAL B CA  1 
ATOM   623  C C   . VAL B 1 24 ? 15.359  -0.666  -10.030 1.00 9.19   ? 4   VAL B C   1 
ATOM   624  O O   . VAL B 1 24 ? 15.623  0.309   -10.753 1.00 9.29   ? 4   VAL B O   1 
ATOM   625  C CB  . VAL B 1 24 ? 13.467  -0.012  -8.472  1.00 9.03   ? 4   VAL B CB  1 
ATOM   626  C CG1 . VAL B 1 24 ? 12.553  -1.018  -9.137  1.00 10.19  ? 4   VAL B CG1 1 
ATOM   627  C CG2 . VAL B 1 24 ? 13.077  0.156   -7.011  1.00 10.34  ? 4   VAL B CG2 1 
ATOM   628  N N   . VAL B 1 25 ? 15.406  -1.929  -10.449 1.00 9.42   ? 5   VAL B N   1 
ATOM   629  C CA  . VAL B 1 25 ? 15.834  -2.264  -11.796 1.00 9.39   ? 5   VAL B CA  1 
ATOM   630  C C   . VAL B 1 25 ? 14.601  -2.519  -12.651 1.00 9.28   ? 5   VAL B C   1 
ATOM   631  O O   . VAL B 1 25 ? 13.788  -3.383  -12.341 1.00 9.53   ? 5   VAL B O   1 
ATOM   632  C CB  . VAL B 1 25 ? 16.796  -3.475  -11.813 1.00 9.86   ? 5   VAL B CB  1 
ATOM   633  C CG1 . VAL B 1 25 ? 17.280  -3.746  -13.227 1.00 11.14  ? 5   VAL B CG1 1 
ATOM   634  C CG2 . VAL B 1 25 ? 17.981  -3.235  -10.867 1.00 10.21  ? 5   VAL B CG2 1 
ATOM   635  N N   . VAL B 1 26 ? 14.438  -1.716  -13.697 1.00 9.41   ? 6   VAL B N   1 
ATOM   636  C CA  . VAL B 1 26 ? 13.270  -1.798  -14.546 1.00 9.48   ? 6   VAL B CA  1 
ATOM   637  C C   . VAL B 1 26 ? 13.692  -2.388  -15.887 1.00 10.08  ? 6   VAL B C   1 
ATOM   638  O O   . VAL B 1 26 ? 14.612  -1.887  -16.545 1.00 10.84  ? 6   VAL B O   1 
ATOM   639  C CB  . VAL B 1 26 ? 12.602  -0.413  -14.704 1.00 9.13   ? 6   VAL B CB  1 
ATOM   640  C CG1 . VAL B 1 26 ? 11.380  -0.484  -15.613 1.00 9.44   ? 6   VAL B CG1 1 
ATOM   641  C CG2 . VAL B 1 26 ? 12.206  0.143   -13.342 1.00 9.58   ? 6   VAL B CG2 1 
ATOM   642  N N   . ASN B 1 27 ? 13.013  -3.469  -16.266 1.00 11.01  ? 7   ASN B N   1 
ATOM   643  C CA  . ASN B 1 27 ? 13.395  -4.296  -17.395 1.00 12.00  ? 7   ASN B CA  1 
ATOM   644  C C   . ASN B 1 27 ? 12.357  -4.198  -18.514 1.00 12.01  ? 7   ASN B C   1 
ATOM   645  O O   . ASN B 1 27 ? 11.192  -4.527  -18.294 1.00 12.47  ? 7   ASN B O   1 
ATOM   646  C CB  . ASN B 1 27 ? 13.510  -5.759  -16.931 1.00 12.12  ? 7   ASN B CB  1 
ATOM   647  C CG  . ASN B 1 27 ? 14.515  -5.958  -15.789 1.00 13.30  ? 7   ASN B CG  1 
ATOM   648  O OD1 . ASN B 1 27 ? 15.679  -6.252  -16.030 1.00 16.29  ? 7   ASN B OD1 1 
ATOM   649  N ND2 . ASN B 1 27 ? 14.060  -5.806  -14.546 1.00 14.19  ? 7   ASN B ND2 1 
ATOM   650  N N   . ASP B 1 28 ? 12.759  -3.748  -19.702 1.00 12.67  ? 8   ASP B N   1 
ATOM   651  C CA  . ASP B 1 28 ? 11.787  -3.572  -20.782 1.00 13.92  ? 8   ASP B CA  1 
ATOM   652  C C   . ASP B 1 28 ? 11.682  -4.797  -21.698 1.00 14.10  ? 8   ASP B C   1 
ATOM   653  O O   . ASP B 1 28 ? 12.366  -5.800  -21.497 1.00 13.45  ? 8   ASP B O   1 
ATOM   654  C CB  . ASP B 1 28 ? 12.029  -2.267  -21.565 1.00 14.45  ? 8   ASP B CB  1 
ATOM   655  C CG  . ASP B 1 28 ? 13.285  -2.303  -22.429 1.00 16.11  ? 8   ASP B CG  1 
ATOM   656  O OD1 . ASP B 1 28 ? 13.733  -1.214  -22.852 1.00 18.56  ? 8   ASP B OD1 1 
ATOM   657  O OD2 . ASP B 1 28 ? 13.817  -3.400  -22.721 1.00 16.10  ? 8   ASP B OD2 1 
ATOM   658  N N   . ARG B 1 29 ? 10.805  -4.708  -22.690 1.00 14.38  ? 9   ARG B N   1 
ATOM   659  C CA  . ARG B 1 29 ? 10.521  -5.837  -23.574 1.00 15.57  ? 9   ARG B CA  1 
ATOM   660  C C   . ARG B 1 29 ? 11.610  -6.096  -24.619 1.00 15.47  ? 9   ARG B C   1 
ATOM   661  O O   . ARG B 1 29 ? 11.437  -6.966  -25.479 1.00 15.22  ? 9   ARG B O   1 
ATOM   662  C CB  . ARG B 1 29 ? 9.140   -5.686  -24.229 1.00 16.41  ? 9   ARG B CB  1 
ATOM   663  C CG  . ARG B 1 29 ? 7.944   -5.595  -23.254 1.00 19.38  ? 9   ARG B CG  1 
ATOM   664  C CD  . ARG B 1 29 ? 8.044   -6.521  -22.055 1.00 22.86  ? 9   ARG B CD  1 
ATOM   665  N NE  . ARG B 1 29 ? 7.859   -7.930  -22.394 1.00 26.21  ? 9   ARG B NE  1 
ATOM   666  C CZ  . ARG B 1 29 ? 8.211   -8.951  -21.614 1.00 26.93  ? 9   ARG B CZ  1 
ATOM   667  N NH1 . ARG B 1 29 ? 8.790   -8.745  -20.439 1.00 27.73  ? 9   ARG B NH1 1 
ATOM   668  N NH2 . ARG B 1 29 ? 7.989   -10.192 -22.020 1.00 28.22  ? 9   ARG B NH2 1 
ATOM   669  N N   . LEU B 1 30 ? 12.718  -5.355  -24.530 1.00 15.87  ? 10  LEU B N   1 
ATOM   670  C CA  . LEU B 1 30 ? 13.930  -5.589  -25.346 1.00 15.95  ? 10  LEU B CA  1 
ATOM   671  C C   . LEU B 1 30 ? 15.125  -6.028  -24.491 1.00 15.69  ? 10  LEU B C   1 
ATOM   672  O O   . LEU B 1 30 ? 16.262  -6.111  -24.969 1.00 15.21  ? 10  LEU B O   1 
ATOM   673  C CB  . LEU B 1 30 ? 14.296  -4.343  -26.161 1.00 16.76  ? 10  LEU B CB  1 
ATOM   674  C CG  . LEU B 1 30 ? 13.308  -3.934  -27.257 1.00 18.60  ? 10  LEU B CG  1 
ATOM   675  C CD1 . LEU B 1 30 ? 13.447  -2.456  -27.606 1.00 21.05  ? 10  LEU B CD1 1 
ATOM   676  C CD2 . LEU B 1 30 ? 13.463  -4.795  -28.503 1.00 20.02  ? 10  LEU B CD2 1 
ATOM   677  N N   . GLY B 1 31 ? 14.871  -6.296  -23.216 1.00 15.58  ? 11  GLY B N   1 
ATOM   678  C CA  . GLY B 1 31 ? 15.913  -6.800  -22.332 1.00 16.07  ? 11  GLY B CA  1 
ATOM   679  C C   . GLY B 1 31 ? 16.855  -5.726  -21.827 1.00 16.61  ? 11  GLY B C   1 
ATOM   680  O O   . GLY B 1 31 ? 17.942  -6.025  -21.340 1.00 17.45  ? 11  GLY B O   1 
ATOM   681  N N   . LYS B 1 32 ? 16.430  -4.475  -21.920 1.00 16.53  ? 12  LYS B N   1 
ATOM   682  C CA  . LYS B 1 32 ? 17.244  -3.380  -21.424 1.00 16.27  ? 12  LYS B CA  1 
ATOM   683  C C   . LYS B 1 32 ? 16.857  -3.027  -19.991 1.00 16.02  ? 12  LYS B C   1 
ATOM   684  O O   . LYS B 1 32 ? 15.670  -3.038  -19.635 1.00 15.92  ? 12  LYS B O   1 
ATOM   685  C CB  . LYS B 1 32 ? 17.101  -2.169  -22.331 1.00 16.64  ? 12  LYS B CB  1 
ATOM   686  C CG  . LYS B 1 32 ? 17.684  -2.370  -23.723 1.00 17.77  ? 12  LYS B CG  1 
ATOM   687  N NZ  . LYS B 1 32 ? 19.023  1.085   -20.480 1.00 35.45  ? 12  LYS B NZ  1 
ATOM   688  N N   . LYS B 1 33 ? 17.872  -2.743  -19.178 1.00 15.96  ? 13  LYS B N   1 
ATOM   689  C CA  . LYS B 1 33 ? 17.685  -2.395  -17.775 1.00 15.92  ? 13  LYS B CA  1 
ATOM   690  C C   . LYS B 1 33 ? 17.892  -0.900  -17.556 1.00 15.52  ? 13  LYS B C   1 
ATOM   691  O O   . LYS B 1 33 ? 18.846  -0.304  -18.071 1.00 16.21  ? 13  LYS B O   1 
ATOM   692  C CB  . LYS B 1 33 ? 18.649  -3.178  -16.874 1.00 16.08  ? 13  LYS B CB  1 
ATOM   693  C CG  . LYS B 1 33 ? 18.312  -4.666  -16.722 1.00 16.68  ? 13  LYS B CG  1 
ATOM   694  C CD  . LYS B 1 33 ? 19.387  -5.436  -15.946 1.00 16.97  ? 13  LYS B CD  1 
ATOM   695  C CE  . LYS B 1 33 ? 19.029  -6.917  -15.749 1.00 18.23  ? 13  LYS B CE  1 
ATOM   696  N NZ  . LYS B 1 33 ? 17.941  -7.108  -14.738 1.00 18.88  ? 13  LYS B NZ  1 
ATOM   697  N N   . VAL B 1 34 ? 16.976  -0.301  -16.801 1.00 14.57  ? 14  VAL B N   1 
ATOM   698  C CA  . VAL B 1 34 ? 17.125  1.075   -16.342 1.00 14.66  ? 14  VAL B CA  1 
ATOM   699  C C   . VAL B 1 34 ? 17.027  1.016   -14.827 1.00 13.76  ? 14  VAL B C   1 
ATOM   700  O O   . VAL B 1 34 ? 16.132  0.361   -14.280 1.00 14.68  ? 14  VAL B O   1 
ATOM   701  C CB  . VAL B 1 34 ? 16.022  2.013   -16.925 1.00 15.09  ? 14  VAL B CB  1 
ATOM   702  C CG1 . VAL B 1 34 ? 16.095  3.414   -16.321 1.00 16.36  ? 14  VAL B CG1 1 
ATOM   703  C CG2 . VAL B 1 34 ? 16.116  2.094   -18.443 1.00 16.43  ? 14  VAL B CG2 1 
ATOM   704  N N   . ARG B 1 35 ? 17.948  1.700   -14.158 1.00 12.89  ? 15  ARG B N   1 
ATOM   705  C CA  . ARG B 1 35 ? 17.984  1.749   -12.703 1.00 12.03  ? 15  ARG B CA  1 
ATOM   706  C C   . ARG B 1 35 ? 17.425  3.069   -12.198 1.00 11.31  ? 15  ARG B C   1 
ATOM   707  O O   . ARG B 1 35 ? 17.859  4.139   -12.629 1.00 11.16  ? 15  ARG B O   1 
ATOM   708  C CB  . ARG B 1 35 ? 19.412  1.542   -12.218 1.00 13.11  ? 15  ARG B CB  1 
ATOM   709  C CG  . ARG B 1 35 ? 19.916  0.160   -12.566 1.00 15.35  ? 15  ARG B CG  1 
ATOM   710  C CD  . ARG B 1 35 ? 21.410  -0.008  -12.383 1.00 19.26  ? 15  ARG B CD  1 
ATOM   711  N NE  . ARG B 1 35 ? 21.769  -1.403  -12.637 1.00 22.09  ? 15  ARG B NE  1 
ATOM   712  C CZ  . ARG B 1 35 ? 21.728  -2.370  -11.723 1.00 24.05  ? 15  ARG B CZ  1 
ATOM   713  N NH1 . ARG B 1 35 ? 21.364  -2.103  -10.473 1.00 24.47  ? 15  ARG B NH1 1 
ATOM   714  N NH2 . ARG B 1 35 ? 22.058  -3.609  -12.058 1.00 25.83  ? 15  ARG B NH2 1 
ATOM   715  N N   . VAL B 1 36 ? 16.436  2.987   -11.314 1.00 10.13  ? 16  VAL B N   1 
ATOM   716  C CA  . VAL B 1 36 ? 15.761  4.163   -10.771 1.00 10.12  ? 16  VAL B CA  1 
ATOM   717  C C   . VAL B 1 36 ? 15.979  4.222   -9.270  1.00 9.52   ? 16  VAL B C   1 
ATOM   718  O O   . VAL B 1 36 ? 15.564  3.330   -8.522  1.00 9.75   ? 16  VAL B O   1 
ATOM   719  C CB  . VAL B 1 36 ? 14.245  4.144   -11.047 1.00 9.90   ? 16  VAL B CB  1 
ATOM   720  C CG1 . VAL B 1 36 ? 13.597  5.428   -10.506 1.00 10.82  ? 16  VAL B CG1 1 
ATOM   721  C CG2 . VAL B 1 36 ? 13.957  3.983   -12.547 1.00 11.61  ? 16  VAL B CG2 1 
ATOM   722  N N   . LYS B 1 37 ? 16.651  5.281   -8.830  1.00 9.11   ? 17  LYS B N   1 
ATOM   723  C CA  . LYS B 1 37 ? 16.836  5.544   -7.414  1.00 9.30   ? 17  LYS B CA  1 
ATOM   724  C C   . LYS B 1 37 ? 15.554  6.127   -6.842  1.00 9.25   ? 17  LYS B C   1 
ATOM   725  O O   . LYS B 1 37 ? 14.944  6.991   -7.452  1.00 9.84   ? 17  LYS B O   1 
ATOM   726  C CB  . LYS B 1 37 ? 18.011  6.489   -7.192  1.00 9.61   ? 17  LYS B CB  1 
ATOM   727  C CG  . LYS B 1 37 ? 19.353  5.909   -7.613  1.00 10.01  ? 17  LYS B CG  1 
ATOM   728  C CD  . LYS B 1 37 ? 20.393  6.997   -7.754  1.00 11.73  ? 17  LYS B CD  1 
ATOM   729  C CE  . LYS B 1 37 ? 21.768  6.437   -8.071  1.00 13.57  ? 17  LYS B CE  1 
ATOM   730  N NZ  . LYS B 1 37 ? 21.823  5.675   -9.357  1.00 14.51  ? 17  LYS B NZ  1 
ATOM   731  N N   . CYS B 1 38 ? 15.140  5.626   -5.685  1.00 9.89   ? 18  CYS B N   1 
ATOM   732  C CA  . CYS B 1 38 ? 13.858  6.001   -5.097  1.00 10.36  ? 18  CYS B CA  1 
ATOM   733  C C   . CYS B 1 38 ? 13.807  5.610   -3.619  1.00 10.70  ? 18  CYS B C   1 
ATOM   734  O O   . CYS B 1 38 ? 14.826  5.231   -3.041  1.00 10.51  ? 18  CYS B O   1 
ATOM   735  C CB  . CYS B 1 38 ? 12.711  5.344   -5.876  1.00 10.52  ? 18  CYS B CB  1 
ATOM   736  S SG  . CYS B 1 38 ? 12.828  3.561   -5.931  1.00 11.94  ? 18  CYS B SG  1 
ATOM   737  N N   . LEU B 1 39 ? 12.624  5.732   -3.022  1.00 11.37  ? 19  LEU B N   1 
ATOM   738  C CA  . LEU B 1 39 ? 12.390  5.347   -1.633  1.00 11.91  ? 19  LEU B CA  1 
ATOM   739  C C   . LEU B 1 39 ? 11.324  4.269   -1.583  1.00 11.96  ? 19  LEU B C   1 
ATOM   740  O O   . LEU B 1 39 ? 10.359  4.319   -2.348  1.00 12.08  ? 19  LEU B O   1 
ATOM   741  C CB  . LEU B 1 39 ? 11.930  6.551   -0.796  1.00 12.53  ? 19  LEU B CB  1 
ATOM   742  C CG  . LEU B 1 39 ? 12.864  7.758   -0.700  1.00 12.98  ? 19  LEU B CG  1 
ATOM   743  C CD1 . LEU B 1 39 ? 12.236  8.835   0.184   1.00 13.93  ? 19  LEU B CD1 1 
ATOM   744  C CD2 . LEU B 1 39 ? 14.246  7.388   -0.165  1.00 13.98  ? 19  LEU B CD2 1 
ATOM   745  N N   . GLY B 1 40 ? 11.484  3.312   -0.670  1.00 12.49  ? 20  GLY B N   1 
ATOM   746  C CA  . GLY B 1 40 ? 10.494  2.254   -0.481  1.00 13.21  ? 20  GLY B CA  1 
ATOM   747  C C   . GLY B 1 40 ? 9.112   2.806   -0.184  1.00 13.60  ? 20  GLY B C   1 
ATOM   748  O O   . GLY B 1 40 ? 8.102   2.213   -0.561  1.00 13.62  ? 20  GLY B O   1 
ATOM   749  N N   . GLU B 1 41 ? 9.074   3.953   0.487   1.00 14.18  ? 21  GLU B N   1 
ATOM   750  C CA  . GLU B 1 41 ? 7.813   4.604   0.853   1.00 14.76  ? 21  GLU B CA  1 
ATOM   751  C C   . GLU B 1 41 ? 7.076   5.243   -0.328  1.00 14.33  ? 21  GLU B C   1 
ATOM   752  O O   . GLU B 1 41 ? 5.899   5.568   -0.196  1.00 14.50  ? 21  GLU B O   1 
ATOM   753  C CB  . GLU B 1 41 ? 8.030   5.645   1.972   1.00 15.39  ? 21  GLU B CB  1 
ATOM   754  C CG  . GLU B 1 41 ? 8.833   6.887   1.552   1.00 17.36  ? 21  GLU B CG  1 
ATOM   755  C CD  . GLU B 1 41 ? 8.965   7.908   2.672   1.00 19.56  ? 21  GLU B CD  1 
ATOM   756  O OE1 . GLU B 1 41 ? 8.444   9.031   2.518   1.00 22.43  ? 21  GLU B OE1 1 
ATOM   757  O OE2 . GLU B 1 41 ? 9.581   7.582   3.712   1.00 23.11  ? 21  GLU B OE2 1 
ATOM   758  N N   . ASP B 1 42 ? 7.760   5.421   -1.468  1.00 13.32  ? 22  ASP B N   1 
ATOM   759  C CA  . ASP B 1 42 ? 7.147   6.041   -2.656  1.00 12.92  ? 22  ASP B CA  1 
ATOM   760  C C   . ASP B 1 42 ? 5.990   5.180   -3.151  1.00 12.66  ? 22  ASP B C   1 
ATOM   761  O O   . ASP B 1 42 ? 6.079   3.950   -3.161  1.00 12.56  ? 22  ASP B O   1 
ATOM   762  C CB  . ASP B 1 42 ? 8.140   6.168   -3.828  1.00 12.87  ? 22  ASP B CB  1 
ATOM   763  C CG  . ASP B 1 42 ? 9.294   7.128   -3.560  1.00 12.98  ? 22  ASP B CG  1 
ATOM   764  O OD1 . ASP B 1 42 ? 9.211   7.982   -2.648  1.00 14.26  ? 22  ASP B OD1 1 
ATOM   765  O OD2 . ASP B 1 42 ? 10.301  7.036   -4.304  1.00 12.15  ? 22  ASP B OD2 1 
ATOM   766  N N   . SER B 1 43 ? 4.916   5.826   -3.589  1.00 12.79  ? 23  SER B N   1 
ATOM   767  C CA  . SER B 1 43 ? 3.839   5.106   -4.248  1.00 12.72  ? 23  SER B CA  1 
ATOM   768  C C   . SER B 1 43 ? 4.314   4.635   -5.620  1.00 12.09  ? 23  SER B C   1 
ATOM   769  O O   . SER B 1 43 ? 5.217   5.222   -6.215  1.00 12.26  ? 23  SER B O   1 
ATOM   770  C CB  . SER B 1 43 ? 2.624   6.010   -4.420  1.00 13.26  ? 23  SER B CB  1 
ATOM   771  O OG  . SER B 1 43 ? 2.899   7.042   -5.352  1.00 13.41  ? 23  SER B OG  1 
ATOM   772  N N   . VAL B 1 44 ? 3.684   3.585   -6.134  1.00 11.93  ? 24  VAL B N   1 
ATOM   773  C CA  . VAL B 1 44 ? 3.961   3.117   -7.486  1.00 11.96  ? 24  VAL B CA  1 
ATOM   774  C C   . VAL B 1 44 ? 3.684   4.225   -8.501  1.00 11.72  ? 24  VAL B C   1 
ATOM   775  O O   . VAL B 1 44 ? 4.430   4.395   -9.465  1.00 11.71  ? 24  VAL B O   1 
ATOM   776  C CB  . VAL B 1 44 ? 3.160   1.826   -7.779  1.00 11.99  ? 24  VAL B CB  1 
ATOM   777  C CG1 . VAL B 1 44 ? 3.105   1.506   -9.261  1.00 12.22  ? 24  VAL B CG1 1 
ATOM   778  C CG2 . VAL B 1 44 ? 3.761   0.668   -7.015  1.00 12.39  ? 24  VAL B CG2 1 
ATOM   779  N N   . GLY B 1 45 ? 2.626   4.999   -8.263  1.00 11.44  ? 25  GLY B N   1 
ATOM   780  C CA  . GLY B 1 45 ? 2.315   6.128   -9.136  1.00 11.42  ? 25  GLY B CA  1 
ATOM   781  C C   . GLY B 1 45 ? 3.443   7.137   -9.221  1.00 11.89  ? 25  GLY B C   1 
ATOM   782  O O   . GLY B 1 45 ? 3.776   7.613   -10.308 1.00 12.07  ? 25  GLY B O   1 
ATOM   783  N N   . ASP B 1 46 ? 4.027   7.469   -8.075  1.00 11.91  ? 26  ASP B N   1 
ATOM   784  C CA  . ASP B 1 46 ? 5.147   8.404   -8.060  1.00 12.24  ? 26  ASP B CA  1 
ATOM   785  C C   . ASP B 1 46 ? 6.414   7.804   -8.681  1.00 11.61  ? 26  ASP B C   1 
ATOM   786  O O   . ASP B 1 46 ? 7.153   8.498   -9.396  1.00 12.14  ? 26  ASP B O   1 
ATOM   787  C CB  . ASP B 1 46 ? 5.411   8.941   -6.653  1.00 12.89  ? 26  ASP B CB  1 
ATOM   788  C CG  . ASP B 1 46 ? 4.411   10.015  -6.241  1.00 15.16  ? 26  ASP B CG  1 
ATOM   789  O OD1 . ASP B 1 46 ? 3.607   10.447  -7.102  1.00 16.98  ? 26  ASP B OD1 1 
ATOM   790  O OD2 . ASP B 1 46 ? 4.446   10.431  -5.067  1.00 17.91  ? 26  ASP B OD2 1 
ATOM   791  N N   . PHE B 1 47 ? 6.648   6.515   -8.438  1.00 10.72  ? 27  PHE B N   1 
ATOM   792  C CA  . PHE B 1 47 ? 7.752   5.818   -9.087  1.00 9.84   ? 27  PHE B CA  1 
ATOM   793  C C   . PHE B 1 47 ? 7.604   5.892   -10.610 1.00 9.96   ? 27  PHE B C   1 
ATOM   794  O O   . PHE B 1 47 ? 8.573   6.159   -11.319 1.00 9.74   ? 27  PHE B O   1 
ATOM   795  C CB  . PHE B 1 47 ? 7.814   4.362   -8.631  1.00 9.76   ? 27  PHE B CB  1 
ATOM   796  C CG  . PHE B 1 47 ? 8.940   3.589   -9.267  1.00 8.76   ? 27  PHE B CG  1 
ATOM   797  C CD1 . PHE B 1 47 ? 10.233  3.700   -8.775  1.00 9.47   ? 27  PHE B CD1 1 
ATOM   798  C CD2 . PHE B 1 47 ? 8.710   2.790   -10.383 1.00 9.63   ? 27  PHE B CD2 1 
ATOM   799  C CE1 . PHE B 1 47 ? 11.280  3.010   -9.358  1.00 9.43   ? 27  PHE B CE1 1 
ATOM   800  C CE2 . PHE B 1 47 ? 9.751   2.080   -10.971 1.00 9.59   ? 27  PHE B CE2 1 
ATOM   801  C CZ  . PHE B 1 47 ? 11.036  2.199   -10.466 1.00 9.64   ? 27  PHE B CZ  1 
ATOM   802  N N   . LYS B 1 48 ? 6.390   5.664   -11.108 1.00 10.41  ? 28  LYS B N   1 
ATOM   803  C CA  . LYS B 1 48 ? 6.133   5.780   -12.540 1.00 11.23  ? 28  LYS B CA  1 
ATOM   804  C C   . LYS B 1 48 ? 6.431   7.177   -13.069 1.00 11.23  ? 28  LYS B C   1 
ATOM   805  O O   . LYS B 1 48 ? 6.933   7.316   -14.179 1.00 11.06  ? 28  LYS B O   1 
ATOM   806  C CB  . LYS B 1 48 ? 4.691   5.409   -12.871 1.00 12.04  ? 28  LYS B CB  1 
ATOM   807  C CG  . LYS B 1 48 ? 4.388   3.923   -12.846 1.00 13.23  ? 28  LYS B CG  1 
ATOM   808  C CD  . LYS B 1 48 ? 2.928   3.724   -13.230 1.00 17.02  ? 28  LYS B CD  1 
ATOM   809  C CE  . LYS B 1 48 ? 2.468   2.293   -13.130 1.00 19.62  ? 28  LYS B CE  1 
ATOM   810  N NZ  . LYS B 1 48 ? 0.990   2.199   -13.337 1.00 19.76  ? 28  LYS B NZ  1 
ATOM   811  N N   . LYS B 1 49 ? 6.128   8.201   -12.271 1.00 11.35  ? 29  LYS B N   1 
ATOM   812  C CA  . LYS B 1 49 ? 6.411   9.577   -12.688 1.00 11.86  ? 29  LYS B CA  1 
ATOM   813  C C   . LYS B 1 49 ? 7.915   9.812   -12.822 1.00 11.39  ? 29  LYS B C   1 
ATOM   814  O O   . LYS B 1 49 ? 8.371   10.419  -13.791 1.00 11.45  ? 29  LYS B O   1 
ATOM   815  C CB  . LYS B 1 49 ? 5.807   10.595  -11.715 1.00 12.32  ? 29  LYS B CB  1 
ATOM   816  C CG  . LYS B 1 49 ? 4.294   10.640  -11.705 1.00 14.30  ? 29  LYS B CG  1 
ATOM   817  C CD  . LYS B 1 49 ? 3.805   11.608  -10.633 1.00 17.61  ? 29  LYS B CD  1 
ATOM   818  C CE  . LYS B 1 49 ? 2.295   11.753  -10.645 1.00 20.96  ? 29  LYS B CE  1 
ATOM   819  N NZ  . LYS B 1 49 ? 1.862   12.837  -9.713  1.00 23.16  ? 29  LYS B NZ  1 
ATOM   820  N N   . VAL B 1 50 ? 8.688   9.334   -11.848 1.00 10.75  ? 30  VAL B N   1 
ATOM   821  C CA  . VAL B 1 50 ? 10.143  9.472   -11.906 1.00 10.88  ? 30  VAL B CA  1 
ATOM   822  C C   . VAL B 1 50 ? 10.727  8.665   -13.066 1.00 10.80  ? 30  VAL B C   1 
ATOM   823  O O   . VAL B 1 50 ? 11.514  9.177   -13.856 1.00 11.22  ? 30  VAL B O   1 
ATOM   824  C CB  . VAL B 1 50 ? 10.815  9.072   -10.570 1.00 10.52  ? 30  VAL B CB  1 
ATOM   825  C CG1 . VAL B 1 50 ? 12.342  9.086   -10.693 1.00 11.67  ? 30  VAL B CG1 1 
ATOM   826  C CG2 . VAL B 1 50 ? 10.354  9.999   -9.431  1.00 11.31  ? 30  VAL B CG2 1 
ATOM   827  N N   . LEU B 1 51 ? 10.342  7.398   -13.161 1.00 10.48  ? 31  LEU B N   1 
ATOM   828  C CA  . LEU B 1 51 ? 10.792  6.545   -14.253 1.00 10.71  ? 31  LEU B CA  1 
ATOM   829  C C   . LEU B 1 51 ? 10.493  7.187   -15.610 1.00 11.30  ? 31  LEU B C   1 
ATOM   830  O O   . LEU B 1 51 ? 11.347  7.198   -16.504 1.00 11.31  ? 31  LEU B O   1 
ATOM   831  C CB  . LEU B 1 51 ? 10.136  5.162   -14.135 1.00 10.43  ? 31  LEU B CB  1 
ATOM   832  C CG  . LEU B 1 51 ? 10.278  4.230   -15.345 1.00 9.83   ? 31  LEU B CG  1 
ATOM   833  C CD1 . LEU B 1 51 ? 11.731  3.781   -15.584 1.00 10.50  ? 31  LEU B CD1 1 
ATOM   834  C CD2 . LEU B 1 51 ? 9.340   3.051   -15.177 1.00 11.03  ? 31  LEU B CD2 1 
ATOM   835  N N   . SER B 1 52 ? 9.283   7.717   -15.754 1.00 11.72  ? 32  SER B N   1 
ATOM   836  C CA  . SER B 1 52 ? 8.859   8.313   -17.026 1.00 12.48  ? 32  SER B CA  1 
ATOM   837  C C   . SER B 1 52 ? 9.727   9.494   -17.442 1.00 13.31  ? 32  SER B C   1 
ATOM   838  O O   . SER B 1 52 ? 10.134  9.578   -18.594 1.00 13.44  ? 32  SER B O   1 
ATOM   839  C CB  . SER B 1 52 ? 7.385   8.707   -16.980 1.00 12.45  ? 32  SER B CB  1 
ATOM   840  O OG  . SER B 1 52 ? 6.555   7.564   -16.896 1.00 13.65  ? 32  SER B OG  1 
ATOM   841  N N   . LEU B 1 53 ? 10.023  10.384  -16.498 1.00 13.57  ? 33  LEU B N   1 
ATOM   842  C CA  . LEU B 1 53 ? 10.925  11.503  -16.783 1.00 14.56  ? 33  LEU B CA  1 
ATOM   843  C C   . LEU B 1 53 ? 12.342  11.023  -17.057 1.00 15.07  ? 33  LEU B C   1 
ATOM   844  O O   . LEU B 1 53 ? 13.027  11.563  -17.919 1.00 15.98  ? 33  LEU B O   1 
ATOM   845  C CB  . LEU B 1 53 ? 10.905  12.545  -15.658 1.00 15.01  ? 33  LEU B CB  1 
ATOM   846  C CG  . LEU B 1 53 ? 9.683   13.472  -15.649 1.00 16.61  ? 33  LEU B CG  1 
ATOM   847  C CD1 . LEU B 1 53 ? 9.655   14.338  -14.396 1.00 18.38  ? 33  LEU B CD1 1 
ATOM   848  C CD2 . LEU B 1 53 ? 9.621   14.352  -16.911 1.00 17.45  ? 33  LEU B CD2 1 
ATOM   849  N N   . GLN B 1 54 ? 12.774  9.987   -16.345 1.00 15.30  ? 34  GLN B N   1 
ATOM   850  C CA  . GLN B 1 54 ? 14.113  9.462   -16.550 1.00 15.74  ? 34  GLN B CA  1 
ATOM   851  C C   . GLN B 1 54 ? 14.323  8.882   -17.958 1.00 16.18  ? 34  GLN B C   1 
ATOM   852  O O   . GLN B 1 54 ? 15.397  9.057   -18.552 1.00 17.21  ? 34  GLN B O   1 
ATOM   853  C CB  . GLN B 1 54 ? 14.440  8.424   -15.470 1.00 15.36  ? 34  GLN B CB  1 
ATOM   854  C CG  . GLN B 1 54 ? 15.877  7.939   -15.501 1.00 15.49  ? 34  GLN B CG  1 
ATOM   855  C CD  . GLN B 1 54 ? 16.246  7.130   -14.278 1.00 14.66  ? 34  GLN B CD  1 
ATOM   856  O OE1 . GLN B 1 54 ? 15.841  7.449   -13.152 1.00 14.54  ? 34  GLN B OE1 1 
ATOM   857  N NE2 . GLN B 1 54 ? 17.032  6.086   -14.486 1.00 16.15  ? 34  GLN B NE2 1 
ATOM   858  N N   . ILE B 1 55 ? 13.300  8.213   -18.495 1.00 16.47  ? 35  ILE B N   1 
ATOM   859  C CA  . ILE B 1 55 ? 13.440  7.502   -19.774 1.00 17.21  ? 35  ILE B CA  1 
ATOM   860  C C   . ILE B 1 55 ? 12.726  8.161   -20.966 1.00 17.88  ? 35  ILE B C   1 
ATOM   861  O O   . ILE B 1 55 ? 12.777  7.643   -22.083 1.00 18.84  ? 35  ILE B O   1 
ATOM   862  C CB  . ILE B 1 55 ? 13.022  5.995   -19.665 1.00 16.83  ? 35  ILE B CB  1 
ATOM   863  C CG1 . ILE B 1 55 ? 11.508  5.856   -19.464 1.00 16.90  ? 35  ILE B CG1 1 
ATOM   864  C CG2 . ILE B 1 55 ? 13.819  5.297   -18.562 1.00 17.03  ? 35  ILE B CG2 1 
ATOM   865  C CD1 . ILE B 1 55 ? 10.990  4.425   -19.526 1.00 17.75  ? 35  ILE B CD1 1 
ATOM   866  N N   . GLY B 1 56 ? 12.058  9.287   -20.723 1.00 17.89  ? 36  GLY B N   1 
ATOM   867  C CA  . GLY B 1 56 ? 11.439  10.061  -21.804 1.00 18.43  ? 36  GLY B CA  1 
ATOM   868  C C   . GLY B 1 56 ? 10.092  9.538   -22.267 1.00 18.63  ? 36  GLY B C   1 
ATOM   869  O O   . GLY B 1 56 ? 9.814   9.483   -23.469 1.00 19.63  ? 36  GLY B O   1 
ATOM   870  N N   . THR B 1 57 ? 9.251   9.151   -21.312 1.00 18.29  ? 37  THR B N   1 
ATOM   871  C CA  . THR B 1 57 ? 7.861   8.793   -21.597 1.00 18.26  ? 37  THR B CA  1 
ATOM   872  C C   . THR B 1 57 ? 6.917   9.495   -20.611 1.00 17.87  ? 37  THR B C   1 
ATOM   873  O O   . THR B 1 57 ? 7.334   10.410  -19.891 1.00 17.63  ? 37  THR B O   1 
ATOM   874  C CB  . THR B 1 57 ? 7.655   7.239   -21.626 1.00 18.35  ? 37  THR B CB  1 
ATOM   875  O OG1 . THR B 1 57 ? 6.328   6.926   -22.066 1.00 19.27  ? 37  THR B OG1 1 
ATOM   876  C CG2 . THR B 1 57 ? 7.886   6.609   -20.263 1.00 18.22  ? 37  THR B CG2 1 
ATOM   877  N N   . GLN B 1 58 ? 5.654   9.077   -20.591 1.00 17.82  ? 38  GLN B N   1 
ATOM   878  C CA  . GLN B 1 58 ? 4.663   9.615   -19.658 1.00 17.80  ? 38  GLN B CA  1 
ATOM   879  C C   . GLN B 1 58 ? 4.028   8.458   -18.894 1.00 17.28  ? 38  GLN B C   1 
ATOM   880  O O   . GLN B 1 58 ? 3.867   7.374   -19.459 1.00 16.41  ? 38  GLN B O   1 
ATOM   881  C CB  . GLN B 1 58 ? 3.584   10.418  -20.394 1.00 18.42  ? 38  GLN B CB  1 
ATOM   882  C CG  . GLN B 1 58 ? 4.102   11.649  -21.137 1.00 20.64  ? 38  GLN B CG  1 
ATOM   883  C CD  . GLN B 1 58 ? 4.659   11.317  -22.508 1.00 23.30  ? 38  GLN B CD  1 
ATOM   884  O OE1 . GLN B 1 58 ? 4.100   10.491  -23.237 1.00 24.48  ? 38  GLN B OE1 1 
ATOM   885  N NE2 . GLN B 1 58 ? 5.771   11.958  -22.868 1.00 24.41  ? 38  GLN B NE2 1 
ATOM   886  N N   . PRO B 1 59 ? 3.681   8.669   -17.606 1.00 17.04  ? 39  PRO B N   1 
ATOM   887  C CA  . PRO B 1 59 ? 3.121   7.568   -16.810 1.00 17.15  ? 39  PRO B CA  1 
ATOM   888  C C   . PRO B 1 59 ? 1.901   6.891   -17.425 1.00 17.22  ? 39  PRO B C   1 
ATOM   889  O O   . PRO B 1 59 ? 1.740   5.684   -17.264 1.00 16.94  ? 39  PRO B O   1 
ATOM   890  C CB  . PRO B 1 59 ? 2.754   8.239   -15.484 1.00 17.26  ? 39  PRO B CB  1 
ATOM   891  C CG  . PRO B 1 59 ? 3.705   9.365   -15.386 1.00 17.93  ? 39  PRO B CG  1 
ATOM   892  C CD  . PRO B 1 59 ? 3.827   9.892   -16.792 1.00 17.18  ? 39  PRO B CD  1 
ATOM   893  N N   . ASN B 1 60 ? 1.053   7.647   -18.125 1.00 17.46  ? 40  ASN B N   1 
ATOM   894  C CA  . ASN B 1 60 ? -0.127  7.055   -18.766 1.00 17.98  ? 40  ASN B CA  1 
ATOM   895  C C   . ASN B 1 60 ? 0.180   6.163   -19.977 1.00 17.87  ? 40  ASN B C   1 
ATOM   896  O O   . ASN B 1 60 ? -0.723  5.558   -20.550 1.00 18.39  ? 40  ASN B O   1 
ATOM   897  C CB  . ASN B 1 60 ? -1.219  8.108   -19.076 1.00 18.36  ? 40  ASN B CB  1 
ATOM   898  C CG  . ASN B 1 60 ? -0.822  9.103   -20.173 1.00 20.08  ? 40  ASN B CG  1 
ATOM   899  O OD1 . ASN B 1 60 ? 0.211   8.978   -20.834 1.00 20.69  ? 40  ASN B OD1 1 
ATOM   900  N ND2 . ASN B 1 60 ? -1.670  10.113  -20.363 1.00 21.42  ? 40  ASN B ND2 1 
ATOM   901  N N   . LYS B 1 61 ? 1.457   6.073   -20.344 1.00 17.23  ? 41  LYS B N   1 
ATOM   902  C CA  . LYS B 1 61 ? 1.882   5.244   -21.472 1.00 16.47  ? 41  LYS B CA  1 
ATOM   903  C C   . LYS B 1 61 ? 2.420   3.886   -21.044 1.00 15.57  ? 41  LYS B C   1 
ATOM   904  O O   . LYS B 1 61 ? 2.708   3.043   -21.892 1.00 15.19  ? 41  LYS B O   1 
ATOM   905  C CB  . LYS B 1 61 ? 2.962   5.963   -22.288 1.00 17.02  ? 41  LYS B CB  1 
ATOM   906  C CG  . LYS B 1 61 ? 2.529   7.291   -22.892 1.00 18.65  ? 41  LYS B CG  1 
ATOM   907  C CD  . LYS B 1 61 ? 1.617   7.096   -24.087 1.00 20.64  ? 41  LYS B CD  1 
ATOM   908  N N   . ILE B 1 62 ? 2.566   3.677   -19.737 1.00 14.59  ? 42  ILE B N   1 
ATOM   909  C CA  . ILE B 1 62 ? 3.293   2.509   -19.230 1.00 14.10  ? 42  ILE B CA  1 
ATOM   910  C C   . ILE B 1 62 ? 2.571   1.737   -18.128 1.00 13.75  ? 42  ILE B C   1 
ATOM   911  O O   . ILE B 1 62 ? 1.728   2.283   -17.417 1.00 13.48  ? 42  ILE B O   1 
ATOM   912  C CB  . ILE B 1 62 ? 4.728   2.881   -18.742 1.00 14.13  ? 42  ILE B CB  1 
ATOM   913  C CG1 . ILE B 1 62 ? 4.673   3.879   -17.578 1.00 14.38  ? 42  ILE B CG1 1 
ATOM   914  C CG2 . ILE B 1 62 ? 5.582   3.401   -19.901 1.00 15.21  ? 42  ILE B CG2 1 
ATOM   915  C CD1 . ILE B 1 62 ? 6.004   4.055   -16.837 1.00 14.83  ? 42  ILE B CD1 1 
ATOM   916  N N   . VAL B 1 63 ? 2.936   0.459   -18.015 1.00 13.12  ? 43  VAL B N   1 
ATOM   917  C CA  . VAL B 1 63 ? 2.455   -0.471  -17.003 1.00 13.43  ? 43  VAL B CA  1 
ATOM   918  C C   . VAL B 1 63 ? 3.686   -1.126  -16.364 1.00 12.69  ? 43  VAL B C   1 
ATOM   919  O O   . VAL B 1 63 ? 4.638   -1.464  -17.078 1.00 12.56  ? 43  VAL B O   1 
ATOM   920  C CB  . VAL B 1 63 ? 1.567   -1.578  -17.669 1.00 14.08  ? 43  VAL B CB  1 
ATOM   921  C CG1 . VAL B 1 63 ? 1.270   -2.725  -16.714 1.00 15.39  ? 43  VAL B CG1 1 
ATOM   922  C CG2 . VAL B 1 63 ? 0.272   -0.975  -18.224 1.00 15.79  ? 43  VAL B CG2 1 
ATOM   923  N N   . LEU B 1 64 ? 3.672   -1.289  -15.039 1.00 12.60  ? 44  LEU B N   1 
ATOM   924  C CA  . LEU B 1 64 ? 4.732   -2.008  -14.328 1.00 12.92  ? 44  LEU B CA  1 
ATOM   925  C C   . LEU B 1 64 ? 4.206   -3.277  -13.694 1.00 13.91  ? 44  LEU B C   1 
ATOM   926  O O   . LEU B 1 64 ? 3.093   -3.301  -13.169 1.00 13.91  ? 44  LEU B O   1 
ATOM   927  C CB  . LEU B 1 64 ? 5.361   -1.132  -13.241 1.00 12.55  ? 44  LEU B CB  1 
ATOM   928  C CG  . LEU B 1 64 ? 6.225   0.048   -13.692 1.00 12.30  ? 44  LEU B CG  1 
ATOM   929  C CD1 . LEU B 1 64 ? 6.579   0.922   -12.491 1.00 12.12  ? 44  LEU B CD1 1 
ATOM   930  C CD2 . LEU B 1 64 ? 7.482   -0.429  -14.412 1.00 12.31  ? 44  LEU B CD2 1 
ATOM   931  N N   . GLN B 1 65 ? 5.019   -4.327  -13.758 1.00 15.12  ? 45  GLN B N   1 
ATOM   932  C CA  . GLN B 1 65 ? 4.684   -5.600  -13.129 1.00 16.67  ? 45  GLN B CA  1 
ATOM   933  C C   . GLN B 1 65 ? 5.819   -6.089  -12.247 1.00 17.97  ? 45  GLN B C   1 
ATOM   934  O O   . GLN B 1 65 ? 6.989   -5.788  -12.492 1.00 17.94  ? 45  GLN B O   1 
ATOM   935  C CB  . GLN B 1 65 ? 4.397   -6.663  -14.185 1.00 17.64  ? 45  GLN B CB  1 
ATOM   936  C CG  . GLN B 1 65 ? 3.118   -6.475  -14.963 1.00 18.50  ? 45  GLN B CG  1 
ATOM   937  C CD  . GLN B 1 65 ? 2.783   -7.677  -15.838 1.00 22.68  ? 45  GLN B CD  1 
ATOM   938  O OE1 . GLN B 1 65 ? 3.479   -8.689  -15.817 1.00 23.02  ? 45  GLN B OE1 1 
ATOM   939  N NE2 . GLN B 1 65 ? 1.717   -7.565  -16.601 1.00 22.03  ? 45  GLN B NE2 1 
ATOM   940  N N   . LYS B 1 66 ? 5.464   -6.855  -11.220 1.00 18.98  ? 46  LYS B N   1 
ATOM   941  C CA  . LYS B 1 66 ? 6.451   -7.588  -10.443 1.00 20.11  ? 46  LYS B CA  1 
ATOM   942  C C   . LYS B 1 66 ? 6.055   -9.053  -10.450 1.00 21.33  ? 46  LYS B C   1 
ATOM   943  O O   . LYS B 1 66 ? 5.018   -9.419  -9.893  1.00 21.26  ? 46  LYS B O   1 
ATOM   944  C CB  . LYS B 1 66 ? 6.547   -7.058  -9.013  1.00 19.79  ? 46  LYS B CB  1 
ATOM   945  C CG  . LYS B 1 66 ? 7.611   -7.766  -8.179  1.00 20.03  ? 46  LYS B CG  1 
ATOM   946  C CD  . LYS B 1 66 ? 7.694   -7.205  -6.775  1.00 20.20  ? 46  LYS B CD  1 
ATOM   947  C CE  . LYS B 1 66 ? 8.687   -7.991  -5.925  1.00 20.07  ? 46  LYS B CE  1 
ATOM   948  N NZ  . LYS B 1 66 ? 8.234   -9.388  -5.646  1.00 20.74  ? 46  LYS B NZ  1 
ATOM   949  N N   . GLY B 1 67 ? 6.875   -9.871  -11.105 1.00 22.53  ? 47  GLY B N   1 
ATOM   950  C CA  . GLY B 1 67 ? 6.601   -11.298 -11.260 1.00 23.55  ? 47  GLY B CA  1 
ATOM   951  C C   . GLY B 1 67 ? 5.231   -11.570 -11.858 1.00 24.11  ? 47  GLY B C   1 
ATOM   952  O O   . GLY B 1 67 ? 4.448   -12.354 -11.310 1.00 24.92  ? 47  GLY B O   1 
ATOM   953  N N   . GLY B 1 68 ? 4.939   -10.906 -12.973 1.00 24.04  ? 48  GLY B N   1 
ATOM   954  C CA  . GLY B 1 68 ? 3.683   -11.109 -13.694 1.00 23.82  ? 48  GLY B CA  1 
ATOM   955  C C   . GLY B 1 68 ? 2.493   -10.318 -13.180 1.00 23.33  ? 48  GLY B C   1 
ATOM   956  O O   . GLY B 1 68 ? 1.802   -9.660  -13.955 1.00 99.99  ? 48  GLY B O   1 
ATOM   957  N N   . SER B 1 69 ? 2.509   -9.918  -11.910 1.00 22.43  ? 49  SER B N   1 
ATOM   958  C CA  . SER B 1 69 ? 1.380   -9.183  -11.345 1.00 21.66  ? 49  SER B CA  1 
ATOM   959  C C   . SER B 1 69 ? 1.556   -7.672  -11.487 1.00 20.29  ? 49  SER B C   1 
ATOM   960  O O   . SER B 1 69 ? 2.616   -7.123  -11.182 1.00 19.61  ? 49  SER B O   1 
ATOM   961  C CB  . SER B 1 69 ? 1.154   -9.556  -9.876  1.00 22.40  ? 49  SER B CB  1 
ATOM   962  O OG  . SER B 1 69 ? 2.115   -8.948  -9.033  1.00 24.30  ? 49  SER B OG  1 
ATOM   963  N N   . VAL B 1 70 ? 0.498   -7.007  -11.935 1.00 19.28  ? 50  VAL B N   1 
ATOM   964  C CA  . VAL B 1 70 ? 0.540   -5.569  -12.191 1.00 18.27  ? 50  VAL B CA  1 
ATOM   965  C C   . VAL B 1 70 ? 0.626   -4.798  -10.876 1.00 17.63  ? 50  VAL B C   1 
ATOM   966  O O   . VAL B 1 70 ? 0.038   -5.197  -9.867  1.00 17.62  ? 50  VAL B O   1 
ATOM   967  C CB  . VAL B 1 70 ? -0.687  -5.105  -13.030 1.00 18.56  ? 50  VAL B CB  1 
ATOM   968  C CG1 . VAL B 1 70 ? -0.571  -3.638  -13.413 1.00 19.19  ? 50  VAL B CG1 1 
ATOM   969  C CG2 . VAL B 1 70 ? -0.801  -5.935  -14.281 1.00 19.49  ? 50  VAL B CG2 1 
ATOM   970  N N   . LEU B 1 71 ? 1.385   -3.706  -10.892 1.00 16.20  ? 51  LEU B N   1 
ATOM   971  C CA  . LEU B 1 71 ? 1.505   -2.841  -9.728  1.00 15.87  ? 51  LEU B CA  1 
ATOM   972  C C   . LEU B 1 71 ? 0.500   -1.701  -9.823  1.00 15.79  ? 51  LEU B C   1 
ATOM   973  O O   . LEU B 1 71 ? 0.399   -1.030  -10.852 1.00 16.09  ? 51  LEU B O   1 
ATOM   974  C CB  . LEU B 1 71 ? 2.930   -2.294  -9.600  1.00 15.46  ? 51  LEU B CB  1 
ATOM   975  C CG  . LEU B 1 71 ? 4.083   -3.306  -9.587  1.00 15.21  ? 51  LEU B CG  1 
ATOM   976  C CD1 . LEU B 1 71 ? 5.400   -2.598  -9.304  1.00 15.70  ? 51  LEU B CD1 1 
ATOM   977  C CD2 . LEU B 1 71 ? 3.839   -4.446  -8.589  1.00 15.66  ? 51  LEU B CD2 1 
ATOM   978  N N   . LYS B 1 72 ? -0.238  -1.495  -8.740  1.00 15.50  ? 52  LYS B N   1 
ATOM   979  C CA  . LYS B 1 72 ? -1.287  -0.478  -8.690  1.00 15.46  ? 52  LYS B CA  1 
ATOM   980  C C   . LYS B 1 72 ? -0.738  0.817   -8.080  1.00 15.00  ? 52  LYS B C   1 
ATOM   981  O O   . LYS B 1 72 ? 0.037   0.782   -7.119  1.00 14.27  ? 52  LYS B O   1 
ATOM   982  C CB  . LYS B 1 72 ? -2.516  -1.012  -7.941  1.00 16.17  ? 52  LYS B CB  1 
ATOM   983  C CG  . LYS B 1 72 ? -3.150  -2.218  -8.640  1.00 16.51  ? 52  LYS B CG  1 
ATOM   984  C CD  . LYS B 1 72 ? -4.285  -2.834  -7.845  1.00 18.10  ? 52  LYS B CD  1 
ATOM   985  C CE  . LYS B 1 72 ? -4.753  -4.138  -8.477  1.00 19.87  ? 52  LYS B CE  1 
ATOM   986  N NZ  . LYS B 1 72 ? -5.677  -4.883  -7.571  1.00 21.90  ? 52  LYS B NZ  1 
ATOM   987  N N   . ASP B 1 73 ? -1.141  1.951   -8.651  1.00 14.85  ? 53  ASP B N   1 
ATOM   988  C CA  . ASP B 1 73 ? -0.541  3.265   -8.365  1.00 14.92  ? 53  ASP B CA  1 
ATOM   989  C C   . ASP B 1 73 ? -0.560  3.740   -6.903  1.00 15.47  ? 53  ASP B C   1 
ATOM   990  O O   . ASP B 1 73 ? 0.373   4.413   -6.464  1.00 15.89  ? 53  ASP B O   1 
ATOM   991  C CB  . ASP B 1 73 ? -1.169  4.361   -9.249  1.00 15.00  ? 53  ASP B CB  1 
ATOM   992  C CG  . ASP B 1 73 ? -0.736  4.276   -10.708 1.00 15.70  ? 53  ASP B CG  1 
ATOM   993  O OD1 . ASP B 1 73 ? 0.149   3.461   -11.040 1.00 16.48  ? 53  ASP B OD1 1 
ATOM   994  O OD2 . ASP B 1 73 ? -1.291  5.040   -11.535 1.00 17.57  ? 53  ASP B OD2 1 
ATOM   995  N N   . HIS B 1 74 ? -1.615  3.415   -6.160  1.00 16.03  ? 54  HIS B N   1 
ATOM   996  C CA  . HIS B 1 74 ? -1.767  3.907   -4.784  1.00 16.67  ? 54  HIS B CA  1 
ATOM   997  C C   . HIS B 1 74 ? -0.926  3.153   -3.751  1.00 16.26  ? 54  HIS B C   1 
ATOM   998  O O   . HIS B 1 74 ? -0.777  3.613   -2.606  1.00 16.96  ? 54  HIS B O   1 
ATOM   999  C CB  . HIS B 1 74 ? -3.234  3.853   -4.361  1.00 17.46  ? 54  HIS B CB  1 
ATOM   1000 C CG  . HIS B 1 74 ? -4.070  4.958   -4.924  1.00 19.85  ? 54  HIS B CG  1 
ATOM   1001 N ND1 . HIS B 1 74 ? -4.321  6.126   -4.235  1.00 21.91  ? 54  HIS B ND1 1 
ATOM   1002 C CD2 . HIS B 1 74 ? -4.720  5.072   -6.105  1.00 21.47  ? 54  HIS B CD2 1 
ATOM   1003 C CE1 . HIS B 1 74 ? -5.087  6.912   -4.970  1.00 22.45  ? 54  HIS B CE1 1 
ATOM   1004 N NE2 . HIS B 1 74 ? -5.341  6.297   -6.110  1.00 22.67  ? 54  HIS B NE2 1 
ATOM   1005 N N   . ILE B 1 75 ? -0.404  1.993   -4.152  1.00 15.61  ? 55  ILE B N   1 
ATOM   1006 C CA  . ILE B 1 75 ? 0.354   1.121   -3.254  1.00 15.02  ? 55  ILE B CA  1 
ATOM   1007 C C   . ILE B 1 75 ? 1.824   1.529   -3.237  1.00 14.44  ? 55  ILE B C   1 
ATOM   1008 O O   . ILE B 1 75 ? 2.383   1.885   -4.279  1.00 14.18  ? 55  ILE B O   1 
ATOM   1009 C CB  . ILE B 1 75 ? 0.254   -0.379  -3.677  1.00 15.13  ? 55  ILE B CB  1 
ATOM   1010 C CG1 . ILE B 1 75 ? -1.195  -0.808  -3.968  1.00 15.28  ? 55  ILE B CG1 1 
ATOM   1011 C CG2 . ILE B 1 75 ? 0.920   -1.290  -2.636  1.00 15.17  ? 55  ILE B CG2 1 
ATOM   1012 C CD1 . ILE B 1 75 ? -2.091  -0.840  -2.754  1.00 15.94  ? 55  ILE B CD1 1 
ATOM   1013 N N   . SER B 1 76 ? 2.452   1.469   -2.063  1.00 13.72  ? 56  SER B N   1 
ATOM   1014 C CA  . SER B 1 76 ? 3.868   1.817   -1.959  1.00 13.10  ? 56  SER B CA  1 
ATOM   1015 C C   . SER B 1 76 ? 4.744   0.707   -2.523  1.00 12.70  ? 56  SER B C   1 
ATOM   1016 O O   . SER B 1 76 ? 4.376   -0.476  -2.506  1.00 12.42  ? 56  SER B O   1 
ATOM   1017 C CB  . SER B 1 76 ? 4.270   2.118   -0.513  1.00 13.29  ? 56  SER B CB  1 
ATOM   1018 O OG  . SER B 1 76 ? 4.306   0.942   0.271   1.00 14.24  ? 56  SER B OG  1 
ATOM   1019 N N   . LEU B 1 77 ? 5.923   1.091   -2.996  1.00 12.42  ? 57  LEU B N   1 
ATOM   1020 C CA  . LEU B 1 77 ? 6.901   0.107   -3.442  1.00 12.39  ? 57  LEU B CA  1 
ATOM   1021 C C   . LEU B 1 77 ? 7.166   -0.940  -2.359  1.00 13.02  ? 57  LEU B C   1 
ATOM   1022 O O   . LEU B 1 77 ? 7.153   -2.146  -2.632  1.00 13.10  ? 57  LEU B O   1 
ATOM   1023 C CB  . LEU B 1 77 ? 8.205   0.794   -3.850  1.00 12.05  ? 57  LEU B CB  1 
ATOM   1024 C CG  . LEU B 1 77 ? 8.136   1.705   -5.079  1.00 11.37  ? 57  LEU B CG  1 
ATOM   1025 C CD1 . LEU B 1 77 ? 9.476   2.391   -5.250  1.00 12.08  ? 57  LEU B CD1 1 
ATOM   1026 C CD2 . LEU B 1 77 ? 7.763   0.907   -6.325  1.00 12.54  ? 57  LEU B CD2 1 
ATOM   1027 N N   . GLU B 1 78 ? 7.388   -0.484  -1.129  1.00 13.90  ? 58  GLU B N   1 
ATOM   1028 C CA  . GLU B 1 78 ? 7.730   -1.408  -0.050  1.00 15.10  ? 58  GLU B CA  1 
ATOM   1029 C C   . GLU B 1 78 ? 6.605   -2.399  0.263   1.00 14.97  ? 58  GLU B C   1 
ATOM   1030 O O   . GLU B 1 78 ? 6.873   -3.539  0.622   1.00 14.66  ? 58  GLU B O   1 
ATOM   1031 C CB  . GLU B 1 78 ? 8.224   -0.668  1.198   1.00 15.41  ? 58  GLU B CB  1 
ATOM   1032 C CG  . GLU B 1 78 ? 7.181   0.168   1.915   1.00 17.40  ? 58  GLU B CG  1 
ATOM   1033 C CD  . GLU B 1 78 ? 7.784   1.107   2.954   1.00 19.05  ? 58  GLU B CD  1 
ATOM   1034 O OE1 . GLU B 1 78 ? 7.053   1.999   3.435   1.00 20.79  ? 58  GLU B OE1 1 
ATOM   1035 O OE2 . GLU B 1 78 ? 8.983   0.964   3.288   1.00 21.46  ? 58  GLU B OE2 1 
ATOM   1036 N N   . ASP B 1 79 ? 5.352   -1.984  0.085   1.00 14.74  ? 59  ASP B N   1 
ATOM   1037 C CA  . ASP B 1 79 ? 4.225   -2.898  0.288   1.00 14.86  ? 59  ASP B CA  1 
ATOM   1038 C C   . ASP B 1 79 ? 4.108   -3.972  -0.796  1.00 14.48  ? 59  ASP B C   1 
ATOM   1039 O O   . ASP B 1 79 ? 3.499   -5.016  -0.576  1.00 14.79  ? 59  ASP B O   1 
ATOM   1040 C CB  . ASP B 1 79 ? 2.918   -2.127  0.473   1.00 15.38  ? 59  ASP B CB  1 
ATOM   1041 C CG  . ASP B 1 79 ? 2.819   -1.477  1.847   1.00 17.12  ? 59  ASP B CG  1 
ATOM   1042 O OD1 . ASP B 1 79 ? 3.669   -1.761  2.716   1.00 19.40  ? 59  ASP B OD1 1 
ATOM   1043 O OD2 . ASP B 1 79 ? 1.889   -0.685  2.063   1.00 18.87  ? 59  ASP B OD2 1 
ATOM   1044 N N   . TYR B 1 80 ? 4.706   -3.716  -1.956  1.00 13.24  ? 60  TYR B N   1 
ATOM   1045 C CA  . TYR B 1 80 ? 4.888   -4.740  -2.988  1.00 12.97  ? 60  TYR B CA  1 
ATOM   1046 C C   . TYR B 1 80 ? 6.197   -5.517  -2.821  1.00 13.27  ? 60  TYR B C   1 
ATOM   1047 O O   . TYR B 1 80 ? 6.566   -6.303  -3.692  1.00 13.51  ? 60  TYR B O   1 
ATOM   1048 C CB  . TYR B 1 80 ? 4.847   -4.116  -4.389  1.00 12.67  ? 60  TYR B CB  1 
ATOM   1049 C CG  . TYR B 1 80 ? 3.458   -3.906  -4.930  1.00 12.10  ? 60  TYR B CG  1 
ATOM   1050 C CD1 . TYR B 1 80 ? 2.579   -4.976  -5.087  1.00 11.94  ? 60  TYR B CD1 1 
ATOM   1051 C CD2 . TYR B 1 80 ? 3.033   -2.644  -5.323  1.00 12.93  ? 60  TYR B CD2 1 
ATOM   1052 C CE1 . TYR B 1 80 ? 1.293   -4.777  -5.595  1.00 12.05  ? 60  TYR B CE1 1 
ATOM   1053 C CE2 . TYR B 1 80 ? 1.762   -2.442  -5.841  1.00 13.31  ? 60  TYR B CE2 1 
ATOM   1054 C CZ  . TYR B 1 80 ? 0.899   -3.503  -5.976  1.00 12.84  ? 60  TYR B CZ  1 
ATOM   1055 O OH  . TYR B 1 80 ? -0.357  -3.274  -6.481  1.00 13.08  ? 60  TYR B OH  1 
ATOM   1056 N N   . GLU B 1 81 ? 6.894   -5.287  -1.707  1.00 13.72  ? 61  GLU B N   1 
ATOM   1057 C CA  . GLU B 1 81 ? 8.198   -5.910  -1.440  1.00 14.72  ? 61  GLU B CA  1 
ATOM   1058 C C   . GLU B 1 81 ? 9.239   -5.524  -2.486  1.00 13.90  ? 61  GLU B C   1 
ATOM   1059 O O   . GLU B 1 81 ? 10.137  -6.308  -2.817  1.00 13.75  ? 61  GLU B O   1 
ATOM   1060 C CB  . GLU B 1 81 ? 8.091   -7.439  -1.344  1.00 15.50  ? 61  GLU B CB  1 
ATOM   1061 C CG  . GLU B 1 81 ? 7.159   -7.952  -0.264  1.00 17.66  ? 61  GLU B CG  1 
ATOM   1062 C CD  . GLU B 1 81 ? 7.213   -9.461  -0.122  1.00 19.56  ? 61  GLU B CD  1 
ATOM   1063 O OE1 . GLU B 1 81 ? 7.092   -9.949  1.019   1.00 23.60  ? 61  GLU B OE1 1 
ATOM   1064 O OE2 . GLU B 1 81 ? 7.389   -10.157 -1.148  1.00 22.83  ? 61  GLU B OE2 1 
ATOM   1065 N N   . VAL B 1 82 ? 9.115   -4.303  -3.003  1.00 12.57  ? 62  VAL B N   1 
ATOM   1066 C CA  . VAL B 1 82 ? 10.107  -3.763  -3.924  1.00 12.08  ? 62  VAL B CA  1 
ATOM   1067 C C   . VAL B 1 82 ? 11.223  -3.153  -3.094  1.00 11.66  ? 62  VAL B C   1 
ATOM   1068 O O   . VAL B 1 82 ? 11.008  -2.205  -2.328  1.00 11.91  ? 62  VAL B O   1 
ATOM   1069 C CB  . VAL B 1 82 ? 9.507   -2.744  -4.900  1.00 11.93  ? 62  VAL B CB  1 
ATOM   1070 C CG1 . VAL B 1 82 ? 10.590  -2.182  -5.813  1.00 12.05  ? 62  VAL B CG1 1 
ATOM   1071 C CG2 . VAL B 1 82 ? 8.415   -3.398  -5.733  1.00 12.56  ? 62  VAL B CG2 1 
ATOM   1072 N N   . HIS B 1 83 ? 12.405  -3.746  -3.239  1.00 11.21  ? 63  HIS B N   1 
ATOM   1073 C CA  . HIS B 1 83 ? 13.574  -3.404  -2.445  1.00 11.18  ? 63  HIS B CA  1 
ATOM   1074 C C   . HIS B 1 83 ? 14.714  -2.980  -3.349  1.00 10.93  ? 63  HIS B C   1 
ATOM   1075 O O   . HIS B 1 83 ? 14.579  -2.983  -4.576  1.00 10.81  ? 63  HIS B O   1 
ATOM   1076 C CB  . HIS B 1 83 ? 14.037  -4.606  -1.622  1.00 11.91  ? 63  HIS B CB  1 
ATOM   1077 C CG  . HIS B 1 83 ? 12.966  -5.253  -0.802  1.00 12.45  ? 63  HIS B CG  1 
ATOM   1078 N ND1 . HIS B 1 83 ? 12.060  -4.549  -0.035  1.00 14.48  ? 63  HIS B ND1 1 
ATOM   1079 C CD2 . HIS B 1 83 ? 12.698  -6.563  -0.593  1.00 11.93  ? 63  HIS B CD2 1 
ATOM   1080 C CE1 . HIS B 1 83 ? 11.265  -5.402  0.589   1.00 14.19  ? 63  HIS B CE1 1 
ATOM   1081 N NE2 . HIS B 1 83 ? 11.632  -6.628  0.266   1.00 14.55  ? 63  HIS B NE2 1 
ATOM   1082 N N   . ASP B 1 84 ? 15.841  -2.627  -2.740  1.00 10.64  ? 64  ASP B N   1 
ATOM   1083 C CA  . ASP B 1 84 ? 17.041  -2.319  -3.502  1.00 10.38  ? 64  ASP B CA  1 
ATOM   1084 C C   . ASP B 1 84 ? 17.405  -3.530  -4.359  1.00 10.44  ? 64  ASP B C   1 
ATOM   1085 O O   . ASP B 1 84 ? 17.529  -4.646  -3.854  1.00 10.48  ? 64  ASP B O   1 
ATOM   1086 C CB  . ASP B 1 84 ? 18.194  -1.965  -2.565  1.00 10.38  ? 64  ASP B CB  1 
ATOM   1087 C CG  . ASP B 1 84 ? 19.431  -1.481  -3.305  1.00 11.34  ? 64  ASP B CG  1 
ATOM   1088 O OD1 . ASP B 1 84 ? 19.310  -0.572  -4.149  1.00 13.29  ? 64  ASP B OD1 1 
ATOM   1089 O OD2 . ASP B 1 84 ? 20.532  -1.993  -3.034  1.00 13.57  ? 64  ASP B OD2 1 
ATOM   1090 N N   . GLN B 1 85 ? 17.578  -3.290  -5.655  1.00 10.35  ? 65  GLN B N   1 
ATOM   1091 C CA  . GLN B 1 85 ? 17.905  -4.316  -6.659  1.00 10.57  ? 65  GLN B CA  1 
ATOM   1092 C C   . GLN B 1 85 ? 16.736  -5.207  -7.084  1.00 10.52  ? 65  GLN B C   1 
ATOM   1093 O O   . GLN B 1 85 ? 16.915  -6.109  -7.884  1.00 10.43  ? 65  GLN B O   1 
ATOM   1094 C CB  . GLN B 1 85 ? 19.135  -5.159  -6.260  1.00 10.89  ? 65  GLN B CB  1 
ATOM   1095 C CG  . GLN B 1 85 ? 20.369  -4.336  -5.890  1.00 12.62  ? 65  GLN B CG  1 
ATOM   1096 C CD  . GLN B 1 85 ? 20.739  -3.325  -6.963  1.00 14.23  ? 65  GLN B CD  1 
ATOM   1097 O OE1 . GLN B 1 85 ? 20.984  -3.686  -8.110  1.00 15.78  ? 65  GLN B OE1 1 
ATOM   1098 N NE2 . GLN B 1 85 ? 20.790  -2.045  -6.588  1.00 16.54  ? 65  GLN B NE2 1 
ATOM   1099 N N   . THR B 1 86 ? 15.533  -4.935  -6.591  1.00 10.09  ? 66  THR B N   1 
ATOM   1100 C CA  . THR B 1 86 ? 14.363  -5.639  -7.114  1.00 10.22  ? 66  THR B CA  1 
ATOM   1101 C C   . THR B 1 86 ? 14.159  -5.326  -8.592  1.00 10.22  ? 66  THR B C   1 
ATOM   1102 O O   . THR B 1 86 ? 14.297  -4.164  -9.013  1.00 10.58  ? 66  THR B O   1 
ATOM   1103 C CB  . THR B 1 86 ? 13.102  -5.269  -6.328  1.00 10.29  ? 66  THR B CB  1 
ATOM   1104 O OG1 . THR B 1 86 ? 13.228  -5.775  -4.998  1.00 11.16  ? 66  THR B OG1 1 
ATOM   1105 C CG2 . THR B 1 86 ? 11.845  -5.855  -6.957  1.00 11.48  ? 66  THR B CG2 1 
ATOM   1106 N N   . ASN B 1 87 ? 13.828  -6.365  -9.360  1.00 10.21  ? 67  ASN B N   1 
ATOM   1107 C CA  . ASN B 1 87 ? 13.523  -6.240  -10.774 1.00 10.66  ? 67  ASN B CA  1 
ATOM   1108 C C   . ASN B 1 87 ? 12.032  -6.098  -11.018 1.00 11.39  ? 67  ASN B C   1 
ATOM   1109 O O   . ASN B 1 87 ? 11.225  -6.875  -10.492 1.00 12.64  ? 67  ASN B O   1 
ATOM   1110 C CB  . ASN B 1 87 ? 14.058  -7.445  -11.545 1.00 10.98  ? 67  ASN B CB  1 
ATOM   1111 C CG  . ASN B 1 87 ? 15.555  -7.421  -11.665 1.00 10.91  ? 67  ASN B CG  1 
ATOM   1112 O OD1 . ASN B 1 87 ? 16.098  -6.770  -12.548 1.00 13.13  ? 67  ASN B OD1 1 
ATOM   1113 N ND2 . ASN B 1 87 ? 16.243  -8.124  -10.760 1.00 13.19  ? 67  ASN B ND2 1 
ATOM   1114 N N   . LEU B 1 88 ? 11.679  -5.103  -11.828 1.00 10.92  ? 68  LEU B N   1 
ATOM   1115 C CA  . LEU B 1 88 ? 10.314  -4.919  -12.300 1.00 11.09  ? 68  LEU B CA  1 
ATOM   1116 C C   . LEU B 1 88 ? 10.286  -5.029  -13.811 1.00 11.37  ? 68  LEU B C   1 
ATOM   1117 O O   . LEU B 1 88 ? 11.296  -4.800  -14.478 1.00 11.32  ? 68  LEU B O   1 
ATOM   1118 C CB  . LEU B 1 88 ? 9.768   -3.541  -11.900 1.00 10.66  ? 68  LEU B CB  1 
ATOM   1119 C CG  . LEU B 1 88 ? 9.753   -3.208  -10.414 1.00 11.30  ? 68  LEU B CG  1 
ATOM   1120 C CD1 . LEU B 1 88 ? 9.155   -1.822  -10.200 1.00 12.27  ? 68  LEU B CD1 1 
ATOM   1121 C CD2 . LEU B 1 88 ? 8.985   -4.274  -9.612  1.00 12.47  ? 68  LEU B CD2 1 
ATOM   1122 N N   . GLU B 1 89 ? 9.116   -5.363  -14.344 1.00 11.62  ? 69  GLU B N   1 
ATOM   1123 C CA  . GLU B 1 89 ? 8.937   -5.485  -15.774 1.00 12.49  ? 69  GLU B CA  1 
ATOM   1124 C C   . GLU B 1 89 ? 8.122   -4.294  -16.290 1.00 12.03  ? 69  GLU B C   1 
ATOM   1125 O O   . GLU B 1 89 ? 7.065   -3.976  -15.739 1.00 12.02  ? 69  GLU B O   1 
ATOM   1126 C CB  . GLU B 1 89 ? 8.250   -6.824  -16.078 1.00 13.43  ? 69  GLU B CB  1 
ATOM   1127 C CG  . GLU B 1 89 ? 9.140   -8.080  -15.846 1.00 16.04  ? 69  GLU B CG  1 
ATOM   1128 C CD  . GLU B 1 89 ? 9.495   -8.389  -14.375 1.00 19.84  ? 69  GLU B CD  1 
ATOM   1129 O OE1 . GLU B 1 89 ? 10.702  -8.532  -14.042 1.00 21.96  ? 69  GLU B OE1 1 
ATOM   1130 O OE2 . GLU B 1 89 ? 8.571   -8.519  -13.547 1.00 21.29  ? 69  GLU B OE2 1 
ATOM   1131 N N   . LEU B 1 90 ? 8.643   -3.631  -17.327 1.00 11.76  ? 70  LEU B N   1 
ATOM   1132 C CA  . LEU B 1 90 ? 8.006   -2.466  -17.948 1.00 11.66  ? 70  LEU B CA  1 
ATOM   1133 C C   . LEU B 1 90 ? 7.339   -2.835  -19.264 1.00 12.09  ? 70  LEU B C   1 
ATOM   1134 O O   . LEU B 1 90 ? 7.968   -3.449  -20.136 1.00 12.16  ? 70  LEU B O   1 
ATOM   1135 C CB  . LEU B 1 90 ? 9.042   -1.365  -18.196 1.00 11.48  ? 70  LEU B CB  1 
ATOM   1136 C CG  . LEU B 1 90 ? 8.646   -0.139  -19.019 1.00 11.50  ? 70  LEU B CG  1 
ATOM   1137 C CD1 . LEU B 1 90 ? 7.564   0.666   -18.311 1.00 12.01  ? 70  LEU B CD1 1 
ATOM   1138 C CD2 . LEU B 1 90 ? 9.851   0.723   -19.279 1.00 12.42  ? 70  LEU B CD2 1 
ATOM   1139 N N   . TYR B 1 91 ? 6.071   -2.453  -19.395 1.00 12.21  ? 71  TYR B N   1 
ATOM   1140 C CA  . TYR B 1 91 ? 5.321   -2.598  -20.643 1.00 13.31  ? 71  TYR B CA  1 
ATOM   1141 C C   . TYR B 1 91 ? 4.846   -1.233  -21.101 1.00 13.55  ? 71  TYR B C   1 
ATOM   1142 O O   . TYR B 1 91 ? 4.445   -0.400  -20.284 1.00 13.65  ? 71  TYR B O   1 
ATOM   1143 C CB  . TYR B 1 91 ? 4.096   -3.493  -20.455 1.00 15.35  ? 71  TYR B CB  1 
ATOM   1144 C CG  . TYR B 1 91 ? 4.426   -4.936  -20.170 1.00 16.72  ? 71  TYR B CG  1 
ATOM   1145 C CD1 . TYR B 1 91 ? 4.754   -5.356  -18.879 1.00 17.32  ? 71  TYR B CD1 1 
ATOM   1146 C CD2 . TYR B 1 91 ? 4.398   -5.892  -21.191 1.00 17.86  ? 71  TYR B CD2 1 
ATOM   1147 C CE1 . TYR B 1 91 ? 5.060   -6.689  -18.606 1.00 18.98  ? 71  TYR B CE1 1 
ATOM   1148 C CE2 . TYR B 1 91 ? 4.703   -7.230  -20.926 1.00 19.68  ? 71  TYR B CE2 1 
ATOM   1149 C CZ  . TYR B 1 91 ? 5.032   -7.617  -19.635 1.00 18.85  ? 71  TYR B CZ  1 
ATOM   1150 O OH  . TYR B 1 91 ? 5.326   -8.938  -19.372 1.00 19.72  ? 71  TYR B OH  1 
ATOM   1151 N N   . TYR B 1 92 ? 4.895   -1.003  -22.407 1.00 14.02  ? 72  TYR B N   1 
ATOM   1152 C CA  . TYR B 1 92 ? 4.250   0.159   -22.991 1.00 14.89  ? 72  TYR B CA  1 
ATOM   1153 C C   . TYR B 1 92 ? 2.863   -0.242  -23.466 1.00 15.24  ? 72  TYR B C   1 
ATOM   1154 O O   . TYR B 1 92 ? 2.697   -1.275  -24.110 1.00 15.71  ? 72  TYR B O   1 
ATOM   1155 C CB  . TYR B 1 92 ? 5.078   0.702   -24.155 1.00 15.92  ? 72  TYR B CB  1 
ATOM   1156 C CG  . TYR B 1 92 ? 6.351   1.376   -23.715 1.00 16.17  ? 72  TYR B CG  1 
ATOM   1157 C CD1 . TYR B 1 92 ? 7.508   0.633   -23.489 1.00 16.22  ? 72  TYR B CD1 1 
ATOM   1158 C CD2 . TYR B 1 92 ? 6.400   2.753   -23.523 1.00 16.93  ? 72  TYR B CD2 1 
ATOM   1159 C CE1 . TYR B 1 92 ? 8.685   1.247   -23.077 1.00 17.43  ? 72  TYR B CE1 1 
ATOM   1160 C CE2 . TYR B 1 92 ? 7.565   3.378   -23.114 1.00 17.26  ? 72  TYR B CE2 1 
ATOM   1161 C CZ  . TYR B 1 92 ? 8.705   2.620   -22.899 1.00 17.17  ? 72  TYR B CZ  1 
ATOM   1162 O OH  . TYR B 1 92 ? 9.869   3.228   -22.499 1.00 18.22  ? 72  TYR B OH  1 
ATOM   1163 N N   . LEU B 1 93 ? 1.867   0.574   -23.142 1.00 15.66  ? 73  LEU B N   1 
ATOM   1164 C CA  . LEU B 1 93 ? 0.513   0.354   -23.648 1.00 16.57  ? 73  LEU B CA  1 
ATOM   1165 C C   . LEU B 1 93 ? 0.509   0.443   -25.170 1.00 16.73  ? 73  LEU B C   1 
ATOM   1166 O O   . LEU B 1 93 ? 1.285   1.205   -25.755 1.00 16.84  ? 73  LEU B O   1 
ATOM   1167 C CB  . LEU B 1 93 ? -0.459  1.375   -23.053 1.00 17.15  ? 73  LEU B CB  1 
ATOM   1168 C CG  . LEU B 1 93 ? -0.785  1.226   -21.559 1.00 18.71  ? 73  LEU B CG  1 
ATOM   1169 C CD1 . LEU B 1 93 ? -1.445  2.484   -21.034 1.00 20.89  ? 73  LEU B CD1 1 
ATOM   1170 C CD2 . LEU B 1 93 ? -1.662  0.021   -21.279 1.00 20.34  ? 73  LEU B CD2 1 
ATOM   1171 O OXT . LEU B 1 93 ? -0.260  -0.258  -25.831 1.00 17.02  ? 73  LEU B OXT 1 
ATOM   1172 N N   . LEU C 2 2  ? -21.658 -6.312  10.439  1.00 15.53  ? 7   LEU C N   1 
ATOM   1173 C CA  . LEU C 2 2  ? -21.613 -7.696  10.977  1.00 15.68  ? 7   LEU C CA  1 
ATOM   1174 C C   . LEU C 2 2  ? -21.935 -7.667  12.460  1.00 15.82  ? 7   LEU C C   1 
ATOM   1175 O O   . LEU C 2 2  ? -21.449 -6.801  13.181  1.00 15.82  ? 7   LEU C O   1 
ATOM   1176 C CB  . LEU C 2 2  ? -20.225 -8.301  10.748  1.00 15.81  ? 7   LEU C CB  1 
ATOM   1177 C CG  . LEU C 2 2  ? -20.059 -9.781  11.099  1.00 15.84  ? 7   LEU C CG  1 
ATOM   1178 C CD1 . LEU C 2 2  ? -20.855 -10.648 10.146  1.00 17.02  ? 7   LEU C CD1 1 
ATOM   1179 C CD2 . LEU C 2 2  ? -18.604 -10.196 11.101  1.00 16.16  ? 7   LEU C CD2 1 
ATOM   1180 N N   . SER C 2 3  ? -22.751 -8.612  12.916  1.00 15.99  ? 8   SER C N   1 
ATOM   1181 C CA  . SER C 2 3  ? -23.126 -8.672  14.333  1.00 16.76  ? 8   SER C CA  1 
ATOM   1182 C C   . SER C 2 3  ? -21.904 -8.804  15.239  1.00 17.24  ? 8   SER C C   1 
ATOM   1183 O O   . SER C 2 3  ? -20.857 -9.306  14.819  1.00 16.93  ? 8   SER C O   1 
ATOM   1184 C CB  . SER C 2 3  ? -24.079 -9.841  14.600  1.00 16.98  ? 8   SER C CB  1 
ATOM   1185 O OG  . SER C 2 3  ? -23.419 -11.083 14.430  1.00 17.78  ? 8   SER C OG  1 
ATOM   1186 N N   . ILE C 2 4  ? -22.052 -8.362  16.489  1.00 18.37  ? 9   ILE C N   1 
ATOM   1187 C CA  . ILE C 2 4  ? -21.003 -8.543  17.489  1.00 19.77  ? 9   ILE C CA  1 
ATOM   1188 C C   . ILE C 2 4  ? -20.679 -10.035 17.649  1.00 20.08  ? 9   ILE C C   1 
ATOM   1189 O O   . ILE C 2 4  ? -19.515 -10.417 17.743  1.00 20.30  ? 9   ILE C O   1 
ATOM   1190 C CB  . ILE C 2 4  ? -21.390 -7.935  18.872  1.00 20.12  ? 9   ILE C CB  1 
ATOM   1191 C CG1 . ILE C 2 4  ? -21.841 -6.477  18.726  1.00 20.61  ? 9   ILE C CG1 1 
ATOM   1192 C CG2 . ILE C 2 4  ? -20.221 -8.046  19.861  1.00 20.98  ? 9   ILE C CG2 1 
ATOM   1193 C CD1 . ILE C 2 4  ? -22.350 -5.840  20.021  1.00 20.83  ? 9   ILE C CD1 1 
ATOM   1194 N N   . GLU C 2 5  ? -21.715 -10.872 17.660  1.00 20.92  ? 10  GLU C N   1 
ATOM   1195 C CA  . GLU C 2 5  ? -21.530 -12.321 17.807  1.00 21.48  ? 10  GLU C CA  1 
ATOM   1196 C C   . GLU C 2 5  ? -20.729 -12.972 16.673  1.00 21.08  ? 10  GLU C C   1 
ATOM   1197 O O   . GLU C 2 5  ? -19.809 -13.753 16.937  1.00 21.28  ? 10  GLU C O   1 
ATOM   1198 C CB  . GLU C 2 5  ? -22.858 -13.062 18.047  1.00 22.19  ? 10  GLU C CB  1 
ATOM   1199 C CG  . GLU C 2 5  ? -24.115 -12.360 17.550  1.00 24.63  ? 10  GLU C CG  1 
ATOM   1200 C CD  . GLU C 2 5  ? -24.580 -11.254 18.482  1.00 27.00  ? 10  GLU C CD  1 
ATOM   1201 O OE1 . GLU C 2 5  ? -24.803 -10.128 17.994  1.00 27.60  ? 10  GLU C OE1 1 
ATOM   1202 O OE2 . GLU C 2 5  ? -24.710 -11.503 19.702  1.00 28.18  ? 10  GLU C OE2 1 
ATOM   1203 N N   . GLU C 2 6  ? -21.052 -12.644 15.422  1.00 20.53  ? 11  GLU C N   1 
ATOM   1204 C CA  . GLU C 2 6  ? -20.297 -13.202 14.303  1.00 20.17  ? 11  GLU C CA  1 
ATOM   1205 C C   . GLU C 2 6  ? -18.879 -12.629 14.242  1.00 19.77  ? 11  GLU C C   1 
ATOM   1206 O O   . GLU C 2 6  ? -17.945 -13.331 13.853  1.00 19.62  ? 11  GLU C O   1 
ATOM   1207 C CB  . GLU C 2 6  ? -21.034 -13.029 12.972  1.00 20.35  ? 11  GLU C CB  1 
ATOM   1208 C CG  . GLU C 2 6  ? -20.505 -13.929 11.838  1.00 21.31  ? 11  GLU C CG  1 
ATOM   1209 C CD  . GLU C 2 6  ? -20.747 -15.420 12.069  1.00 23.53  ? 11  GLU C CD  1 
ATOM   1210 O OE1 . GLU C 2 6  ? -21.756 -15.779 12.711  1.00 22.95  ? 11  GLU C OE1 1 
ATOM   1211 O OE2 . GLU C 2 6  ? -19.928 -16.227 11.585  1.00 24.29  ? 11  GLU C OE2 1 
ATOM   1212 N N   . THR C 2 7  ? -18.726 -11.360 14.635  1.00 19.34  ? 12  THR C N   1 
ATOM   1213 C CA  . THR C 2 7  ? -17.402 -10.747 14.763  1.00 19.14  ? 12  THR C CA  1 
ATOM   1214 C C   . THR C 2 7  ? -16.571 -11.506 15.795  1.00 19.66  ? 12  THR C C   1 
ATOM   1215 O O   . THR C 2 7  ? -15.408 -11.833 15.547  1.00 19.36  ? 12  THR C O   1 
ATOM   1216 C CB  . THR C 2 7  ? -17.483 -9.244  15.147  1.00 18.75  ? 12  THR C CB  1 
ATOM   1217 O OG1 . THR C 2 7  ? -18.231 -8.530  14.155  1.00 17.05  ? 12  THR C OG1 1 
ATOM   1218 C CG2 . THR C 2 7  ? -16.090 -8.621  15.251  1.00 18.53  ? 12  THR C CG2 1 
ATOM   1219 N N   . ASN C 2 8  ? -17.181 -11.800 16.942  1.00 20.59  ? 13  ASN C N   1 
ATOM   1220 C CA  . ASN C 2 8  ? -16.502 -12.556 17.991  1.00 21.53  ? 13  ASN C CA  1 
ATOM   1221 C C   . ASN C 2 8  ? -16.170 -13.994 17.582  1.00 22.18  ? 13  ASN C C   1 
ATOM   1222 O O   . ASN C 2 8  ? -15.176 -14.545 18.046  1.00 22.43  ? 13  ASN C O   1 
ATOM   1223 C CB  . ASN C 2 8  ? -17.286 -12.506 19.308  1.00 21.46  ? 13  ASN C CB  1 
ATOM   1224 C CG  . ASN C 2 8  ? -16.943 -11.280 20.149  1.00 22.08  ? 13  ASN C CG  1 
ATOM   1225 O OD1 . ASN C 2 8  ? -15.845 -10.723 20.043  1.00 22.46  ? 13  ASN C OD1 1 
ATOM   1226 N ND2 . ASN C 2 8  ? -17.877 -10.863 20.997  1.00 22.61  ? 13  ASN C ND2 1 
ATOM   1227 N N   . GLU C 2 9  ? -16.979 -14.582 16.698  1.00 22.99  ? 14  GLU C N   1 
ATOM   1228 C CA  . GLU C 2 9  ? -16.676 -15.902 16.128  1.00 23.95  ? 14  GLU C CA  1 
ATOM   1229 C C   . GLU C 2 9  ? -15.394 -15.850 15.301  1.00 24.09  ? 14  GLU C C   1 
ATOM   1230 O O   . GLU C 2 9  ? -14.538 -16.730 15.405  1.00 24.34  ? 14  GLU C O   1 
ATOM   1231 C CB  . GLU C 2 9  ? -17.835 -16.416 15.265  1.00 24.47  ? 14  GLU C CB  1 
ATOM   1232 C CG  . GLU C 2 9  ? -18.981 -17.048 16.043  1.00 26.36  ? 14  GLU C CG  1 
ATOM   1233 C CD  . GLU C 2 9  ? -18.737 -18.522 16.359  1.00 29.63  ? 14  GLU C CD  1 
ATOM   1234 O OE1 . GLU C 2 9  ? -19.360 -19.383 15.697  1.00 30.13  ? 14  GLU C OE1 1 
ATOM   1235 O OE2 . GLU C 2 9  ? -17.924 -18.823 17.259  1.00 29.91  ? 14  GLU C OE2 1 
ATOM   1236 N N   . ILE C 2 10 ? -15.274 -14.803 14.488  1.00 23.89  ? 15  ILE C N   1 
ATOM   1237 C CA  . ILE C 2 10 ? -14.078 -14.563 13.685  1.00 24.12  ? 15  ILE C CA  1 
ATOM   1238 C C   . ILE C 2 10 ? -12.862 -14.298 14.581  1.00 24.42  ? 15  ILE C C   1 
ATOM   1239 O O   . ILE C 2 10 ? -11.791 -14.865 14.357  1.00 24.63  ? 15  ILE C O   1 
ATOM   1240 C CB  . ILE C 2 10 ? -14.301 -13.403 12.668  1.00 23.82  ? 15  ILE C CB  1 
ATOM   1241 C CG1 . ILE C 2 10 ? -15.285 -13.841 11.577  1.00 23.72  ? 15  ILE C CG1 1 
ATOM   1242 C CG2 . ILE C 2 10 ? -12.977 -12.940 12.052  1.00 24.02  ? 15  ILE C CG2 1 
ATOM   1243 C CD1 . ILE C 2 10 ? -15.855 -12.700 10.742  1.00 23.52  ? 15  ILE C CD1 1 
ATOM   1244 N N   . ARG C 2 11 ? -13.040 -13.455 15.600  1.00 25.12  ? 16  ARG C N   1 
ATOM   1245 C CA  . ARG C 2 11 ? -11.970 -13.144 16.557  1.00 25.90  ? 16  ARG C CA  1 
ATOM   1246 C C   . ARG C 2 11 ? -11.453 -14.387 17.285  1.00 27.31  ? 16  ARG C C   1 
ATOM   1247 O O   . ARG C 2 11 ? -10.241 -14.576 17.407  1.00 27.33  ? 16  ARG C O   1 
ATOM   1248 C CB  . ARG C 2 11 ? -12.428 -12.090 17.572  1.00 25.43  ? 16  ARG C CB  1 
ATOM   1249 C CG  . ARG C 2 11 ? -12.577 -10.682 16.994  1.00 24.34  ? 16  ARG C CG  1 
ATOM   1250 C CD  . ARG C 2 11 ? -13.057 -9.684  18.046  1.00 23.65  ? 16  ARG C CD  1 
ATOM   1251 N NE  . ARG C 2 11 ? -12.010 -9.331  19.008  1.00 21.81  ? 16  ARG C NE  1 
ATOM   1252 C CZ  . ARG C 2 11 ? -11.185 -8.291  18.895  1.00 19.75  ? 16  ARG C CZ  1 
ATOM   1253 N NH1 . ARG C 2 11 ? -10.267 -8.067  19.823  1.00 20.43  ? 16  ARG C NH1 1 
ATOM   1254 N NH2 . ARG C 2 11 ? -11.265 -7.471  17.851  1.00 18.96  ? 16  ARG C NH2 1 
ATOM   1255 N N   . GLU C 2 12 ? -12.376 -15.226 17.754  1.00 28.84  ? 17  GLU C N   1 
ATOM   1256 C CA  . GLU C 2 12 ? -12.025 -16.450 18.479  1.00 30.37  ? 17  GLU C CA  1 
ATOM   1257 C C   . GLU C 2 12 ? -11.193 -17.400 17.617  1.00 31.27  ? 17  GLU C C   1 
ATOM   1258 O O   . GLU C 2 12 ? -10.198 -17.957 18.084  1.00 31.61  ? 17  GLU C O   1 
ATOM   1259 C CB  . GLU C 2 12 ? -13.285 -17.149 18.997  1.00 30.39  ? 17  GLU C CB  1 
ATOM   1260 N N   . LYS C 2 13 ? -11.597 -17.558 16.357  1.00 32.19  ? 18  LYS C N   1 
ATOM   1261 C CA  . LYS C 2 13 ? -10.898 -18.420 15.398  1.00 32.88  ? 18  LYS C CA  1 
ATOM   1262 C C   . LYS C 2 13 ? -9.490  -17.922 15.063  1.00 33.20  ? 18  LYS C C   1 
ATOM   1263 O O   . LYS C 2 13 ? -8.608  -18.717 14.731  1.00 33.38  ? 18  LYS C O   1 
ATOM   1264 C CB  . LYS C 2 13 ? -11.719 -18.563 14.115  1.00 33.04  ? 18  LYS C CB  1 
ATOM   1265 N N   . LEU C 2 14 ? -9.293  -16.607 15.150  1.00 33.18  ? 19  LEU C N   1 
ATOM   1266 C CA  . LEU C 2 14 ? -7.993  -15.986 14.891  1.00 33.09  ? 19  LEU C CA  1 
ATOM   1267 C C   . LEU C 2 14 ? -7.092  -15.995 16.127  1.00 32.97  ? 19  LEU C C   1 
ATOM   1268 O O   . LEU C 2 14 ? -5.931  -15.579 16.063  1.00 33.10  ? 19  LEU C O   1 
ATOM   1269 C CB  . LEU C 2 14 ? -8.175  -14.555 14.378  1.00 32.98  ? 19  LEU C CB  1 
ATOM   1270 C CG  . LEU C 2 14 ? -8.752  -14.371 12.972  1.00 32.47  ? 19  LEU C CG  1 
ATOM   1271 C CD1 . LEU C 2 14 ? -9.243  -12.939 12.793  1.00 32.38  ? 19  LEU C CD1 1 
ATOM   1272 C CD2 . LEU C 2 14 ? -7.743  -14.738 11.883  1.00 32.56  ? 19  LEU C CD2 1 
ATOM   1273 N N   . GLY C 2 15 ? -7.634  -16.476 17.244  1.00 32.71  ? 20  GLY C N   1 
ATOM   1274 C CA  . GLY C 2 15 ? -6.898  -16.555 18.504  1.00 32.28  ? 20  GLY C CA  1 
ATOM   1275 C C   . GLY C 2 15 ? -6.860  -15.232 19.241  1.00 31.72  ? 20  GLY C C   1 
ATOM   1276 O O   . GLY C 2 15 ? -5.967  -14.990 20.055  1.00 31.95  ? 20  GLY C O   1 
ATOM   1277 N N   . MET C 2 16 ? -7.838  -14.374 18.954  1.00 31.05  ? 21  MET C N   1 
ATOM   1278 C CA  . MET C 2 16 ? -7.916  -13.050 19.556  1.00 30.12  ? 21  MET C CA  1 
ATOM   1279 C C   . MET C 2 16 ? -8.851  -13.037 20.760  1.00 30.50  ? 21  MET C C   1 
ATOM   1280 O O   . MET C 2 16 ? -9.722  -13.901 20.894  1.00 30.57  ? 21  MET C O   1 
ATOM   1281 C CB  . MET C 2 16 ? -8.405  -12.024 18.526  1.00 29.72  ? 21  MET C CB  1 
ATOM   1282 C CG  . MET C 2 16 ? -7.453  -11.779 17.364  1.00 28.70  ? 21  MET C CG  1 
ATOM   1283 S SD  . MET C 2 16 ? -8.126  -10.641 16.130  1.00 27.38  ? 21  MET C SD  1 
ATOM   1284 C CE  . MET C 2 16 ? -8.231  -9.117  17.065  1.00 28.00  ? 21  MET C CE  1 
ATOM   1285 N N   . LYS C 2 17 ? -8.662  -12.044 21.627  1.00 30.66  ? 22  LYS C N   1 
ATOM   1286 C CA  . LYS C 2 17 ? -9.568  -11.794 22.744  1.00 31.02  ? 22  LYS C CA  1 
ATOM   1287 C C   . LYS C 2 17 ? -10.936 -11.362 22.212  1.00 31.16  ? 22  LYS C C   1 
ATOM   1288 O O   . LYS C 2 17 ? -11.013 -10.705 21.168  1.00 31.17  ? 22  LYS C O   1 
ATOM   1289 C CB  . LYS C 2 17 ? -8.993  -10.713 23.661  1.00 31.06  ? 22  LYS C CB  1 
ATOM   1290 N N   . PRO C 2 18 ? -12.022 -11.740 22.912  1.00 31.34  ? 23  PRO C N   1 
ATOM   1291 C CA  . PRO C 2 18 ? -13.354 -11.330 22.470  1.00 31.74  ? 23  PRO C CA  1 
ATOM   1292 C C   . PRO C 2 18 ? -13.640 -9.858  22.763  1.00 33.07  ? 23  PRO C C   1 
ATOM   1293 O O   . PRO C 2 18 ? -12.983 -9.254  23.616  1.00 32.22  ? 23  PRO C O   1 
ATOM   1294 C CB  . PRO C 2 18 ? -14.284 -12.224 23.295  1.00 31.47  ? 23  PRO C CB  1 
ATOM   1295 C CG  . PRO C 2 18 ? -13.525 -12.507 24.536  1.00 31.54  ? 23  PRO C CG  1 
ATOM   1296 C CD  . PRO C 2 18 ? -12.077 -12.568 24.134  1.00 31.33  ? 23  PRO C CD  1 
ATOM   1297 N N   . ILE C 2 19 ? -14.607 -9.292  22.046  1.00 36.26  ? 24  ILE C N   1 
ATOM   1298 C CA  . ILE C 2 19 ? -15.103 -7.953  22.339  1.00 41.96  ? 24  ILE C CA  1 
ATOM   1299 C C   . ILE C 2 19 ? -16.099 -8.031  23.496  1.00 50.52  ? 24  ILE C C   1 
ATOM   1300 O O   . ILE C 2 19 ? -17.089 -8.763  23.431  1.00 52.88  ? 24  ILE C O   1 
ATOM   1301 C CB  . ILE C 2 19 ? -15.776 -7.305  21.109  1.00 37.94  ? 24  ILE C CB  1 
ATOM   1302 C CG1 . ILE C 2 19 ? -14.747 -7.042  20.004  1.00 35.20  ? 24  ILE C CG1 1 
ATOM   1303 C CG2 . ILE C 2 19 ? -16.472 -6.013  21.508  1.00 36.88  ? 24  ILE C CG2 1 
ATOM   1304 C CD1 . ILE C 2 19 ? -15.360 -6.794  18.632  1.00 31.79  ? 24  ILE C CD1 1 
ATOM   1305 O OXT . ILE C 2 19 ? -15.935 -7.367  24.521  1.00 61.37  ? 24  ILE C OXT 1 
ATOM   1306 N N   . LEU D 2 2  ? 21.197  7.463   -13.385 1.00 14.99  ? 7   LEU D N   1 
ATOM   1307 C CA  . LEU D 2 2  ? 21.277  8.893   -12.968 1.00 14.66  ? 7   LEU D CA  1 
ATOM   1308 C C   . LEU D 2 2  ? 21.897  8.998   -11.592 1.00 14.06  ? 7   LEU D C   1 
ATOM   1309 O O   . LEU D 2 2  ? 21.791  8.081   -10.778 1.00 13.64  ? 7   LEU D O   1 
ATOM   1310 C CB  . LEU D 2 2  ? 19.891  9.527   -12.919 1.00 15.22  ? 7   LEU D CB  1 
ATOM   1311 C CG  . LEU D 2 2  ? 19.097  9.863   -14.174 1.00 17.27  ? 7   LEU D CG  1 
ATOM   1312 C CD1 . LEU D 2 2  ? 17.818  10.518  -13.717 1.00 17.45  ? 7   LEU D CD1 1 
ATOM   1313 C CD2 . LEU D 2 2  ? 19.875  10.782  -15.109 1.00 18.16  ? 7   LEU D CD2 1 
ATOM   1314 N N   . SER D 2 3  ? 22.535  10.129  -11.324 1.00 13.81  ? 8   SER D N   1 
ATOM   1315 C CA  . SER D 2 3  ? 23.073  10.387  -9.999  1.00 13.60  ? 8   SER D CA  1 
ATOM   1316 C C   . SER D 2 3  ? 21.945  10.590  -8.985  1.00 13.16  ? 8   SER D C   1 
ATOM   1317 O O   . SER D 2 3  ? 20.778  10.790  -9.342  1.00 12.07  ? 8   SER D O   1 
ATOM   1318 C CB  . SER D 2 3  ? 23.977  11.612  -10.031 1.00 13.81  ? 8   SER D CB  1 
ATOM   1319 O OG  . SER D 2 3  ? 23.203  12.768  -10.255 1.00 14.45  ? 8   SER D OG  1 
ATOM   1320 N N   . ILE D 2 4  ? 22.294  10.521  -7.711  1.00 12.98  ? 9   ILE D N   1 
ATOM   1321 C CA  . ILE D 2 4  ? 21.350  10.859  -6.654  1.00 13.21  ? 9   ILE D CA  1 
ATOM   1322 C C   . ILE D 2 4  ? 20.823  12.283  -6.863  1.00 12.88  ? 9   ILE D C   1 
ATOM   1323 O O   . ILE D 2 4  ? 19.618  12.537  -6.771  1.00 12.73  ? 9   ILE D O   1 
ATOM   1324 C CB  . ILE D 2 4  ? 22.010  10.733  -5.266  1.00 13.42  ? 9   ILE D CB  1 
ATOM   1325 C CG1 . ILE D 2 4  ? 22.450  9.283   -5.009  1.00 13.79  ? 9   ILE D CG1 1 
ATOM   1326 C CG2 . ILE D 2 4  ? 21.070  11.234  -4.176  1.00 15.27  ? 9   ILE D CG2 1 
ATOM   1327 C CD1 . ILE D 2 4  ? 23.360  9.114   -3.815  1.00 15.43  ? 9   ILE D CD1 1 
ATOM   1328 N N   . GLU D 2 5  ? 21.732  13.204  -7.171  1.00 12.83  ? 10  GLU D N   1 
ATOM   1329 C CA  . GLU D 2 5  ? 21.354  14.598  -7.359  1.00 13.46  ? 10  GLU D CA  1 
ATOM   1330 C C   . GLU D 2 5  ? 20.387  14.779  -8.526  1.00 13.47  ? 10  GLU D C   1 
ATOM   1331 O O   . GLU D 2 5  ? 19.352  15.421  -8.371  1.00 14.14  ? 10  GLU D O   1 
ATOM   1332 C CB  . GLU D 2 5  ? 22.589  15.480  -7.516  1.00 13.65  ? 10  GLU D CB  1 
ATOM   1333 C CG  . GLU D 2 5  ? 22.275  16.973  -7.529  1.00 14.10  ? 10  GLU D CG  1 
ATOM   1334 C CD  . GLU D 2 5  ? 21.649  17.479  -6.226  1.00 14.60  ? 10  GLU D CD  1 
ATOM   1335 O OE1 . GLU D 2 5  ? 21.819  16.837  -5.163  1.00 14.37  ? 10  GLU D OE1 1 
ATOM   1336 O OE2 . GLU D 2 5  ? 20.986  18.539  -6.274  1.00 15.31  ? 10  GLU D OE2 1 
ATOM   1337 N N   . GLU D 2 6  ? 20.702  14.169  -9.669  1.00 13.18  ? 11  GLU D N   1 
ATOM   1338 C CA  . GLU D 2 6  ? 19.828  14.244  -10.840 1.00 14.26  ? 11  GLU D CA  1 
ATOM   1339 C C   . GLU D 2 6  ? 18.458  13.622  -10.556 1.00 13.68  ? 11  GLU D C   1 
ATOM   1340 O O   . GLU D 2 6  ? 17.439  14.097  -11.055 1.00 13.40  ? 11  GLU D O   1 
ATOM   1341 C CB  . GLU D 2 6  ? 20.483  13.561  -12.038 1.00 14.43  ? 11  GLU D CB  1 
ATOM   1342 C CG  . GLU D 2 6  ? 21.667  14.308  -12.649 1.00 16.53  ? 11  GLU D CG  1 
ATOM   1343 C CD  . GLU D 2 6  ? 22.428  13.467  -13.665 1.00 18.20  ? 11  GLU D CD  1 
ATOM   1344 O OE1 . GLU D 2 6  ? 22.915  14.041  -14.660 1.00 21.32  ? 11  GLU D OE1 1 
ATOM   1345 O OE2 . GLU D 2 6  ? 22.543  12.229  -13.477 1.00 20.79  ? 11  GLU D OE2 1 
ATOM   1346 N N   . THR D 2 7  ? 18.437  12.555  -9.758  1.00 12.76  ? 12  THR D N   1 
ATOM   1347 C CA  . THR D 2 7  ? 17.172  11.935  -9.373  1.00 12.57  ? 12  THR D CA  1 
ATOM   1348 C C   . THR D 2 7  ? 16.356  12.877  -8.480  1.00 12.53  ? 12  THR D C   1 
ATOM   1349 O O   . THR D 2 7  ? 15.151  13.047  -8.685  1.00 12.13  ? 12  THR D O   1 
ATOM   1350 C CB  . THR D 2 7  ? 17.378  10.572  -8.686  1.00 12.13  ? 12  THR D CB  1 
ATOM   1351 O OG1 . THR D 2 7  ? 18.145  9.711   -9.547  1.00 11.50  ? 12  THR D OG1 1 
ATOM   1352 C CG2 . THR D 2 7  ? 16.029  9.913   -8.406  1.00 12.72  ? 12  THR D CG2 1 
ATOM   1353 N N   . ASN D 2 8  ? 17.020  13.503  -7.507  1.00 12.49  ? 13  ASN D N   1 
ATOM   1354 C CA  . ASN D 2 8  ? 16.344  14.463  -6.640  1.00 13.35  ? 13  ASN D CA  1 
ATOM   1355 C C   . ASN D 2 8  ? 15.805  15.666  -7.395  1.00 13.99  ? 13  ASN D C   1 
ATOM   1356 O O   . ASN D 2 8  ? 14.768  16.212  -7.032  1.00 14.03  ? 13  ASN D O   1 
ATOM   1357 C CB  . ASN D 2 8  ? 17.242  14.875  -5.469  1.00 13.23  ? 13  ASN D CB  1 
ATOM   1358 C CG  . ASN D 2 8  ? 17.027  14.000  -4.248  1.00 13.97  ? 13  ASN D CG  1 
ATOM   1359 O OD1 . ASN D 2 8  ? 16.056  13.240  -4.186  1.00 14.69  ? 13  ASN D OD1 1 
ATOM   1360 N ND2 . ASN D 2 8  ? 17.918  14.107  -3.271  1.00 13.65  ? 13  ASN D ND2 1 
ATOM   1361 N N   . GLU D 2 9  ? 16.498  16.050  -8.460  1.00 14.40  ? 14  GLU D N   1 
ATOM   1362 C CA  . GLU D 2 9  ? 16.027  17.118  -9.333  1.00 15.77  ? 14  GLU D CA  1 
ATOM   1363 C C   . GLU D 2 9  ? 14.672  16.736  -9.937  1.00 15.68  ? 14  GLU D C   1 
ATOM   1364 O O   . GLU D 2 9  ? 13.738  17.537  -9.934  1.00 16.20  ? 14  GLU D O   1 
ATOM   1365 C CB  . GLU D 2 9  ? 17.065  17.375  -10.417 1.00 16.38  ? 14  GLU D CB  1 
ATOM   1366 C CG  . GLU D 2 9  ? 16.782  18.552  -11.319 1.00 19.16  ? 14  GLU D CG  1 
ATOM   1367 C CD  . GLU D 2 9  ? 18.008  18.973  -12.105 1.00 22.24  ? 14  GLU D CD  1 
ATOM   1368 O OE1 . GLU D 2 9  ? 18.110  20.174  -12.418 1.00 24.62  ? 14  GLU D OE1 1 
ATOM   1369 O OE2 . GLU D 2 9  ? 18.874  18.116  -12.397 1.00 23.73  ? 14  GLU D OE2 1 
ATOM   1370 N N   . ILE D 2 10 ? 14.563  15.501  -10.429 1.00 15.47  ? 15  ILE D N   1 
ATOM   1371 C CA  . ILE D 2 10 ? 13.300  14.982  -10.952 1.00 15.45  ? 15  ILE D CA  1 
ATOM   1372 C C   . ILE D 2 10 ? 12.208  14.939  -9.878  1.00 15.17  ? 15  ILE D C   1 
ATOM   1373 O O   . ILE D 2 10 ? 11.074  15.368  -10.113 1.00 14.85  ? 15  ILE D O   1 
ATOM   1374 C CB  . ILE D 2 10 ? 13.478  13.576  -11.582 1.00 15.60  ? 15  ILE D CB  1 
ATOM   1375 C CG1 . ILE D 2 10 ? 14.280  13.682  -12.886 1.00 15.94  ? 15  ILE D CG1 1 
ATOM   1376 C CG2 . ILE D 2 10 ? 12.122  12.937  -11.852 1.00 16.23  ? 15  ILE D CG2 1 
ATOM   1377 C CD1 . ILE D 2 10 ? 14.712  12.322  -13.450 1.00 16.35  ? 15  ILE D CD1 1 
ATOM   1378 N N   . ARG D 2 11 ? 12.555  14.430  -8.699  1.00 14.99  ? 16  ARG D N   1 
ATOM   1379 C CA  . ARG D 2 11 ? 11.596  14.325  -7.600  1.00 15.13  ? 16  ARG D CA  1 
ATOM   1380 C C   . ARG D 2 11 ? 11.052  15.704  -7.213  1.00 16.01  ? 16  ARG D C   1 
ATOM   1381 O O   . ARG D 2 11 ? 9.851   15.856  -6.994  1.00 16.05  ? 16  ARG D O   1 
ATOM   1382 C CB  . ARG D 2 11 ? 12.230  13.646  -6.387  1.00 14.02  ? 16  ARG D CB  1 
ATOM   1383 C CG  . ARG D 2 11 ? 12.568  12.163  -6.592  1.00 12.78  ? 16  ARG D CG  1 
ATOM   1384 C CD  . ARG D 2 11 ? 13.297  11.609  -5.386  1.00 12.98  ? 16  ARG D CD  1 
ATOM   1385 N NE  . ARG D 2 11 ? 12.424  11.460  -4.221  1.00 13.26  ? 16  ARG D NE  1 
ATOM   1386 C CZ  . ARG D 2 11 ? 11.756  10.354  -3.907  1.00 12.11  ? 16  ARG D CZ  1 
ATOM   1387 N NH1 . ARG D 2 11 ? 10.992  10.332  -2.820  1.00 13.69  ? 16  ARG D NH1 1 
ATOM   1388 N NH2 . ARG D 2 11 ? 11.848  9.271   -4.681  1.00 12.41  ? 16  ARG D NH2 1 
ATOM   1389 N N   . GLU D 2 12 ? 11.946  16.691  -7.133  1.00 17.20  ? 17  GLU D N   1 
ATOM   1390 C CA  . GLU D 2 12 ? 11.564  18.077  -6.838  1.00 18.66  ? 17  GLU D CA  1 
ATOM   1391 C C   . GLU D 2 12 ? 10.597  18.629  -7.878  1.00 18.79  ? 17  GLU D C   1 
ATOM   1392 O O   . GLU D 2 12 ? 9.569   19.219  -7.526  1.00 18.87  ? 17  GLU D O   1 
ATOM   1393 C CB  . GLU D 2 12 ? 12.804  18.963  -6.731  1.00 19.16  ? 17  GLU D CB  1 
ATOM   1394 C CG  . GLU D 2 12 ? 13.252  19.220  -5.311  1.00 23.05  ? 17  GLU D CG  1 
ATOM   1395 C CD  . GLU D 2 12 ? 14.663  19.762  -5.219  1.00 26.78  ? 17  GLU D CD  1 
ATOM   1396 O OE1 . GLU D 2 12 ? 15.374  19.354  -4.278  1.00 28.14  ? 17  GLU D OE1 1 
ATOM   1397 O OE2 . GLU D 2 12 ? 15.062  20.582  -6.079  1.00 28.37  ? 17  GLU D OE2 1 
ATOM   1398 N N   . LYS D 2 13 ? 10.915  18.421  -9.155  1.00 18.86  ? 18  LYS D N   1 
ATOM   1399 C CA  . LYS D 2 13 ? 10.040  18.843  -10.250 1.00 19.29  ? 18  LYS D CA  1 
ATOM   1400 C C   . LYS D 2 13 ? 8.635   18.261  -10.102 1.00 19.31  ? 18  LYS D C   1 
ATOM   1401 O O   . LYS D 2 13 ? 7.642   18.921  -10.413 1.00 19.81  ? 18  LYS D O   1 
ATOM   1402 C CB  . LYS D 2 13 ? 10.634  18.455  -11.606 1.00 19.68  ? 18  LYS D CB  1 
ATOM   1403 N N   . LEU D 2 14 ? 8.562   17.025  -9.615  1.00 19.13  ? 19  LEU D N   1 
ATOM   1404 C CA  . LEU D 2 14 ? 7.295   16.332  -9.419  1.00 18.70  ? 19  LEU D CA  1 
ATOM   1405 C C   . LEU D 2 14 ? 6.617   16.659  -8.093  1.00 18.78  ? 19  LEU D C   1 
ATOM   1406 O O   . LEU D 2 14 ? 5.545   16.130  -7.795  1.00 18.93  ? 19  LEU D O   1 
ATOM   1407 C CB  . LEU D 2 14 ? 7.514   14.821  -9.531  1.00 18.52  ? 19  LEU D CB  1 
ATOM   1408 C CG  . LEU D 2 14 ? 7.967   14.341  -10.907 1.00 17.67  ? 19  LEU D CG  1 
ATOM   1409 C CD1 . LEU D 2 14 ? 8.510   12.921  -10.800 1.00 17.55  ? 19  LEU D CD1 1 
ATOM   1410 C CD2 . LEU D 2 14 ? 6.830   14.424  -11.909 1.00 16.91  ? 19  LEU D CD2 1 
ATOM   1411 N N   . GLY D 2 15 ? 7.250   17.517  -7.296  1.00 18.64  ? 20  GLY D N   1 
ATOM   1412 C CA  . GLY D 2 15 ? 6.699   17.926  -6.001  1.00 18.76  ? 20  GLY D CA  1 
ATOM   1413 C C   . GLY D 2 15 ? 6.823   16.862  -4.927  1.00 18.58  ? 20  GLY D C   1 
ATOM   1414 O O   . GLY D 2 15 ? 6.103   16.895  -3.928  1.00 19.09  ? 20  GLY D O   1 
ATOM   1415 N N   . MET D 2 16 ? 7.740   15.915  -5.135  1.00 18.24  ? 21  MET D N   1 
ATOM   1416 C CA  . MET D 2 16 ? 7.975   14.837  -4.176  1.00 17.99  ? 21  MET D CA  1 
ATOM   1417 C C   . MET D 2 16 ? 9.024   15.204  -3.139  1.00 18.33  ? 21  MET D C   1 
ATOM   1418 O O   . MET D 2 16 ? 9.810   16.133  -3.339  1.00 18.48  ? 21  MET D O   1 
ATOM   1419 C CB  . MET D 2 16 ? 8.449   13.575  -4.901  1.00 17.91  ? 21  MET D CB  1 
ATOM   1420 C CG  . MET D 2 16 ? 7.460   12.999  -5.893  1.00 17.58  ? 21  MET D CG  1 
ATOM   1421 S SD  . MET D 2 16 ? 8.179   11.686  -6.896  1.00 17.34  ? 21  MET D SD  1 
ATOM   1422 C CE  . MET D 2 16 ? 8.552   10.446  -5.658  1.00 18.48  ? 21  MET D CE  1 
ATOM   1423 N N   . LYS D 2 17 ? 9.035   14.450  -2.042  1.00 18.50  ? 22  LYS D N   1 
ATOM   1424 C CA  . LYS D 2 17 ? 10.049  14.577  -1.002  1.00 18.88  ? 22  LYS D CA  1 
ATOM   1425 C C   . LYS D 2 17 ? 11.396  14.142  -1.558  1.00 18.81  ? 22  LYS D C   1 
ATOM   1426 O O   . LYS D 2 17 ? 11.457  13.201  -2.352  1.00 18.53  ? 22  LYS D O   1 
ATOM   1427 C CB  . LYS D 2 17 ? 9.689   13.699  0.196   1.00 19.36  ? 22  LYS D CB  1 
ATOM   1428 N N   . PRO D 2 18 ? 12.481  14.826  -1.164  1.00 18.75  ? 23  PRO D N   1 
ATOM   1429 C CA  . PRO D 2 18 ? 13.808  14.431  -1.633  1.00 18.96  ? 23  PRO D CA  1 
ATOM   1430 C C   . PRO D 2 18 ? 14.274  13.134  -0.990  1.00 18.91  ? 23  PRO D C   1 
ATOM   1431 O O   . PRO D 2 18 ? 13.918  12.850  0.155   1.00 19.19  ? 23  PRO D O   1 
ATOM   1432 C CB  . PRO D 2 18 ? 14.712  15.586  -1.167  1.00 19.25  ? 23  PRO D CB  1 
ATOM   1433 C CG  . PRO D 2 18 ? 13.789  16.682  -0.743  1.00 19.61  ? 23  PRO D CG  1 
ATOM   1434 C CD  . PRO D 2 18 ? 12.543  16.010  -0.288  1.00 19.03  ? 23  PRO D CD  1 
ATOM   1435 N N   . ILE D 2 19 ? 15.053  12.350  -1.734  1.00 18.31  ? 24  ILE D N   1 
ATOM   1436 C CA  . ILE D 2 19 ? 15.837  11.259  -1.162  1.00 19.06  ? 24  ILE D CA  1 
ATOM   1437 C C   . ILE D 2 19 ? 16.780  11.823  -0.096  1.00 21.10  ? 24  ILE D C   1 
ATOM   1438 O O   . ILE D 2 19 ? 17.332  12.915  -0.273  1.00 20.17  ? 24  ILE D O   1 
ATOM   1439 C CB  . ILE D 2 19 ? 16.656  10.530  -2.257  1.00 17.94  ? 24  ILE D CB  1 
ATOM   1440 C CG1 . ILE D 2 19 ? 15.732  9.736   -3.191  1.00 16.64  ? 24  ILE D CG1 1 
ATOM   1441 C CG2 . ILE D 2 19 ? 17.707  9.615   -1.627  1.00 18.41  ? 24  ILE D CG2 1 
ATOM   1442 C CD1 . ILE D 2 19 ? 16.350  9.409   -4.545  1.00 16.16  ? 24  ILE D CD1 1 
ATOM   1443 O OXT . ILE D 2 19 ? 17.005  11.221  0.959   1.00 19.98  ? 24  ILE D OXT 1 
HETATM 1444 O O   . HOH E 3 .  ? -8.052  -0.880  -4.862  1.00 6.85   ? 74  HOH A O   1 
HETATM 1445 O O   . HOH E 3 .  ? -12.838 7.707   2.191   1.00 23.31  ? 75  HOH A O   1 
HETATM 1446 O O   . HOH E 3 .  ? -19.604 -4.883  11.757  1.00 13.95  ? 76  HOH A O   1 
HETATM 1447 O O   . HOH E 3 .  ? -8.206  -14.196 5.565   1.00 22.82  ? 77  HOH A O   1 
HETATM 1448 O O   . HOH E 3 .  ? -14.856 -15.597 6.412   1.00 29.96  ? 78  HOH A O   1 
HETATM 1449 O O   . HOH E 3 .  ? -10.267 -0.598  -2.684  1.00 14.48  ? 79  HOH A O   1 
HETATM 1450 O O   . HOH E 3 .  ? -21.432 0.925   0.870   1.00 16.15  ? 80  HOH A O   1 
HETATM 1451 O O   . HOH E 3 .  ? -16.819 8.715   17.648  1.00 16.07  ? 81  HOH A O   1 
HETATM 1452 O O   . HOH E 3 .  ? -19.059 1.724   -7.410  1.00 14.08  ? 82  HOH A O   1 
HETATM 1453 O O   . HOH E 3 .  ? -10.055 3.324   -0.699  1.00 14.89  ? 83  HOH A O   1 
HETATM 1454 O O   . HOH E 3 .  ? -1.167  -5.977  4.702   1.00 31.68  ? 84  HOH A O   1 
HETATM 1455 O O   . HOH E 3 .  ? -8.723  -10.406 -2.557  1.00 22.74  ? 86  HOH A O   1 
HETATM 1456 O O   . HOH E 3 .  ? -4.789  -7.854  -3.806  1.00 16.95  ? 87  HOH A O   1 
HETATM 1457 O O   . HOH E 3 .  ? -1.682  -1.191  5.687   1.00 15.48  ? 88  HOH A O   1 
HETATM 1458 O O   . HOH E 3 .  ? -16.404 -13.370 3.888   1.00 17.00  ? 89  HOH A O   1 
HETATM 1459 O O   . HOH E 3 .  ? -9.418  -1.057  23.384  1.00 23.39  ? 90  HOH A O   1 
HETATM 1460 O O   . HOH E 3 .  ? -22.442 -2.288  11.472  1.00 29.24  ? 91  HOH A O   1 
HETATM 1461 O O   . HOH E 3 .  ? -17.866 7.595   9.962   1.00 15.06  ? 92  HOH A O   1 
HETATM 1462 O O   . HOH E 3 .  ? -2.265  -9.012  9.355   1.00 24.84  ? 93  HOH A O   1 
HETATM 1463 O O   . HOH E 3 .  ? -16.901 5.224   1.181   1.00 18.04  ? 94  HOH A O   1 
HETATM 1464 O O   . HOH E 3 .  ? -11.189 -14.730 3.240   1.00 31.28  ? 95  HOH A O   1 
HETATM 1465 O O   . HOH E 3 .  ? -7.616  -12.999 7.891   1.00 17.87  ? 96  HOH A O   1 
HETATM 1466 O O   . HOH E 3 .  ? -9.474  3.914   19.897  1.00 24.44  ? 97  HOH A O   1 
HETATM 1467 O O   . HOH E 3 .  ? -6.593  7.555   3.219   1.00 38.07  ? 98  HOH A O   1 
HETATM 1468 O O   . HOH E 3 .  ? -11.332 9.773   13.170  1.00 18.14  ? 99  HOH A O   1 
HETATM 1469 O O   . HOH E 3 .  ? -18.682 7.434   19.075  1.00 21.63  ? 100 HOH A O   1 
HETATM 1470 O O   . HOH E 3 .  ? -9.901  -6.336  14.924  1.00 17.44  ? 101 HOH A O   1 
HETATM 1471 O O   . HOH E 3 .  ? -22.714 6.312   19.075  1.00 102.47 ? 102 HOH A O   1 
HETATM 1472 O O   . HOH E 3 .  ? 3.013   -2.968  8.081   1.00 23.99  ? 103 HOH A O   1 
HETATM 1473 O O   . HOH E 3 .  ? -13.700 -4.189  -0.702  1.00 20.10  ? 104 HOH A O   1 
HETATM 1474 O O   . HOH E 3 .  ? -11.630 0.136   22.309  1.00 16.83  ? 105 HOH A O   1 
HETATM 1475 O O   . HOH E 3 .  ? -3.273  9.244   12.828  1.00 32.81  ? 106 HOH A O   1 
HETATM 1476 O O   . HOH E 3 .  ? -12.434 -8.714  -0.776  1.00 23.34  ? 107 HOH A O   1 
HETATM 1477 O O   . HOH E 3 .  ? -14.088 5.981   20.042  1.00 23.15  ? 108 HOH A O   1 
HETATM 1478 O O   . HOH E 3 .  ? -9.935  10.600  11.006  1.00 25.47  ? 109 HOH A O   1 
HETATM 1479 O O   . HOH E 3 .  ? -6.223  -7.441  20.373  1.00 27.09  ? 110 HOH A O   1 
HETATM 1480 O O   . HOH E 3 .  ? 2.075   -1.017  6.435   1.00 24.04  ? 111 HOH A O   1 
HETATM 1481 O O   . HOH E 3 .  ? 0.885   0.504   19.155  1.00 24.66  ? 112 HOH A O   1 
HETATM 1482 O O   . HOH E 3 .  ? -11.230 -9.640  -2.923  1.00 29.13  ? 113 HOH A O   1 
HETATM 1483 O O   . HOH E 3 .  ? -1.153  -7.552  7.242   1.00 24.37  ? 114 HOH A O   1 
HETATM 1484 O O   . HOH E 3 .  ? -6.999  -9.314  -4.453  1.00 23.59  ? 115 HOH A O   1 
HETATM 1485 O O   . HOH E 3 .  ? 2.010   4.924   21.514  1.00 23.22  ? 116 HOH A O   1 
HETATM 1486 O O   . HOH E 3 .  ? -6.094  7.098   0.733   1.00 29.45  ? 117 HOH A O   1 
HETATM 1487 O O   . HOH E 3 .  ? -4.992  -0.356  -5.168  1.00 17.63  ? 118 HOH A O   1 
HETATM 1488 O O   . HOH E 3 .  ? -20.032 1.583   17.790  1.00 30.17  ? 119 HOH A O   1 
HETATM 1489 O O   . HOH E 3 .  ? -19.404 9.131   2.436   1.00 22.62  ? 120 HOH A O   1 
HETATM 1490 O O   . HOH E 3 .  ? -10.105 6.116   -1.179  1.00 18.88  ? 121 HOH A O   1 
HETATM 1491 O O   . HOH E 3 .  ? -2.478  -9.545  -4.238  1.00 28.86  ? 123 HOH A O   1 
HETATM 1492 O O   . HOH E 3 .  ? -3.035  -14.727 0.898   1.00 48.45  ? 124 HOH A O   1 
HETATM 1493 O O   . HOH E 3 .  ? -4.142  -7.142  18.469  1.00 23.34  ? 125 HOH A O   1 
HETATM 1494 O O   . HOH E 3 .  ? -6.832  10.139  19.789  1.00 64.15  ? 126 HOH A O   1 
HETATM 1495 O O   . HOH E 3 .  ? -13.915 -4.033  -4.574  1.00 49.32  ? 127 HOH A O   1 
HETATM 1496 O O   . HOH E 3 .  ? -12.303 -1.876  -4.525  1.00 33.26  ? 130 HOH A O   1 
HETATM 1497 O O   . HOH E 3 .  ? -16.329 -3.374  -3.681  1.00 28.66  ? 131 HOH A O   1 
HETATM 1498 O O   . HOH E 3 .  ? 2.255   6.563   4.561   1.00 30.88  ? 132 HOH A O   1 
HETATM 1499 O O   . HOH E 3 .  ? -18.835 6.748   7.436   1.00 26.06  ? 134 HOH A O   1 
HETATM 1500 O O   . HOH E 3 .  ? -7.817  0.490   24.776  1.00 32.24  ? 140 HOH A O   1 
HETATM 1501 O O   . HOH E 3 .  ? -15.083 -16.177 9.009   1.00 36.78  ? 143 HOH A O   1 
HETATM 1502 O O   . HOH E 3 .  ? -19.445 0.959   20.903  1.00 33.90  ? 144 HOH A O   1 
HETATM 1503 O O   . HOH E 3 .  ? -10.745 -15.840 0.559   1.00 40.99  ? 153 HOH A O   1 
HETATM 1504 O O   . HOH E 3 .  ? 4.653   -2.704  11.455  1.00 39.47  ? 155 HOH A O   1 
HETATM 1505 O O   . HOH E 3 .  ? -2.130  1.115   22.254  1.00 28.40  ? 157 HOH A O   1 
HETATM 1506 O O   . HOH E 3 .  ? 0.092   -2.215  20.507  1.00 33.77  ? 159 HOH A O   1 
HETATM 1507 O O   . HOH E 3 .  ? -12.645 2.901   22.813  1.00 33.32  ? 160 HOH A O   1 
HETATM 1508 O O   . HOH E 3 .  ? -14.574 -1.240  1.996   1.00 28.43  ? 161 HOH A O   1 
HETATM 1509 O O   . HOH E 3 .  ? -2.174  -12.735 4.569   1.00 24.46  ? 162 HOH A O   1 
HETATM 1510 O O   . HOH E 3 .  ? -16.984 -16.920 5.337   1.00 34.07  ? 164 HOH A O   1 
HETATM 1511 O O   . HOH E 3 .  ? -1.184  3.343   23.562  1.00 30.56  ? 165 HOH A O   1 
HETATM 1512 O O   . HOH E 3 .  ? -25.288 -5.826  14.073  1.00 38.30  ? 169 HOH A O   1 
HETATM 1513 O O   . HOH E 3 .  ? -8.273  3.477   -7.264  1.00 28.93  ? 171 HOH A O   1 
HETATM 1514 O O   . HOH E 3 .  ? -17.664 0.437   25.774  1.00 57.31  ? 173 HOH A O   1 
HETATM 1515 O O   . HOH E 3 .  ? -8.480  -14.742 -0.475  1.00 52.57  ? 174 HOH A O   1 
HETATM 1516 O O   . HOH E 3 .  ? 0.162   -9.658  6.063   1.00 38.58  ? 176 HOH A O   1 
HETATM 1517 O O   . HOH E 3 .  ? -6.596  7.013   20.489  1.00 51.54  ? 177 HOH A O   1 
HETATM 1518 O O   . HOH E 3 .  ? -0.018  -7.699  14.963  1.00 45.60  ? 178 HOH A O   1 
HETATM 1519 O O   . HOH E 3 .  ? -9.380  10.471  14.937  1.00 28.59  ? 181 HOH A O   1 
HETATM 1520 O O   . HOH E 3 .  ? -16.167 5.116   21.844  1.00 32.67  ? 183 HOH A O   1 
HETATM 1521 O O   . HOH E 3 .  ? 1.440   -6.155  16.997  1.00 37.18  ? 189 HOH A O   1 
HETATM 1522 O O   . HOH E 3 .  ? -1.845  9.073   15.664  1.00 40.04  ? 190 HOH A O   1 
HETATM 1523 O O   . HOH E 3 .  ? 2.745   -5.254  6.191   1.00 35.66  ? 192 HOH A O   1 
HETATM 1524 O O   . HOH E 3 .  ? -0.157  7.919   19.009  1.00 32.77  ? 200 HOH A O   1 
HETATM 1525 O O   . HOH E 3 .  ? -1.667  -11.585 8.751   1.00 32.39  ? 201 HOH A O   1 
HETATM 1526 O O   . HOH E 3 .  ? -15.942 2.033   22.925  1.00 29.92  ? 202 HOH A O   1 
HETATM 1527 O O   . HOH E 3 .  ? -6.169  -11.526 -5.680  1.00 54.33  ? 207 HOH A O   1 
HETATM 1528 O O   . HOH E 3 .  ? 1.419   6.483   8.477   1.00 34.02  ? 212 HOH A O   1 
HETATM 1529 O O   . HOH E 3 .  ? -8.983  -13.161 -2.572  1.00 35.54  ? 215 HOH A O   1 
HETATM 1530 O O   . HOH E 3 .  ? 3.016   -0.815  18.590  1.00 30.01  ? 216 HOH A O   1 
HETATM 1531 O O   . HOH E 3 .  ? -11.775 5.019   21.054  1.00 37.95  ? 218 HOH A O   1 
HETATM 1532 O O   . HOH E 3 .  ? -11.645 9.715   5.343   1.00 36.56  ? 219 HOH A O   1 
HETATM 1533 O O   . HOH E 3 .  ? -8.660  9.555   -5.556  1.00 34.61  ? 220 HOH A O   1 
HETATM 1534 O O   . HOH E 3 .  ? -21.407 4.337   17.917  1.00 44.35  ? 223 HOH A O   1 
HETATM 1535 O O   . HOH E 3 .  ? 5.558   -2.025  8.589   1.00 40.89  ? 227 HOH A O   1 
HETATM 1536 O O   . HOH E 3 .  ? -10.240 9.342   8.661   1.00 57.88  ? 228 HOH A O   1 
HETATM 1537 O O   . HOH E 3 .  ? -18.366 -3.275  -5.430  1.00 38.57  ? 233 HOH A O   1 
HETATM 1538 O O   . HOH E 3 .  ? -8.914  8.328   6.572   1.00 30.20  ? 234 HOH A O   1 
HETATM 1539 O O   . HOH E 3 .  ? -14.647 -4.765  25.219  1.00 60.20  ? 235 HOH A O   1 
HETATM 1540 O O   . HOH E 3 .  ? -13.922 10.892  6.309   1.00 36.59  ? 239 HOH A O   1 
HETATM 1541 O O   . HOH E 3 .  ? -7.996  12.509  19.721  1.00 39.90  ? 243 HOH A O   1 
HETATM 1542 O O   . HOH E 3 .  ? 9.785   3.986   9.350   1.00 40.78  ? 245 HOH A O   1 
HETATM 1543 O O   . HOH E 3 .  ? -19.351 -1.370  -7.558  1.00 46.32  ? 247 HOH A O   1 
HETATM 1544 O O   . HOH E 3 .  ? 0.725   8.615   10.130  1.00 46.23  ? 248 HOH A O   1 
HETATM 1545 O O   . HOH E 3 .  ? -2.192  -1.571  22.305  1.00 42.97  ? 249 HOH A O   1 
HETATM 1546 O O   . HOH E 3 .  ? 3.282   3.663   7.005   1.00 49.34  ? 252 HOH A O   1 
HETATM 1547 O O   . HOH E 3 .  ? -8.058  11.115  8.220   1.00 53.97  ? 253 HOH A O   1 
HETATM 1548 O O   . HOH E 3 .  ? 1.625   -8.089  1.517   1.00 44.75  ? 254 HOH A O   1 
HETATM 1549 O O   . HOH E 3 .  ? -23.175 -3.187  18.037  1.00 73.55  ? 257 HOH A O   1 
HETATM 1550 O O   . HOH E 3 .  ? -14.493 -6.323  -3.302  1.00 31.13  ? 258 HOH A O   1 
HETATM 1551 O O   . HOH E 3 .  ? -5.733  -14.365 9.114   1.00 84.43  ? 259 HOH A O   1 
HETATM 1552 O O   . HOH E 3 .  ? -10.280 -2.985  25.269  1.00 40.87  ? 260 HOH A O   1 
HETATM 1553 O O   . HOH E 3 .  ? -8.789  8.526   -0.772  1.00 35.93  ? 272 HOH A O   1 
HETATM 1554 O O   . HOH E 3 .  ? -13.435 12.331  4.241   1.00 105.43 ? 273 HOH A O   1 
HETATM 1555 O O   . HOH E 3 .  ? -8.608  -7.698  -5.858  1.00 38.22  ? 277 HOH A O   1 
HETATM 1556 O O   . HOH E 3 .  ? 1.115   7.220   2.066   1.00 54.07  ? 280 HOH A O   1 
HETATM 1557 O O   . HOH E 3 .  ? -10.481 -5.803  -5.835  1.00 45.13  ? 286 HOH A O   1 
HETATM 1558 O O   . HOH E 3 .  ? -24.326 -3.266  14.182  1.00 39.71  ? 287 HOH A O   1 
HETATM 1559 O O   . HOH F 3 .  ? 9.687   -6.450  -19.390 1.00 28.64  ? 74  HOH B O   1 
HETATM 1560 O O   . HOH F 3 .  ? 17.322  7.378   -10.817 1.00 10.22  ? 75  HOH B O   1 
HETATM 1561 O O   . HOH F 3 .  ? 1.339   -0.379  -13.342 1.00 18.03  ? 76  HOH B O   1 
HETATM 1562 O O   . HOH F 3 .  ? 18.749  -5.896  -1.803  1.00 11.79  ? 77  HOH B O   1 
HETATM 1563 O O   . HOH F 3 .  ? 12.794  8.637   -7.160  1.00 12.89  ? 78  HOH B O   1 
HETATM 1564 O O   . HOH F 3 .  ? 19.619  5.957   -11.483 1.00 12.48  ? 79  HOH B O   1 
HETATM 1565 O O   . HOH F 3 .  ? 16.086  -7.706  -18.179 1.00 23.00  ? 80  HOH B O   1 
HETATM 1566 O O   . HOH F 3 .  ? 0.671   10.703  -17.843 1.00 23.99  ? 81  HOH B O   1 
HETATM 1567 O O   . HOH F 3 .  ? 6.573   12.334  -17.803 1.00 25.81  ? 82  HOH B O   1 
HETATM 1568 O O   . HOH F 3 .  ? -4.101  1.779   -6.733  1.00 17.39  ? 83  HOH B O   1 
HETATM 1569 O O   . HOH F 3 .  ? 6.252   -3.050  -24.332 1.00 14.92  ? 84  HOH B O   1 
HETATM 1570 O O   . HOH F 3 .  ? 18.767  -7.035  -9.568  1.00 13.79  ? 85  HOH B O   1 
HETATM 1571 O O   . HOH F 3 .  ? 19.883  3.358   -15.666 1.00 19.78  ? 86  HOH B O   1 
HETATM 1572 O O   . HOH F 3 .  ? 11.964  12.948  -19.995 1.00 23.96  ? 87  HOH B O   1 
HETATM 1573 O O   . HOH F 3 .  ? 11.482  -8.663  -2.689  1.00 17.36  ? 88  HOH B O   1 
HETATM 1574 O O   . HOH F 3 .  ? 4.258   13.421  -14.207 1.00 27.90  ? 89  HOH B O   1 
HETATM 1575 O O   . HOH F 3 .  ? -2.908  1.695   -11.033 1.00 19.75  ? 90  HOH B O   1 
HETATM 1576 O O   . HOH F 3 .  ? 16.235  -2.854  0.113   1.00 15.88  ? 91  HOH B O   1 
HETATM 1577 O O   . HOH F 3 .  ? 11.730  -1.069  0.021   1.00 19.24  ? 92  HOH B O   1 
HETATM 1578 O O   . HOH F 3 .  ? 12.966  -8.562  -5.103  1.00 15.12  ? 93  HOH B O   1 
HETATM 1579 O O   . HOH F 3 .  ? 4.541   2.043   2.915   1.00 26.07  ? 94  HOH B O   1 
HETATM 1580 O O   . HOH F 3 .  ? 11.277  4.642   2.363   1.00 21.15  ? 95  HOH B O   1 
HETATM 1581 O O   . HOH F 3 .  ? 17.047  -6.727  -27.465 1.00 17.16  ? 96  HOH B O   1 
HETATM 1582 O O   . HOH F 3 .  ? -1.564  -6.741  -8.559  1.00 29.54  ? 97  HOH B O   1 
HETATM 1583 O O   . HOH F 3 .  ? 5.058   8.777   -3.176  1.00 17.37  ? 98  HOH B O   1 
HETATM 1584 O O   . HOH F 3 .  ? 18.420  -1.592  1.290   1.00 20.60  ? 99  HOH B O   1 
HETATM 1585 O O   . HOH F 3 .  ? 9.550   -10.465 -3.555  1.00 22.00  ? 100 HOH B O   1 
HETATM 1586 O O   . HOH F 3 .  ? 13.502  3.006   1.295   1.00 19.74  ? 101 HOH B O   1 
HETATM 1587 O O   . HOH F 3 .  ? 10.202  7.260   -7.103  1.00 15.61  ? 102 HOH B O   1 
HETATM 1588 O O   . HOH F 3 .  ? 20.849  -4.180  -1.355  1.00 15.05  ? 103 HOH B O   1 
HETATM 1589 O O   . HOH F 3 .  ? 13.957  1.099   -20.990 1.00 32.29  ? 104 HOH B O   1 
HETATM 1590 O O   . HOH F 3 .  ? 4.269   4.758   2.053   1.00 23.10  ? 105 HOH B O   1 
HETATM 1591 O O   . HOH F 3 .  ? -2.129  -0.600  -12.268 1.00 23.11  ? 106 HOH B O   1 
HETATM 1592 O O   . HOH F 3 .  ? 6.259   11.870  -15.144 1.00 17.99  ? 107 HOH B O   1 
HETATM 1593 O O   . HOH F 3 .  ? 9.165   12.589  -20.361 1.00 27.75  ? 108 HOH B O   1 
HETATM 1594 O O   . HOH F 3 .  ? 0.687   -1.540  4.194   1.00 21.12  ? 109 HOH B O   1 
HETATM 1595 O O   . HOH F 3 .  ? 1.721   8.028   -12.220 1.00 20.31  ? 110 HOH B O   1 
HETATM 1596 O O   . HOH F 3 .  ? 20.768  -3.686  -20.001 1.00 21.99  ? 111 HOH B O   1 
HETATM 1597 O O   . HOH F 3 .  ? 0.400   4.063   -15.390 1.00 29.39  ? 112 HOH B O   1 
HETATM 1598 O O   . HOH F 3 .  ? 11.347  -10.041 -6.807  1.00 18.47  ? 113 HOH B O   1 
HETATM 1599 O O   . HOH F 3 .  ? 2.349   3.460   -24.731 1.00 18.00  ? 114 HOH B O   1 
HETATM 1600 O O   . HOH F 3 .  ? 8.839   -2.638  -22.614 1.00 19.62  ? 115 HOH B O   1 
HETATM 1601 O O   . HOH F 3 .  ? 7.338   9.624   -1.617  1.00 21.33  ? 116 HOH B O   1 
HETATM 1602 O O   . HOH F 3 .  ? 6.433   -9.318  -14.349 1.00 33.93  ? 117 HOH B O   1 
HETATM 1603 O O   . HOH F 3 .  ? 0.155   6.197   -13.424 1.00 21.09  ? 118 HOH B O   1 
HETATM 1604 O O   . HOH F 3 .  ? 25.833  7.847   -8.950  1.00 23.69  ? 119 HOH B O   1 
HETATM 1605 O O   . HOH F 3 .  ? 0.987   0.952   0.324   1.00 24.66  ? 120 HOH B O   1 
HETATM 1606 O O   . HOH F 3 .  ? 6.133   6.713   -24.720 1.00 28.30  ? 121 HOH B O   1 
HETATM 1607 O O   . HOH F 3 .  ? 4.176   8.518   -27.874 1.00 46.73  ? 122 HOH B O   1 
HETATM 1608 O O   . HOH F 3 .  ? 11.179  -9.315  -9.493  1.00 22.96  ? 123 HOH B O   1 
HETATM 1609 O O   . HOH F 3 .  ? 22.647  3.196   -11.458 1.00 28.36  ? 124 HOH B O   1 
HETATM 1610 O O   . HOH F 3 .  ? 6.239   -8.533  -24.325 1.00 79.03  ? 125 HOH B O   1 
HETATM 1611 O O   . HOH F 3 .  ? 1.286   5.038   -1.486  1.00 29.60  ? 126 HOH B O   1 
HETATM 1612 O O   . HOH F 3 .  ? 22.155  -1.166  -15.468 1.00 82.01  ? 127 HOH B O   1 
HETATM 1613 O O   . HOH F 3 .  ? 3.136   0.676   -27.830 1.00 35.08  ? 128 HOH B O   1 
HETATM 1614 O O   . HOH F 3 .  ? 9.820   -8.229  1.875   1.00 92.71  ? 129 HOH B O   1 
HETATM 1615 O O   . HOH F 3 .  ? -2.882  4.915   -19.035 1.00 34.54  ? 135 HOH B O   1 
HETATM 1616 O O   . HOH F 3 .  ? 2.471   -5.551  1.868   1.00 30.68  ? 138 HOH B O   1 
HETATM 1617 O O   . HOH F 3 .  ? 7.901   -11.431 -7.614  1.00 34.77  ? 139 HOH B O   1 
HETATM 1618 O O   . HOH F 3 .  ? 3.562   -7.763  -1.350  1.00 25.51  ? 141 HOH B O   1 
HETATM 1619 O O   . HOH F 3 .  ? 21.116  1.490   -4.131  1.00 39.17  ? 142 HOH B O   1 
HETATM 1620 O O   . HOH F 3 .  ? 19.365  -6.769  -12.336 1.00 26.54  ? 145 HOH B O   1 
HETATM 1621 O O   . HOH F 3 .  ? 4.388   4.724   -26.056 1.00 27.34  ? 147 HOH B O   1 
HETATM 1622 O O   . HOH F 3 .  ? -3.151  6.413   -1.746  1.00 44.72  ? 148 HOH B O   1 
HETATM 1623 O O   . HOH F 3 .  ? 17.670  10.170  -17.609 1.00 34.08  ? 149 HOH B O   1 
HETATM 1624 O O   . HOH F 3 .  ? 1.328   9.413   -8.314  1.00 29.64  ? 150 HOH B O   1 
HETATM 1625 O O   . HOH F 3 .  ? 21.475  -5.674  -9.775  1.00 35.07  ? 151 HOH B O   1 
HETATM 1626 O O   . HOH F 3 .  ? 8.828   -4.828  2.240   1.00 29.32  ? 152 HOH B O   1 
HETATM 1627 O O   . HOH F 3 .  ? 9.566   -8.977  -25.905 1.00 33.77  ? 154 HOH B O   1 
HETATM 1628 O O   . HOH F 3 .  ? 19.935  4.056   9.402   1.00 27.89  ? 156 HOH B O   1 
HETATM 1629 O O   . HOH F 3 .  ? 16.526  2.063   -21.803 1.00 32.01  ? 158 HOH B O   1 
HETATM 1630 O O   . HOH F 3 .  ? 1.944   4.930   0.862   1.00 35.35  ? 163 HOH B O   1 
HETATM 1631 O O   . HOH F 3 .  ? 3.068   9.452   -1.447  1.00 32.10  ? 166 HOH B O   1 
HETATM 1632 O O   . HOH F 3 .  ? 12.252  -10.485 -11.946 1.00 35.28  ? 172 HOH B O   1 
HETATM 1633 O O   . HOH F 3 .  ? -0.131  4.427   -25.314 1.00 32.47  ? 179 HOH B O   1 
HETATM 1634 O O   . HOH F 3 .  ? 0.559   9.577   -28.214 1.00 42.04  ? 180 HOH B O   1 
HETATM 1635 O O   . HOH F 3 .  ? -5.101  1.505   -9.334  1.00 26.65  ? 182 HOH B O   1 
HETATM 1636 O O   . HOH F 3 .  ? 10.239  -2.086  -24.811 1.00 45.97  ? 185 HOH B O   1 
HETATM 1637 O O   . HOH F 3 .  ? 12.742  -8.802  -15.728 1.00 31.17  ? 188 HOH B O   1 
HETATM 1638 O O   . HOH F 3 .  ? 3.706   -8.469  -6.937  1.00 37.13  ? 191 HOH B O   1 
HETATM 1639 O O   . HOH F 3 .  ? 10.455  5.682   -23.574 1.00 31.83  ? 194 HOH B O   1 
HETATM 1640 O O   . HOH F 3 .  ? 18.268  5.659   -17.303 1.00 29.92  ? 195 HOH B O   1 
HETATM 1641 O O   . HOH F 3 .  ? 3.838   0.120   4.729   1.00 29.62  ? 196 HOH B O   1 
HETATM 1642 O O   . HOH F 3 .  ? 5.645   -9.415  -16.798 1.00 38.66  ? 197 HOH B O   1 
HETATM 1643 O O   . HOH F 3 .  ? 14.405  12.854  -22.101 1.00 39.99  ? 198 HOH B O   1 
HETATM 1644 O O   . HOH F 3 .  ? 14.942  -0.545  -25.209 1.00 43.32  ? 199 HOH B O   1 
HETATM 1645 O O   . HOH F 3 .  ? -0.826  10.168  -15.570 1.00 38.05  ? 203 HOH B O   1 
HETATM 1646 O O   . HOH F 3 .  ? 12.125  1.756   -22.777 1.00 32.39  ? 204 HOH B O   1 
HETATM 1647 O O   . HOH F 3 .  ? 5.647   -3.071  3.949   1.00 36.99  ? 205 HOH B O   1 
HETATM 1648 O O   . HOH F 3 .  ? 13.755  5.086   -23.416 1.00 63.71  ? 208 HOH B O   1 
HETATM 1649 O O   . HOH F 3 .  ? -0.814  -8.630  -6.474  1.00 41.14  ? 210 HOH B O   1 
HETATM 1650 O O   . HOH F 3 .  ? 0.700   10.609  -13.347 1.00 34.94  ? 211 HOH B O   1 
HETATM 1651 O O   . HOH F 3 .  ? 13.242  15.764  -15.823 1.00 39.69  ? 213 HOH B O   1 
HETATM 1652 O O   . HOH F 3 .  ? 17.407  5.795   -19.821 1.00 53.49  ? 214 HOH B O   1 
HETATM 1653 O O   . HOH F 3 .  ? 24.645  5.460   -9.436  1.00 38.64  ? 217 HOH B O   1 
HETATM 1654 O O   . HOH F 3 .  ? -0.822  7.786   -8.189  1.00 42.83  ? 222 HOH B O   1 
HETATM 1655 O O   . HOH F 3 .  ? 15.506  8.104   5.889   1.00 45.66  ? 224 HOH B O   1 
HETATM 1656 O O   . HOH F 3 .  ? 4.594   12.777  -3.747  1.00 39.61  ? 225 HOH B O   1 
HETATM 1657 O O   . HOH F 3 .  ? 23.891  1.215   -9.575  1.00 48.73  ? 229 HOH B O   1 
HETATM 1658 O O   . HOH F 3 .  ? 19.798  -9.832  -12.433 1.00 38.92  ? 241 HOH B O   1 
HETATM 1659 O O   . HOH F 3 .  ? 4.357   -10.780 -21.851 1.00 76.43  ? 242 HOH B O   1 
HETATM 1660 O O   . HOH F 3 .  ? 20.301  1.426   8.036   1.00 75.44  ? 244 HOH B O   1 
HETATM 1661 O O   . HOH F 3 .  ? 15.120  0.711   2.383   1.00 29.27  ? 246 HOH B O   1 
HETATM 1662 O O   . HOH F 3 .  ? -2.975  3.532   -13.071 1.00 36.82  ? 250 HOH B O   1 
HETATM 1663 O O   . HOH F 3 .  ? 10.271  3.216   4.372   1.00 37.13  ? 251 HOH B O   1 
HETATM 1664 O O   . HOH F 3 .  ? 5.031   -5.529  -25.271 1.00 37.47  ? 255 HOH B O   1 
HETATM 1665 O O   . HOH F 3 .  ? 17.679  13.083  -17.492 1.00 39.22  ? 256 HOH B O   1 
HETATM 1666 O O   . HOH F 3 .  ? 12.965  0.815   -26.920 1.00 42.92  ? 261 HOH B O   1 
HETATM 1667 O O   . HOH F 3 .  ? 20.193  13.942  -17.752 1.00 50.38  ? 262 HOH B O   1 
HETATM 1668 O O   . HOH F 3 .  ? 4.922   6.306   4.132   1.00 34.68  ? 263 HOH B O   1 
HETATM 1669 O O   . HOH F 3 .  ? 14.540  7.468   3.445   1.00 57.43  ? 264 HOH B O   1 
HETATM 1670 O O   . HOH F 3 .  ? 1.259   10.380  -23.225 1.00 71.12  ? 269 HOH B O   1 
HETATM 1671 O O   . HOH F 3 .  ? 15.405  -5.692  -19.376 1.00 56.88  ? 271 HOH B O   1 
HETATM 1672 O O   . HOH F 3 .  ? -1.636  7.602   -15.046 1.00 40.10  ? 278 HOH B O   1 
HETATM 1673 O O   . HOH F 3 .  ? -6.179  8.207   -8.096  1.00 55.77  ? 288 HOH B O   1 
HETATM 1674 O O   . HOH F 3 .  ? 15.060  13.801  -17.440 1.00 43.12  ? 289 HOH B O   1 
HETATM 1675 O O   . HOH G 3 .  ? -12.074 -15.005 21.608  1.00 47.92  ? 3   HOH C O   1 
HETATM 1676 O O   . HOH G 3 .  ? -17.388 -6.534  12.347  1.00 12.71  ? 4   HOH C O   1 
HETATM 1677 O O   . HOH G 3 .  ? -24.113 -5.503  11.474  1.00 21.96  ? 26  HOH C O   1 
HETATM 1678 O O   . HOH G 3 .  ? -12.530 -7.400  15.484  1.00 17.00  ? 27  HOH C O   1 
HETATM 1679 O O   . HOH G 3 .  ? -24.491 -6.542  16.800  1.00 24.15  ? 56  HOH C O   1 
HETATM 1680 O O   . HOH G 3 .  ? -19.960 -15.431 19.076  1.00 31.80  ? 79  HOH C O   1 
HETATM 1681 O O   . HOH G 3 .  ? -22.137 -3.588  9.222   1.00 19.47  ? 120 HOH C O   1 
HETATM 1682 O O   . HOH G 3 .  ? -6.502  -10.123 20.894  1.00 30.14  ? 136 HOH C O   1 
HETATM 1683 O O   . HOH G 3 .  ? -20.569 -18.815 11.921  1.00 29.08  ? 167 HOH C O   1 
HETATM 1684 O O   . HOH G 3 .  ? -3.780  -16.661 20.787  1.00 35.39  ? 186 HOH C O   1 
HETATM 1685 O O   . HOH G 3 .  ? -19.858 -7.711  23.246  1.00 43.49  ? 230 HOH C O   1 
HETATM 1686 O O   . HOH G 3 .  ? -14.221 -13.921 20.439  1.00 38.15  ? 232 HOH C O   1 
HETATM 1687 O O   . HOH G 3 .  ? -17.437 -16.952 19.373  1.00 89.28  ? 236 HOH C O   1 
HETATM 1688 O O   . HOH G 3 .  ? -20.495 -12.020 21.458  1.00 43.56  ? 237 HOH C O   1 
HETATM 1689 O O   . HOH G 3 .  ? -13.013 -20.385 17.920  1.00 52.53  ? 238 HOH C O   1 
HETATM 1690 O O   . HOH G 3 .  ? -26.404 -7.999  17.794  1.00 37.46  ? 240 HOH C O   1 
HETATM 1691 O O   . HOH G 3 .  ? -20.074 -4.654  22.263  1.00 54.69  ? 265 HOH C O   1 
HETATM 1692 O O   . HOH H 3 .  ? 20.783  20.166  -4.137  1.00 13.36  ? 25  HOH D O   1 
HETATM 1693 O O   . HOH H 3 .  ? 19.686  16.446  -3.491  1.00 15.71  ? 26  HOH D O   1 
HETATM 1694 O O   . HOH H 3 .  ? 24.859  14.679  -11.200 1.00 19.12  ? 41  HOH D O   1 
HETATM 1695 O O   . HOH H 3 .  ? 7.013   12.298  -1.930  1.00 25.15  ? 51  HOH D O   1 
HETATM 1696 O O   . HOH H 3 .  ? 4.446   19.164  -3.791  1.00 25.26  ? 76  HOH D O   1 
HETATM 1697 O O   . HOH H 3 .  ? 21.792  4.439   -13.777 1.00 27.08  ? 83  HOH D O   1 
HETATM 1698 O O   . HOH H 3 .  ? 24.282  17.842  -10.701 1.00 25.72  ? 85  HOH D O   1 
HETATM 1699 O O   . HOH H 3 .  ? 20.860  7.081   -16.146 1.00 32.59  ? 88  HOH D O   1 
HETATM 1700 O O   . HOH H 3 .  ? 17.583  15.514  -13.431 1.00 23.82  ? 101 HOH D O   1 
HETATM 1701 O O   . HOH H 3 .  ? 17.950  18.437  -6.663  1.00 24.77  ? 103 HOH D O   1 
HETATM 1702 O O   . HOH H 3 .  ? 16.724  8.610   2.500   1.00 37.98  ? 115 HOH D O   1 
HETATM 1703 O O   . HOH H 3 .  ? 9.655   18.828  -3.201  1.00 34.07  ? 118 HOH D O   1 
HETATM 1704 O O   . HOH H 3 .  ? 19.156  22.123  -5.053  1.00 35.21  ? 122 HOH D O   1 
HETATM 1705 O O   . HOH H 3 .  ? 24.093  7.044   -13.005 1.00 24.98  ? 123 HOH D O   1 
HETATM 1706 O O   . HOH H 3 .  ? 25.825  8.857   -11.685 1.00 27.99  ? 125 HOH D O   1 
HETATM 1707 O O   . HOH H 3 .  ? 14.483  16.369  -4.286  1.00 29.31  ? 129 HOH D O   1 
HETATM 1708 O O   . HOH H 3 .  ? 14.047  20.174  -9.613  1.00 30.45  ? 137 HOH D O   1 
HETATM 1709 O O   . HOH H 3 .  ? 3.694   14.932  -9.438  1.00 29.72  ? 146 HOH D O   1 
HETATM 1710 O O   . HOH H 3 .  ? 15.279  17.025  -14.466 1.00 64.90  ? 170 HOH D O   1 
HETATM 1711 O O   . HOH H 3 .  ? 24.994  15.465  -15.671 1.00 40.57  ? 175 HOH D O   1 
HETATM 1712 O O   . HOH H 3 .  ? 4.119   14.612  -5.847  1.00 41.57  ? 184 HOH D O   1 
HETATM 1713 O O   . HOH H 3 .  ? 18.337  21.276  -14.888 1.00 79.37  ? 187 HOH D O   1 
HETATM 1714 O O   . HOH H 3 .  ? 5.448   16.057  -1.265  1.00 32.53  ? 193 HOH D O   1 
HETATM 1715 O O   . HOH H 3 .  ? 18.589  21.616  -9.860  1.00 31.55  ? 206 HOH D O   1 
HETATM 1716 O O   . HOH H 3 .  ? 3.255   15.046  -12.133 1.00 33.21  ? 209 HOH D O   1 
HETATM 1717 O O   . HOH H 3 .  ? 17.507  18.033  -3.877  1.00 23.30  ? 270 HOH D O   1 
HETATM 1718 O O   . HOH H 3 .  ? 12.023  17.287  -3.368  1.00 50.61  ? 284 HOH D O   1 
# 
loop_
_pdbx_poly_seq_scheme.asym_id 
_pdbx_poly_seq_scheme.entity_id 
_pdbx_poly_seq_scheme.seq_id 
_pdbx_poly_seq_scheme.mon_id 
_pdbx_poly_seq_scheme.ndb_seq_num 
_pdbx_poly_seq_scheme.pdb_seq_num 
_pdbx_poly_seq_scheme.auth_seq_num 
_pdbx_poly_seq_scheme.pdb_mon_id 
_pdbx_poly_seq_scheme.auth_mon_id 
_pdbx_poly_seq_scheme.pdb_strand_id 
_pdbx_poly_seq_scheme.pdb_ins_code 
_pdbx_poly_seq_scheme.hetero 
A 1 1  MET 1  -19 ?  ?   ?   A . n 
A 1 2  GLY 2  -18 ?  ?   ?   A . n 
A 1 3  SER 3  -17 ?  ?   ?   A . n 
A 1 4  SER 4  -16 ?  ?   ?   A . n 
A 1 5  HIS 5  -15 ?  ?   ?   A . n 
A 1 6  HIS 6  -14 ?  ?   ?   A . n 
A 1 7  HIS 7  -13 ?  ?   ?   A . n 
A 1 8  HIS 8  -12 ?  ?   ?   A . n 
A 1 9  HIS 9  -11 ?  ?   ?   A . n 
A 1 10 HIS 10 -10 ?  ?   ?   A . n 
A 1 11 SER 11 -9  ?  ?   ?   A . n 
A 1 12 SER 12 -8  ?  ?   ?   A . n 
A 1 13 GLY 13 -7  ?  ?   ?   A . n 
A 1 14 LEU 14 -6  ?  ?   ?   A . n 
A 1 15 VAL 15 -5  ?  ?   ?   A . n 
A 1 16 PRO 16 -4  ?  ?   ?   A . n 
A 1 17 ARG 17 -3  ?  ?   ?   A . n 
A 1 18 GLY 18 -2  ?  ?   ?   A . n 
A 1 19 SER 19 -1  ?  ?   ?   A . n 
A 1 20 HIS 20 0   0  HIS HIS A . n 
A 1 21 MET 21 1   1  MET MET A . n 
A 1 22 ILE 22 2   2  ILE ILE A . n 
A 1 23 GLU 23 3   3  GLU GLU A . n 
A 1 24 VAL 24 4   4  VAL VAL A . n 
A 1 25 VAL 25 5   5  VAL VAL A . n 
A 1 26 VAL 26 6   6  VAL VAL A . n 
A 1 27 ASN 27 7   7  ASN ASN A . n 
A 1 28 ASP 28 8   8  ASP ASP A . n 
A 1 29 ARG 29 9   9  ARG ARG A . n 
A 1 30 LEU 30 10  10 LEU LEU A . n 
A 1 31 GLY 31 11  11 GLY GLY A . n 
A 1 32 LYS 32 12  12 LYS LYS A . n 
A 1 33 LYS 33 13  13 LYS LYS A . n 
A 1 34 VAL 34 14  14 VAL VAL A . n 
A 1 35 ARG 35 15  15 ARG ARG A . n 
A 1 36 VAL 36 16  16 VAL VAL A . n 
A 1 37 LYS 37 17  17 LYS LYS A . n 
A 1 38 CYS 38 18  18 CYS CYS A . n 
A 1 39 LEU 39 19  19 LEU LEU A . n 
A 1 40 GLY 40 20  20 GLY GLY A . n 
A 1 41 GLU 41 21  21 GLU GLU A . n 
A 1 42 ASP 42 22  22 ASP ASP A . n 
A 1 43 SER 43 23  23 SER SER A . n 
A 1 44 VAL 44 24  24 VAL VAL A . n 
A 1 45 GLY 45 25  25 GLY GLY A . n 
A 1 46 ASP 46 26  26 ASP ASP A . n 
A 1 47 PHE 47 27  27 PHE PHE A . n 
A 1 48 LYS 48 28  28 LYS LYS A . n 
A 1 49 LYS 49 29  29 LYS LYS A . n 
A 1 50 VAL 50 30  30 VAL VAL A . n 
A 1 51 LEU 51 31  31 LEU LEU A . n 
A 1 52 SER 52 32  32 SER SER A . n 
A 1 53 LEU 53 33  33 LEU LEU A . n 
A 1 54 GLN 54 34  34 GLN GLN A . n 
A 1 55 ILE 55 35  35 ILE ILE A . n 
A 1 56 GLY 56 36  36 GLY GLY A . n 
A 1 57 THR 57 37  37 THR THR A . n 
A 1 58 GLN 58 38  38 GLN GLN A . n 
A 1 59 PRO 59 39  39 PRO PRO A . n 
A 1 60 ASN 60 40  40 ASN ASN A . n 
A 1 61 LYS 61 41  41 LYS LYS A . n 
A 1 62 ILE 62 42  42 ILE ILE A . n 
A 1 63 VAL 63 43  43 VAL VAL A . n 
A 1 64 LEU 64 44  44 LEU LEU A . n 
A 1 65 GLN 65 45  45 GLN GLN A . n 
A 1 66 LYS 66 46  46 LYS LYS A . n 
A 1 67 GLY 67 47  47 GLY GLY A . n 
A 1 68 GLY 68 48  48 GLY GLY A . n 
A 1 69 SER 69 49  49 SER SER A . n 
A 1 70 VAL 70 50  50 VAL VAL A . n 
A 1 71 LEU 71 51  51 LEU LEU A . n 
A 1 72 LYS 72 52  52 LYS LYS A . n 
A 1 73 ASP 73 53  53 ASP ASP A . n 
A 1 74 HIS 74 54  54 HIS HIS A . n 
A 1 75 ILE 75 55  55 ILE ILE A . n 
A 1 76 SER 76 56  56 SER SER A . n 
A 1 77 LEU 77 57  57 LEU LEU A . n 
A 1 78 GLU 78 58  58 GLU GLU A . n 
A 1 79 ASP 79 59  59 ASP ASP A . n 
A 1 80 TYR 80 60  60 TYR TYR A . n 
A 1 81 GLU 81 61  61 GLU GLU A . n 
A 1 82 VAL 82 62  62 VAL VAL A . n 
A 1 83 HIS 83 63  63 HIS HIS A . n 
A 1 84 ASP 84 64  64 ASP ASP A . n 
A 1 85 GLN 85 65  65 GLN GLN A . n 
A 1 86 THR 86 66  66 THR THR A . n 
A 1 87 ASN 87 67  67 ASN ASN A . n 
A 1 88 LEU 88 68  68 LEU LEU A . n 
A 1 89 GLU 89 69  69 GLU GLU A . n 
A 1 90 LEU 90 70  70 LEU LEU A . n 
A 1 91 TYR 91 71  71 TYR TYR A . n 
A 1 92 TYR 92 72  72 TYR TYR A . n 
A 1 93 LEU 93 73  73 LEU LEU A . n 
B 1 1  MET 1  -19 ?  ?   ?   B . n 
B 1 2  GLY 2  -18 ?  ?   ?   B . n 
B 1 3  SER 3  -17 ?  ?   ?   B . n 
B 1 4  SER 4  -16 ?  ?   ?   B . n 
B 1 5  HIS 5  -15 ?  ?   ?   B . n 
B 1 6  HIS 6  -14 ?  ?   ?   B . n 
B 1 7  HIS 7  -13 ?  ?   ?   B . n 
B 1 8  HIS 8  -12 ?  ?   ?   B . n 
B 1 9  HIS 9  -11 ?  ?   ?   B . n 
B 1 10 HIS 10 -10 ?  ?   ?   B . n 
B 1 11 SER 11 -9  ?  ?   ?   B . n 
B 1 12 SER 12 -8  ?  ?   ?   B . n 
B 1 13 GLY 13 -7  ?  ?   ?   B . n 
B 1 14 LEU 14 -6  ?  ?   ?   B . n 
B 1 15 VAL 15 -5  ?  ?   ?   B . n 
B 1 16 PRO 16 -4  ?  ?   ?   B . n 
B 1 17 ARG 17 -3  ?  ?   ?   B . n 
B 1 18 GLY 18 -2  ?  ?   ?   B . n 
B 1 19 SER 19 -1  ?  ?   ?   B . n 
B 1 20 HIS 20 0   0  HIS HIS B . n 
B 1 21 MET 21 1   1  MET MET B . n 
B 1 22 ILE 22 2   2  ILE ILE B . n 
B 1 23 GLU 23 3   3  GLU GLU B . n 
B 1 24 VAL 24 4   4  VAL VAL B . n 
B 1 25 VAL 25 5   5  VAL VAL B . n 
B 1 26 VAL 26 6   6  VAL VAL B . n 
B 1 27 ASN 27 7   7  ASN ASN B . n 
B 1 28 ASP 28 8   8  ASP ASP B . n 
B 1 29 ARG 29 9   9  ARG ARG B . n 
B 1 30 LEU 30 10  10 LEU LEU B . n 
B 1 31 GLY 31 11  11 GLY GLY B . n 
B 1 32 LYS 32 12  12 LYS LYS B . n 
B 1 33 LYS 33 13  13 LYS LYS B . n 
B 1 34 VAL 34 14  14 VAL VAL B . n 
B 1 35 ARG 35 15  15 ARG ARG B . n 
B 1 36 VAL 36 16  16 VAL VAL B . n 
B 1 37 LYS 37 17  17 LYS LYS B . n 
B 1 38 CYS 38 18  18 CYS CYS B . n 
B 1 39 LEU 39 19  19 LEU LEU B . n 
B 1 40 GLY 40 20  20 GLY GLY B . n 
B 1 41 GLU 41 21  21 GLU GLU B . n 
B 1 42 ASP 42 22  22 ASP ASP B . n 
B 1 43 SER 43 23  23 SER SER B . n 
B 1 44 VAL 44 24  24 VAL VAL B . n 
B 1 45 GLY 45 25  25 GLY GLY B . n 
B 1 46 ASP 46 26  26 ASP ASP B . n 
B 1 47 PHE 47 27  27 PHE PHE B . n 
B 1 48 LYS 48 28  28 LYS LYS B . n 
B 1 49 LYS 49 29  29 LYS LYS B . n 
B 1 50 VAL 50 30  30 VAL VAL B . n 
B 1 51 LEU 51 31  31 LEU LEU B . n 
B 1 52 SER 52 32  32 SER SER B . n 
B 1 53 LEU 53 33  33 LEU LEU B . n 
B 1 54 GLN 54 34  34 GLN GLN B . n 
B 1 55 ILE 55 35  35 ILE ILE B . n 
B 1 56 GLY 56 36  36 GLY GLY B . n 
B 1 57 THR 57 37  37 THR THR B . n 
B 1 58 GLN 58 38  38 GLN GLN B . n 
B 1 59 PRO 59 39  39 PRO PRO B . n 
B 1 60 ASN 60 40  40 ASN ASN B . n 
B 1 61 LYS 61 41  41 LYS LYS B . n 
B 1 62 ILE 62 42  42 ILE ILE B . n 
B 1 63 VAL 63 43  43 VAL VAL B . n 
B 1 64 LEU 64 44  44 LEU LEU B . n 
B 1 65 GLN 65 45  45 GLN GLN B . n 
B 1 66 LYS 66 46  46 LYS LYS B . n 
B 1 67 GLY 67 47  47 GLY GLY B . n 
B 1 68 GLY 68 48  48 GLY GLY B . n 
B 1 69 SER 69 49  49 SER SER B . n 
B 1 70 VAL 70 50  50 VAL VAL B . n 
B 1 71 LEU 71 51  51 LEU LEU B . n 
B 1 72 LYS 72 52  52 LYS LYS B . n 
B 1 73 ASP 73 53  53 ASP ASP B . n 
B 1 74 HIS 74 54  54 HIS HIS B . n 
B 1 75 ILE 75 55  55 ILE ILE B . n 
B 1 76 SER 76 56  56 SER SER B . n 
B 1 77 LEU 77 57  57 LEU LEU B . n 
B 1 78 GLU 78 58  58 GLU GLU B . n 
B 1 79 ASP 79 59  59 ASP ASP B . n 
B 1 80 TYR 80 60  60 TYR TYR B . n 
B 1 81 GLU 81 61  61 GLU GLU B . n 
B 1 82 VAL 82 62  62 VAL VAL B . n 
B 1 83 HIS 83 63  63 HIS HIS B . n 
B 1 84 ASP 84 64  64 ASP ASP B . n 
B 1 85 GLN 85 65  65 GLN GLN B . n 
B 1 86 THR 86 66  66 THR THR B . n 
B 1 87 ASN 87 67  67 ASN ASN B . n 
B 1 88 LEU 88 68  68 LEU LEU B . n 
B 1 89 GLU 89 69  69 GLU GLU B . n 
B 1 90 LEU 90 70  70 LEU LEU B . n 
B 1 91 TYR 91 71  71 TYR TYR B . n 
B 1 92 TYR 92 72  72 TYR TYR B . n 
B 1 93 LEU 93 73  73 LEU LEU B . n 
C 2 1  ASN 1  6   ?  ?   ?   C . n 
C 2 2  LEU 2  7   7  LEU LEU C . n 
C 2 3  SER 3  8   8  SER SER C . n 
C 2 4  ILE 4  9   9  ILE ILE C . n 
C 2 5  GLU 5  10  10 GLU GLU C . n 
C 2 6  GLU 6  11  11 GLU GLU C . n 
C 2 7  THR 7  12  12 THR THR C . n 
C 2 8  ASN 8  13  13 ASN ASN C . n 
C 2 9  GLU 9  14  14 GLU GLU C . n 
C 2 10 ILE 10 15  15 ILE ILE C . n 
C 2 11 ARG 11 16  16 ARG ARG C . n 
C 2 12 GLU 12 17  17 GLU GLU C . n 
C 2 13 LYS 13 18  18 LYS LYS C . n 
C 2 14 LEU 14 19  19 LEU LEU C . n 
C 2 15 GLY 15 20  20 GLY GLY C . n 
C 2 16 MET 16 21  21 MET MET C . n 
C 2 17 LYS 17 22  22 LYS LYS C . n 
C 2 18 PRO 18 23  23 PRO PRO C . n 
C 2 19 ILE 19 24  24 ILE ILE C . n 
D 2 1  ASN 1  6   ?  ?   ?   D . n 
D 2 2  LEU 2  7   7  LEU LEU D . n 
D 2 3  SER 3  8   8  SER SER D . n 
D 2 4  ILE 4  9   9  ILE ILE D . n 
D 2 5  GLU 5  10  10 GLU GLU D . n 
D 2 6  GLU 6  11  11 GLU GLU D . n 
D 2 7  THR 7  12  12 THR THR D . n 
D 2 8  ASN 8  13  13 ASN ASN D . n 
D 2 9  GLU 9  14  14 GLU GLU D . n 
D 2 10 ILE 10 15  15 ILE ILE D . n 
D 2 11 ARG 11 16  16 ARG ARG D . n 
D 2 12 GLU 12 17  17 GLU GLU D . n 
D 2 13 LYS 13 18  18 LYS LYS D . n 
D 2 14 LEU 14 19  19 LEU LEU D . n 
D 2 15 GLY 15 20  20 GLY GLY D . n 
D 2 16 MET 16 21  21 MET MET D . n 
D 2 17 LYS 17 22  22 LYS LYS D . n 
D 2 18 PRO 18 23  23 PRO PRO D . n 
D 2 19 ILE 19 24  24 ILE ILE D . n 
# 
loop_
_pdbx_nonpoly_scheme.asym_id 
_pdbx_nonpoly_scheme.entity_id 
_pdbx_nonpoly_scheme.mon_id 
_pdbx_nonpoly_scheme.ndb_seq_num 
_pdbx_nonpoly_scheme.pdb_seq_num 
_pdbx_nonpoly_scheme.auth_seq_num 
_pdbx_nonpoly_scheme.pdb_mon_id 
_pdbx_nonpoly_scheme.auth_mon_id 
_pdbx_nonpoly_scheme.pdb_strand_id 
_pdbx_nonpoly_scheme.pdb_ins_code 
E 3 HOH 1   74  1   HOH HOH A . 
E 3 HOH 2   75  75  HOH HOH A . 
E 3 HOH 3   76  3   HOH HOH A . 
E 3 HOH 4   77  77  HOH HOH A . 
E 3 HOH 5   78  78  HOH HOH A . 
E 3 HOH 6   79  6   HOH HOH A . 
E 3 HOH 7   80  10  HOH HOH A . 
E 3 HOH 8   81  12  HOH HOH A . 
E 3 HOH 9   82  17  HOH HOH A . 
E 3 HOH 10  83  18  HOH HOH A . 
E 3 HOH 11  84  84  HOH HOH A . 
E 3 HOH 12  86  86  HOH HOH A . 
E 3 HOH 13  87  19  HOH HOH A . 
E 3 HOH 14  88  20  HOH HOH A . 
E 3 HOH 15  89  21  HOH HOH A . 
E 3 HOH 16  90  90  HOH HOH A . 
E 3 HOH 17  91  91  HOH HOH A . 
E 3 HOH 18  92  22  HOH HOH A . 
E 3 HOH 19  93  93  HOH HOH A . 
E 3 HOH 20  94  28  HOH HOH A . 
E 3 HOH 21  95  95  HOH HOH A . 
E 3 HOH 22  96  30  HOH HOH A . 
E 3 HOH 23  97  36  HOH HOH A . 
E 3 HOH 24  98  98  HOH HOH A . 
E 3 HOH 25  99  39  HOH HOH A . 
E 3 HOH 26  100 44  HOH HOH A . 
E 3 HOH 27  101 45  HOH HOH A . 
E 3 HOH 28  102 102 HOH HOH A . 
E 3 HOH 29  103 47  HOH HOH A . 
E 3 HOH 30  104 48  HOH HOH A . 
E 3 HOH 31  105 49  HOH HOH A . 
E 3 HOH 32  106 106 HOH HOH A . 
E 3 HOH 33  107 107 HOH HOH A . 
E 3 HOH 34  108 53  HOH HOH A . 
E 3 HOH 35  109 109 HOH HOH A . 
E 3 HOH 36  110 110 HOH HOH A . 
E 3 HOH 37  111 111 HOH HOH A . 
E 3 HOH 38  112 59  HOH HOH A . 
E 3 HOH 39  113 113 HOH HOH A . 
E 3 HOH 40  114 114 HOH HOH A . 
E 3 HOH 41  115 60  HOH HOH A . 
E 3 HOH 42  116 116 HOH HOH A . 
E 3 HOH 43  117 117 HOH HOH A . 
E 3 HOH 44  118 62  HOH HOH A . 
E 3 HOH 45  119 119 HOH HOH A . 
E 3 HOH 46  120 64  HOH HOH A . 
E 3 HOH 47  121 66  HOH HOH A . 
E 3 HOH 48  123 69  HOH HOH A . 
E 3 HOH 49  124 70  HOH HOH A . 
E 3 HOH 50  125 71  HOH HOH A . 
E 3 HOH 51  126 7   HOH HOH A . 
E 3 HOH 52  127 11  HOH HOH A . 
E 3 HOH 53  130 130 HOH HOH A . 
E 3 HOH 54  131 131 HOH HOH A . 
E 3 HOH 55  132 132 HOH HOH A . 
E 3 HOH 56  134 134 HOH HOH A . 
E 3 HOH 57  140 140 HOH HOH A . 
E 3 HOH 58  143 143 HOH HOH A . 
E 3 HOH 59  144 144 HOH HOH A . 
E 3 HOH 60  153 153 HOH HOH A . 
E 3 HOH 61  155 155 HOH HOH A . 
E 3 HOH 62  157 157 HOH HOH A . 
E 3 HOH 63  159 159 HOH HOH A . 
E 3 HOH 64  160 160 HOH HOH A . 
E 3 HOH 65  161 161 HOH HOH A . 
E 3 HOH 66  162 162 HOH HOH A . 
E 3 HOH 67  164 164 HOH HOH A . 
E 3 HOH 68  165 165 HOH HOH A . 
E 3 HOH 69  169 169 HOH HOH A . 
E 3 HOH 70  171 171 HOH HOH A . 
E 3 HOH 71  173 173 HOH HOH A . 
E 3 HOH 72  174 174 HOH HOH A . 
E 3 HOH 73  176 176 HOH HOH A . 
E 3 HOH 74  177 177 HOH HOH A . 
E 3 HOH 75  178 178 HOH HOH A . 
E 3 HOH 76  181 181 HOH HOH A . 
E 3 HOH 77  183 183 HOH HOH A . 
E 3 HOH 78  189 189 HOH HOH A . 
E 3 HOH 79  190 190 HOH HOH A . 
E 3 HOH 80  192 192 HOH HOH A . 
E 3 HOH 81  200 200 HOH HOH A . 
E 3 HOH 82  201 201 HOH HOH A . 
E 3 HOH 83  202 202 HOH HOH A . 
E 3 HOH 84  207 207 HOH HOH A . 
E 3 HOH 85  212 212 HOH HOH A . 
E 3 HOH 86  215 215 HOH HOH A . 
E 3 HOH 87  216 216 HOH HOH A . 
E 3 HOH 88  218 218 HOH HOH A . 
E 3 HOH 89  219 219 HOH HOH A . 
E 3 HOH 90  220 220 HOH HOH A . 
E 3 HOH 91  223 223 HOH HOH A . 
E 3 HOH 92  227 227 HOH HOH A . 
E 3 HOH 93  228 228 HOH HOH A . 
E 3 HOH 94  233 233 HOH HOH A . 
E 3 HOH 95  234 234 HOH HOH A . 
E 3 HOH 96  235 235 HOH HOH A . 
E 3 HOH 97  239 239 HOH HOH A . 
E 3 HOH 98  243 243 HOH HOH A . 
E 3 HOH 99  245 245 HOH HOH A . 
E 3 HOH 100 247 247 HOH HOH A . 
E 3 HOH 101 248 248 HOH HOH A . 
E 3 HOH 102 249 249 HOH HOH A . 
E 3 HOH 103 252 252 HOH HOH A . 
E 3 HOH 104 253 253 HOH HOH A . 
E 3 HOH 105 254 254 HOH HOH A . 
E 3 HOH 106 257 257 HOH HOH A . 
E 3 HOH 107 258 258 HOH HOH A . 
E 3 HOH 108 259 259 HOH HOH A . 
E 3 HOH 109 260 260 HOH HOH A . 
E 3 HOH 110 272 272 HOH HOH A . 
E 3 HOH 111 273 273 HOH HOH A . 
E 3 HOH 112 277 277 HOH HOH A . 
E 3 HOH 113 280 280 HOH HOH A . 
E 3 HOH 114 286 286 HOH HOH A . 
E 3 HOH 115 287 287 HOH HOH A . 
F 3 HOH 1   74  74  HOH HOH B . 
F 3 HOH 2   75  2   HOH HOH B . 
F 3 HOH 3   76  5   HOH HOH B . 
F 3 HOH 4   77  7   HOH HOH B . 
F 3 HOH 5   78  8   HOH HOH B . 
F 3 HOH 6   79  9   HOH HOH B . 
F 3 HOH 7   80  80  HOH HOH B . 
F 3 HOH 8   81  81  HOH HOH B . 
F 3 HOH 9   82  82  HOH HOH B . 
F 3 HOH 10  83  11  HOH HOH B . 
F 3 HOH 11  84  14  HOH HOH B . 
F 3 HOH 12  85  16  HOH HOH B . 
F 3 HOH 13  86  23  HOH HOH B . 
F 3 HOH 14  87  87  HOH HOH B . 
F 3 HOH 15  88  24  HOH HOH B . 
F 3 HOH 16  89  89  HOH HOH B . 
F 3 HOH 17  90  25  HOH HOH B . 
F 3 HOH 18  91  29  HOH HOH B . 
F 3 HOH 19  92  92  HOH HOH B . 
F 3 HOH 20  93  31  HOH HOH B . 
F 3 HOH 21  94  94  HOH HOH B . 
F 3 HOH 22  95  32  HOH HOH B . 
F 3 HOH 23  96  33  HOH HOH B . 
F 3 HOH 24  97  97  HOH HOH B . 
F 3 HOH 25  98  34  HOH HOH B . 
F 3 HOH 26  99  99  HOH HOH B . 
F 3 HOH 27  100 100 HOH HOH B . 
F 3 HOH 28  101 35  HOH HOH B . 
F 3 HOH 29  102 37  HOH HOH B . 
F 3 HOH 30  103 38  HOH HOH B . 
F 3 HOH 31  104 104 HOH HOH B . 
F 3 HOH 32  105 40  HOH HOH B . 
F 3 HOH 33  106 42  HOH HOH B . 
F 3 HOH 34  107 43  HOH HOH B . 
F 3 HOH 35  108 108 HOH HOH B . 
F 3 HOH 36  109 46  HOH HOH B . 
F 3 HOH 37  110 50  HOH HOH B . 
F 3 HOH 38  111 52  HOH HOH B . 
F 3 HOH 39  112 112 HOH HOH B . 
F 3 HOH 40  113 54  HOH HOH B . 
F 3 HOH 41  114 55  HOH HOH B . 
F 3 HOH 42  115 57  HOH HOH B . 
F 3 HOH 43  116 58  HOH HOH B . 
F 3 HOH 44  117 61  HOH HOH B . 
F 3 HOH 45  118 63  HOH HOH B . 
F 3 HOH 46  119 65  HOH HOH B . 
F 3 HOH 47  120 67  HOH HOH B . 
F 3 HOH 48  121 121 HOH HOH B . 
F 3 HOH 49  122 122 HOH HOH B . 
F 3 HOH 50  123 72  HOH HOH B . 
F 3 HOH 51  124 124 HOH HOH B . 
F 3 HOH 52  125 10  HOH HOH B . 
F 3 HOH 53  126 126 HOH HOH B . 
F 3 HOH 54  127 127 HOH HOH B . 
F 3 HOH 55  128 128 HOH HOH B . 
F 3 HOH 56  129 12  HOH HOH B . 
F 3 HOH 57  135 135 HOH HOH B . 
F 3 HOH 58  138 138 HOH HOH B . 
F 3 HOH 59  139 139 HOH HOH B . 
F 3 HOH 60  141 141 HOH HOH B . 
F 3 HOH 61  142 142 HOH HOH B . 
F 3 HOH 62  145 145 HOH HOH B . 
F 3 HOH 63  147 147 HOH HOH B . 
F 3 HOH 64  148 148 HOH HOH B . 
F 3 HOH 65  149 149 HOH HOH B . 
F 3 HOH 66  150 150 HOH HOH B . 
F 3 HOH 67  151 151 HOH HOH B . 
F 3 HOH 68  152 152 HOH HOH B . 
F 3 HOH 69  154 154 HOH HOH B . 
F 3 HOH 70  156 156 HOH HOH B . 
F 3 HOH 71  158 158 HOH HOH B . 
F 3 HOH 72  163 163 HOH HOH B . 
F 3 HOH 73  166 166 HOH HOH B . 
F 3 HOH 74  172 172 HOH HOH B . 
F 3 HOH 75  179 179 HOH HOH B . 
F 3 HOH 76  180 180 HOH HOH B . 
F 3 HOH 77  182 182 HOH HOH B . 
F 3 HOH 78  185 185 HOH HOH B . 
F 3 HOH 79  188 188 HOH HOH B . 
F 3 HOH 80  191 191 HOH HOH B . 
F 3 HOH 81  194 194 HOH HOH B . 
F 3 HOH 82  195 195 HOH HOH B . 
F 3 HOH 83  196 196 HOH HOH B . 
F 3 HOH 84  197 197 HOH HOH B . 
F 3 HOH 85  198 198 HOH HOH B . 
F 3 HOH 86  199 199 HOH HOH B . 
F 3 HOH 87  203 203 HOH HOH B . 
F 3 HOH 88  204 204 HOH HOH B . 
F 3 HOH 89  205 205 HOH HOH B . 
F 3 HOH 90  208 208 HOH HOH B . 
F 3 HOH 91  210 210 HOH HOH B . 
F 3 HOH 92  211 211 HOH HOH B . 
F 3 HOH 93  213 213 HOH HOH B . 
F 3 HOH 94  214 214 HOH HOH B . 
F 3 HOH 95  217 217 HOH HOH B . 
F 3 HOH 96  222 222 HOH HOH B . 
F 3 HOH 97  224 224 HOH HOH B . 
F 3 HOH 98  225 225 HOH HOH B . 
F 3 HOH 99  229 229 HOH HOH B . 
F 3 HOH 100 241 241 HOH HOH B . 
F 3 HOH 101 242 242 HOH HOH B . 
F 3 HOH 102 244 244 HOH HOH B . 
F 3 HOH 103 246 246 HOH HOH B . 
F 3 HOH 104 250 250 HOH HOH B . 
F 3 HOH 105 251 251 HOH HOH B . 
F 3 HOH 106 255 255 HOH HOH B . 
F 3 HOH 107 256 256 HOH HOH B . 
F 3 HOH 108 261 261 HOH HOH B . 
F 3 HOH 109 262 262 HOH HOH B . 
F 3 HOH 110 263 263 HOH HOH B . 
F 3 HOH 111 264 264 HOH HOH B . 
F 3 HOH 112 269 269 HOH HOH B . 
F 3 HOH 113 271 271 HOH HOH B . 
F 3 HOH 114 278 278 HOH HOH B . 
F 3 HOH 115 288 288 HOH HOH B . 
F 3 HOH 116 289 289 HOH HOH B . 
G 3 HOH 1   3   3   HOH HOH C . 
G 3 HOH 2   4   4   HOH HOH C . 
G 3 HOH 3   26  26  HOH HOH C . 
G 3 HOH 4   27  27  HOH HOH C . 
G 3 HOH 5   56  56  HOH HOH C . 
G 3 HOH 6   79  79  HOH HOH C . 
G 3 HOH 7   120 120 HOH HOH C . 
G 3 HOH 8   136 136 HOH HOH C . 
G 3 HOH 9   167 167 HOH HOH C . 
G 3 HOH 10  186 186 HOH HOH C . 
G 3 HOH 11  230 230 HOH HOH C . 
G 3 HOH 12  232 232 HOH HOH C . 
G 3 HOH 13  236 236 HOH HOH C . 
G 3 HOH 14  237 237 HOH HOH C . 
G 3 HOH 15  238 238 HOH HOH C . 
G 3 HOH 16  240 240 HOH HOH C . 
G 3 HOH 17  265 265 HOH HOH C . 
H 3 HOH 1   25  13  HOH HOH D . 
H 3 HOH 2   26  15  HOH HOH D . 
H 3 HOH 3   41  41  HOH HOH D . 
H 3 HOH 4   51  51  HOH HOH D . 
H 3 HOH 5   76  76  HOH HOH D . 
H 3 HOH 6   83  83  HOH HOH D . 
H 3 HOH 7   85  85  HOH HOH D . 
H 3 HOH 8   88  88  HOH HOH D . 
H 3 HOH 9   101 101 HOH HOH D . 
H 3 HOH 10  103 103 HOH HOH D . 
H 3 HOH 11  115 115 HOH HOH D . 
H 3 HOH 12  118 118 HOH HOH D . 
H 3 HOH 13  122 68  HOH HOH D . 
H 3 HOH 14  123 123 HOH HOH D . 
H 3 HOH 15  125 125 HOH HOH D . 
H 3 HOH 16  129 129 HOH HOH D . 
H 3 HOH 17  137 137 HOH HOH D . 
H 3 HOH 18  146 146 HOH HOH D . 
H 3 HOH 19  170 170 HOH HOH D . 
H 3 HOH 20  175 175 HOH HOH D . 
H 3 HOH 21  184 184 HOH HOH D . 
H 3 HOH 22  187 187 HOH HOH D . 
H 3 HOH 23  193 193 HOH HOH D . 
H 3 HOH 24  206 206 HOH HOH D . 
H 3 HOH 25  209 209 HOH HOH D . 
H 3 HOH 26  270 270 HOH HOH D . 
H 3 HOH 27  284 284 HOH HOH D . 
# 
loop_
_pdbx_struct_assembly.id 
_pdbx_struct_assembly.details 
_pdbx_struct_assembly.method_details 
_pdbx_struct_assembly.oligomeric_details 
_pdbx_struct_assembly.oligomeric_count 
1 author_and_software_defined_assembly PISA dimeric 2 
2 author_and_software_defined_assembly PISA dimeric 2 
# 
loop_
_pdbx_struct_assembly_gen.assembly_id 
_pdbx_struct_assembly_gen.oper_expression 
_pdbx_struct_assembly_gen.asym_id_list 
1 1 A,C,E,G 
2 1 B,D,F,H 
# 
loop_
_pdbx_struct_assembly_prop.biol_id 
_pdbx_struct_assembly_prop.type 
_pdbx_struct_assembly_prop.value 
_pdbx_struct_assembly_prop.details 
1 'ABSA (A^2)' 990  ? 
1 MORE         -10  ? 
1 'SSA (A^2)'  5340 ? 
2 'ABSA (A^2)' 990  ? 
2 MORE         -10  ? 
2 'SSA (A^2)'  5350 ? 
# 
_pdbx_struct_oper_list.id                   1 
_pdbx_struct_oper_list.type                 'identity operation' 
_pdbx_struct_oper_list.name                 1_555 
_pdbx_struct_oper_list.symmetry_operation   x,y,z 
_pdbx_struct_oper_list.matrix[1][1]         1.0000000000 
_pdbx_struct_oper_list.matrix[1][2]         0.0000000000 
_pdbx_struct_oper_list.matrix[1][3]         0.0000000000 
_pdbx_struct_oper_list.vector[1]            0.0000000000 
_pdbx_struct_oper_list.matrix[2][1]         0.0000000000 
_pdbx_struct_oper_list.matrix[2][2]         1.0000000000 
_pdbx_struct_oper_list.matrix[2][3]         0.0000000000 
_pdbx_struct_oper_list.vector[2]            0.0000000000 
_pdbx_struct_oper_list.matrix[3][1]         0.0000000000 
_pdbx_struct_oper_list.matrix[3][2]         0.0000000000 
_pdbx_struct_oper_list.matrix[3][3]         1.0000000000 
_pdbx_struct_oper_list.vector[3]            0.0000000000 
# 
loop_
_pdbx_audit_revision_history.ordinal 
_pdbx_audit_revision_history.data_content_type 
_pdbx_audit_revision_history.major_revision 
_pdbx_audit_revision_history.minor_revision 
_pdbx_audit_revision_history.revision_date 
1 'Structure model' 1 0 2011-06-01 
2 'Structure model' 1 1 2011-07-13 
3 'Structure model' 1 2 2023-09-06 
# 
_pdbx_audit_revision_details.ordinal             1 
_pdbx_audit_revision_details.revision_ordinal    1 
_pdbx_audit_revision_details.data_content_type   'Structure model' 
_pdbx_audit_revision_details.provider            repository 
_pdbx_audit_revision_details.type                'Initial release' 
_pdbx_audit_revision_details.description         ? 
_pdbx_audit_revision_details.details             ? 
# 
loop_
_pdbx_audit_revision_group.ordinal 
_pdbx_audit_revision_group.revision_ordinal 
_pdbx_audit_revision_group.data_content_type 
_pdbx_audit_revision_group.group 
1 2 'Structure model' 'Version format compliance' 
2 3 'Structure model' 'Data collection'           
3 3 'Structure model' 'Database references'       
4 3 'Structure model' 'Refinement description'    
# 
loop_
_pdbx_audit_revision_category.ordinal 
_pdbx_audit_revision_category.revision_ordinal 
_pdbx_audit_revision_category.data_content_type 
_pdbx_audit_revision_category.category 
1 3 'Structure model' chem_comp_atom                
2 3 'Structure model' chem_comp_bond                
3 3 'Structure model' database_2                    
4 3 'Structure model' pdbx_initial_refinement_model 
5 3 'Structure model' struct_ref_seq_dif            
# 
loop_
_pdbx_audit_revision_item.ordinal 
_pdbx_audit_revision_item.revision_ordinal 
_pdbx_audit_revision_item.data_content_type 
_pdbx_audit_revision_item.item 
1 3 'Structure model' '_database_2.pdbx_DOI'                
2 3 'Structure model' '_database_2.pdbx_database_accession' 
3 3 'Structure model' '_struct_ref_seq_dif.details'         
# 
loop_
_software.name 
_software.classification 
_software.version 
_software.citation_id 
_software.pdbx_ordinal 
MAR345dtb 'data collection' .        ? 1 
MOLREP    phasing           .        ? 2 
REFMAC    refinement        5.2.0019 ? 3 
XDS       'data reduction'  .        ? 4 
XSCALE    'data scaling'    .        ? 5 
# 
_pdbx_validate_torsion.id              1 
_pdbx_validate_torsion.PDB_model_num   1 
_pdbx_validate_torsion.auth_comp_id    THR 
_pdbx_validate_torsion.auth_asym_id    A 
_pdbx_validate_torsion.auth_seq_id     37 
_pdbx_validate_torsion.PDB_ins_code    ? 
_pdbx_validate_torsion.label_alt_id    ? 
_pdbx_validate_torsion.phi             -129.20 
_pdbx_validate_torsion.psi             -165.57 
# 
_pdbx_validate_main_chain_plane.id                       1 
_pdbx_validate_main_chain_plane.PDB_model_num            1 
_pdbx_validate_main_chain_plane.auth_comp_id             GLY 
_pdbx_validate_main_chain_plane.auth_asym_id             B 
_pdbx_validate_main_chain_plane.auth_seq_id              48 
_pdbx_validate_main_chain_plane.PDB_ins_code             ? 
_pdbx_validate_main_chain_plane.label_alt_id             ? 
_pdbx_validate_main_chain_plane.improper_torsion_angle   -13.93 
# 
loop_
_pdbx_unobs_or_zero_occ_atoms.id 
_pdbx_unobs_or_zero_occ_atoms.PDB_model_num 
_pdbx_unobs_or_zero_occ_atoms.polymer_flag 
_pdbx_unobs_or_zero_occ_atoms.occupancy_flag 
_pdbx_unobs_or_zero_occ_atoms.auth_asym_id 
_pdbx_unobs_or_zero_occ_atoms.auth_comp_id 
_pdbx_unobs_or_zero_occ_atoms.auth_seq_id 
_pdbx_unobs_or_zero_occ_atoms.PDB_ins_code 
_pdbx_unobs_or_zero_occ_atoms.auth_atom_id 
_pdbx_unobs_or_zero_occ_atoms.label_alt_id 
_pdbx_unobs_or_zero_occ_atoms.label_asym_id 
_pdbx_unobs_or_zero_occ_atoms.label_comp_id 
_pdbx_unobs_or_zero_occ_atoms.label_seq_id 
_pdbx_unobs_or_zero_occ_atoms.label_atom_id 
1  1 Y 1 A LYS 12 ? CE  ? A LYS 32 CE  
2  1 Y 1 A LYS 12 ? NZ  ? A LYS 32 NZ  
3  1 Y 1 A GLN 38 ? CD  ? A GLN 58 CD  
4  1 Y 1 A GLN 38 ? OE1 ? A GLN 58 OE1 
5  1 Y 1 A GLN 38 ? NE2 ? A GLN 58 NE2 
6  1 Y 1 B LYS 12 ? CD  ? B LYS 32 CD  
7  1 Y 1 B LYS 12 ? CE  ? B LYS 32 CE  
8  1 Y 1 B LYS 41 ? CE  ? B LYS 61 CE  
9  1 Y 1 B LYS 41 ? NZ  ? B LYS 61 NZ  
10 1 Y 1 C GLU 17 ? CG  ? C GLU 12 CG  
11 1 Y 1 C GLU 17 ? CD  ? C GLU 12 CD  
12 1 Y 1 C GLU 17 ? OE1 ? C GLU 12 OE1 
13 1 Y 1 C GLU 17 ? OE2 ? C GLU 12 OE2 
14 1 Y 1 C LYS 18 ? CG  ? C LYS 13 CG  
15 1 Y 1 C LYS 18 ? CD  ? C LYS 13 CD  
16 1 Y 1 C LYS 18 ? CE  ? C LYS 13 CE  
17 1 Y 1 C LYS 18 ? NZ  ? C LYS 13 NZ  
18 1 Y 1 C LYS 22 ? CG  ? C LYS 17 CG  
19 1 Y 1 C LYS 22 ? CD  ? C LYS 17 CD  
20 1 Y 1 C LYS 22 ? CE  ? C LYS 17 CE  
21 1 Y 1 C LYS 22 ? NZ  ? C LYS 17 NZ  
22 1 Y 1 D LYS 18 ? CG  ? D LYS 13 CG  
23 1 Y 1 D LYS 18 ? CD  ? D LYS 13 CD  
24 1 Y 1 D LYS 18 ? CE  ? D LYS 13 CE  
25 1 Y 1 D LYS 18 ? NZ  ? D LYS 13 NZ  
26 1 Y 1 D LYS 22 ? CG  ? D LYS 17 CG  
27 1 Y 1 D LYS 22 ? CD  ? D LYS 17 CD  
28 1 Y 1 D LYS 22 ? CE  ? D LYS 17 CE  
29 1 Y 1 D LYS 22 ? NZ  ? D LYS 17 NZ  
# 
loop_
_pdbx_unobs_or_zero_occ_residues.id 
_pdbx_unobs_or_zero_occ_residues.PDB_model_num 
_pdbx_unobs_or_zero_occ_residues.polymer_flag 
_pdbx_unobs_or_zero_occ_residues.occupancy_flag 
_pdbx_unobs_or_zero_occ_residues.auth_asym_id 
_pdbx_unobs_or_zero_occ_residues.auth_comp_id 
_pdbx_unobs_or_zero_occ_residues.auth_seq_id 
_pdbx_unobs_or_zero_occ_residues.PDB_ins_code 
_pdbx_unobs_or_zero_occ_residues.label_asym_id 
_pdbx_unobs_or_zero_occ_residues.label_comp_id 
_pdbx_unobs_or_zero_occ_residues.label_seq_id 
1  1 Y 1 A MET -19 ? A MET 1  
2  1 Y 1 A GLY -18 ? A GLY 2  
3  1 Y 1 A SER -17 ? A SER 3  
4  1 Y 1 A SER -16 ? A SER 4  
5  1 Y 1 A HIS -15 ? A HIS 5  
6  1 Y 1 A HIS -14 ? A HIS 6  
7  1 Y 1 A HIS -13 ? A HIS 7  
8  1 Y 1 A HIS -12 ? A HIS 8  
9  1 Y 1 A HIS -11 ? A HIS 9  
10 1 Y 1 A HIS -10 ? A HIS 10 
11 1 Y 1 A SER -9  ? A SER 11 
12 1 Y 1 A SER -8  ? A SER 12 
13 1 Y 1 A GLY -7  ? A GLY 13 
14 1 Y 1 A LEU -6  ? A LEU 14 
15 1 Y 1 A VAL -5  ? A VAL 15 
16 1 Y 1 A PRO -4  ? A PRO 16 
17 1 Y 1 A ARG -3  ? A ARG 17 
18 1 Y 1 A GLY -2  ? A GLY 18 
19 1 Y 1 A SER -1  ? A SER 19 
20 1 Y 1 B MET -19 ? B MET 1  
21 1 Y 1 B GLY -18 ? B GLY 2  
22 1 Y 1 B SER -17 ? B SER 3  
23 1 Y 1 B SER -16 ? B SER 4  
24 1 Y 1 B HIS -15 ? B HIS 5  
25 1 Y 1 B HIS -14 ? B HIS 6  
26 1 Y 1 B HIS -13 ? B HIS 7  
27 1 Y 1 B HIS -12 ? B HIS 8  
28 1 Y 1 B HIS -11 ? B HIS 9  
29 1 Y 1 B HIS -10 ? B HIS 10 
30 1 Y 1 B SER -9  ? B SER 11 
31 1 Y 1 B SER -8  ? B SER 12 
32 1 Y 1 B GLY -7  ? B GLY 13 
33 1 Y 1 B LEU -6  ? B LEU 14 
34 1 Y 1 B VAL -5  ? B VAL 15 
35 1 Y 1 B PRO -4  ? B PRO 16 
36 1 Y 1 B ARG -3  ? B ARG 17 
37 1 Y 1 B GLY -2  ? B GLY 18 
38 1 Y 1 B SER -1  ? B SER 19 
39 1 Y 1 C ASN 6   ? C ASN 1  
40 1 Y 1 D ASN 6   ? D ASN 1  
# 
loop_
_chem_comp_atom.comp_id 
_chem_comp_atom.atom_id 
_chem_comp_atom.type_symbol 
_chem_comp_atom.pdbx_aromatic_flag 
_chem_comp_atom.pdbx_stereo_config 
_chem_comp_atom.pdbx_ordinal 
ALA N    N N N 1   
ALA CA   C N S 2   
ALA C    C N N 3   
ALA O    O N N 4   
ALA CB   C N N 5   
ALA OXT  O N N 6   
ALA H    H N N 7   
ALA H2   H N N 8   
ALA HA   H N N 9   
ALA HB1  H N N 10  
ALA HB2  H N N 11  
ALA HB3  H N N 12  
ALA HXT  H N N 13  
ARG N    N N N 14  
ARG CA   C N S 15  
ARG C    C N N 16  
ARG O    O N N 17  
ARG CB   C N N 18  
ARG CG   C N N 19  
ARG CD   C N N 20  
ARG NE   N N N 21  
ARG CZ   C N N 22  
ARG NH1  N N N 23  
ARG NH2  N N N 24  
ARG OXT  O N N 25  
ARG H    H N N 26  
ARG H2   H N N 27  
ARG HA   H N N 28  
ARG HB2  H N N 29  
ARG HB3  H N N 30  
ARG HG2  H N N 31  
ARG HG3  H N N 32  
ARG HD2  H N N 33  
ARG HD3  H N N 34  
ARG HE   H N N 35  
ARG HH11 H N N 36  
ARG HH12 H N N 37  
ARG HH21 H N N 38  
ARG HH22 H N N 39  
ARG HXT  H N N 40  
ASN N    N N N 41  
ASN CA   C N S 42  
ASN C    C N N 43  
ASN O    O N N 44  
ASN CB   C N N 45  
ASN CG   C N N 46  
ASN OD1  O N N 47  
ASN ND2  N N N 48  
ASN OXT  O N N 49  
ASN H    H N N 50  
ASN H2   H N N 51  
ASN HA   H N N 52  
ASN HB2  H N N 53  
ASN HB3  H N N 54  
ASN HD21 H N N 55  
ASN HD22 H N N 56  
ASN HXT  H N N 57  
ASP N    N N N 58  
ASP CA   C N S 59  
ASP C    C N N 60  
ASP O    O N N 61  
ASP CB   C N N 62  
ASP CG   C N N 63  
ASP OD1  O N N 64  
ASP OD2  O N N 65  
ASP OXT  O N N 66  
ASP H    H N N 67  
ASP H2   H N N 68  
ASP HA   H N N 69  
ASP HB2  H N N 70  
ASP HB3  H N N 71  
ASP HD2  H N N 72  
ASP HXT  H N N 73  
CYS N    N N N 74  
CYS CA   C N R 75  
CYS C    C N N 76  
CYS O    O N N 77  
CYS CB   C N N 78  
CYS SG   S N N 79  
CYS OXT  O N N 80  
CYS H    H N N 81  
CYS H2   H N N 82  
CYS HA   H N N 83  
CYS HB2  H N N 84  
CYS HB3  H N N 85  
CYS HG   H N N 86  
CYS HXT  H N N 87  
GLN N    N N N 88  
GLN CA   C N S 89  
GLN C    C N N 90  
GLN O    O N N 91  
GLN CB   C N N 92  
GLN CG   C N N 93  
GLN CD   C N N 94  
GLN OE1  O N N 95  
GLN NE2  N N N 96  
GLN OXT  O N N 97  
GLN H    H N N 98  
GLN H2   H N N 99  
GLN HA   H N N 100 
GLN HB2  H N N 101 
GLN HB3  H N N 102 
GLN HG2  H N N 103 
GLN HG3  H N N 104 
GLN HE21 H N N 105 
GLN HE22 H N N 106 
GLN HXT  H N N 107 
GLU N    N N N 108 
GLU CA   C N S 109 
GLU C    C N N 110 
GLU O    O N N 111 
GLU CB   C N N 112 
GLU CG   C N N 113 
GLU CD   C N N 114 
GLU OE1  O N N 115 
GLU OE2  O N N 116 
GLU OXT  O N N 117 
GLU H    H N N 118 
GLU H2   H N N 119 
GLU HA   H N N 120 
GLU HB2  H N N 121 
GLU HB3  H N N 122 
GLU HG2  H N N 123 
GLU HG3  H N N 124 
GLU HE2  H N N 125 
GLU HXT  H N N 126 
GLY N    N N N 127 
GLY CA   C N N 128 
GLY C    C N N 129 
GLY O    O N N 130 
GLY OXT  O N N 131 
GLY H    H N N 132 
GLY H2   H N N 133 
GLY HA2  H N N 134 
GLY HA3  H N N 135 
GLY HXT  H N N 136 
HIS N    N N N 137 
HIS CA   C N S 138 
HIS C    C N N 139 
HIS O    O N N 140 
HIS CB   C N N 141 
HIS CG   C Y N 142 
HIS ND1  N Y N 143 
HIS CD2  C Y N 144 
HIS CE1  C Y N 145 
HIS NE2  N Y N 146 
HIS OXT  O N N 147 
HIS H    H N N 148 
HIS H2   H N N 149 
HIS HA   H N N 150 
HIS HB2  H N N 151 
HIS HB3  H N N 152 
HIS HD1  H N N 153 
HIS HD2  H N N 154 
HIS HE1  H N N 155 
HIS HE2  H N N 156 
HIS HXT  H N N 157 
HOH O    O N N 158 
HOH H1   H N N 159 
HOH H2   H N N 160 
ILE N    N N N 161 
ILE CA   C N S 162 
ILE C    C N N 163 
ILE O    O N N 164 
ILE CB   C N S 165 
ILE CG1  C N N 166 
ILE CG2  C N N 167 
ILE CD1  C N N 168 
ILE OXT  O N N 169 
ILE H    H N N 170 
ILE H2   H N N 171 
ILE HA   H N N 172 
ILE HB   H N N 173 
ILE HG12 H N N 174 
ILE HG13 H N N 175 
ILE HG21 H N N 176 
ILE HG22 H N N 177 
ILE HG23 H N N 178 
ILE HD11 H N N 179 
ILE HD12 H N N 180 
ILE HD13 H N N 181 
ILE HXT  H N N 182 
LEU N    N N N 183 
LEU CA   C N S 184 
LEU C    C N N 185 
LEU O    O N N 186 
LEU CB   C N N 187 
LEU CG   C N N 188 
LEU CD1  C N N 189 
LEU CD2  C N N 190 
LEU OXT  O N N 191 
LEU H    H N N 192 
LEU H2   H N N 193 
LEU HA   H N N 194 
LEU HB2  H N N 195 
LEU HB3  H N N 196 
LEU HG   H N N 197 
LEU HD11 H N N 198 
LEU HD12 H N N 199 
LEU HD13 H N N 200 
LEU HD21 H N N 201 
LEU HD22 H N N 202 
LEU HD23 H N N 203 
LEU HXT  H N N 204 
LYS N    N N N 205 
LYS CA   C N S 206 
LYS C    C N N 207 
LYS O    O N N 208 
LYS CB   C N N 209 
LYS CG   C N N 210 
LYS CD   C N N 211 
LYS CE   C N N 212 
LYS NZ   N N N 213 
LYS OXT  O N N 214 
LYS H    H N N 215 
LYS H2   H N N 216 
LYS HA   H N N 217 
LYS HB2  H N N 218 
LYS HB3  H N N 219 
LYS HG2  H N N 220 
LYS HG3  H N N 221 
LYS HD2  H N N 222 
LYS HD3  H N N 223 
LYS HE2  H N N 224 
LYS HE3  H N N 225 
LYS HZ1  H N N 226 
LYS HZ2  H N N 227 
LYS HZ3  H N N 228 
LYS HXT  H N N 229 
MET N    N N N 230 
MET CA   C N S 231 
MET C    C N N 232 
MET O    O N N 233 
MET CB   C N N 234 
MET CG   C N N 235 
MET SD   S N N 236 
MET CE   C N N 237 
MET OXT  O N N 238 
MET H    H N N 239 
MET H2   H N N 240 
MET HA   H N N 241 
MET HB2  H N N 242 
MET HB3  H N N 243 
MET HG2  H N N 244 
MET HG3  H N N 245 
MET HE1  H N N 246 
MET HE2  H N N 247 
MET HE3  H N N 248 
MET HXT  H N N 249 
PHE N    N N N 250 
PHE CA   C N S 251 
PHE C    C N N 252 
PHE O    O N N 253 
PHE CB   C N N 254 
PHE CG   C Y N 255 
PHE CD1  C Y N 256 
PHE CD2  C Y N 257 
PHE CE1  C Y N 258 
PHE CE2  C Y N 259 
PHE CZ   C Y N 260 
PHE OXT  O N N 261 
PHE H    H N N 262 
PHE H2   H N N 263 
PHE HA   H N N 264 
PHE HB2  H N N 265 
PHE HB3  H N N 266 
PHE HD1  H N N 267 
PHE HD2  H N N 268 
PHE HE1  H N N 269 
PHE HE2  H N N 270 
PHE HZ   H N N 271 
PHE HXT  H N N 272 
PRO N    N N N 273 
PRO CA   C N S 274 
PRO C    C N N 275 
PRO O    O N N 276 
PRO CB   C N N 277 
PRO CG   C N N 278 
PRO CD   C N N 279 
PRO OXT  O N N 280 
PRO H    H N N 281 
PRO HA   H N N 282 
PRO HB2  H N N 283 
PRO HB3  H N N 284 
PRO HG2  H N N 285 
PRO HG3  H N N 286 
PRO HD2  H N N 287 
PRO HD3  H N N 288 
PRO HXT  H N N 289 
SER N    N N N 290 
SER CA   C N S 291 
SER C    C N N 292 
SER O    O N N 293 
SER CB   C N N 294 
SER OG   O N N 295 
SER OXT  O N N 296 
SER H    H N N 297 
SER H2   H N N 298 
SER HA   H N N 299 
SER HB2  H N N 300 
SER HB3  H N N 301 
SER HG   H N N 302 
SER HXT  H N N 303 
THR N    N N N 304 
THR CA   C N S 305 
THR C    C N N 306 
THR O    O N N 307 
THR CB   C N R 308 
THR OG1  O N N 309 
THR CG2  C N N 310 
THR OXT  O N N 311 
THR H    H N N 312 
THR H2   H N N 313 
THR HA   H N N 314 
THR HB   H N N 315 
THR HG1  H N N 316 
THR HG21 H N N 317 
THR HG22 H N N 318 
THR HG23 H N N 319 
THR HXT  H N N 320 
TYR N    N N N 321 
TYR CA   C N S 322 
TYR C    C N N 323 
TYR O    O N N 324 
TYR CB   C N N 325 
TYR CG   C Y N 326 
TYR CD1  C Y N 327 
TYR CD2  C Y N 328 
TYR CE1  C Y N 329 
TYR CE2  C Y N 330 
TYR CZ   C Y N 331 
TYR OH   O N N 332 
TYR OXT  O N N 333 
TYR H    H N N 334 
TYR H2   H N N 335 
TYR HA   H N N 336 
TYR HB2  H N N 337 
TYR HB3  H N N 338 
TYR HD1  H N N 339 
TYR HD2  H N N 340 
TYR HE1  H N N 341 
TYR HE2  H N N 342 
TYR HH   H N N 343 
TYR HXT  H N N 344 
VAL N    N N N 345 
VAL CA   C N S 346 
VAL C    C N N 347 
VAL O    O N N 348 
VAL CB   C N N 349 
VAL CG1  C N N 350 
VAL CG2  C N N 351 
VAL OXT  O N N 352 
VAL H    H N N 353 
VAL H2   H N N 354 
VAL HA   H N N 355 
VAL HB   H N N 356 
VAL HG11 H N N 357 
VAL HG12 H N N 358 
VAL HG13 H N N 359 
VAL HG21 H N N 360 
VAL HG22 H N N 361 
VAL HG23 H N N 362 
VAL HXT  H N N 363 
# 
loop_
_chem_comp_bond.comp_id 
_chem_comp_bond.atom_id_1 
_chem_comp_bond.atom_id_2 
_chem_comp_bond.value_order 
_chem_comp_bond.pdbx_aromatic_flag 
_chem_comp_bond.pdbx_stereo_config 
_chem_comp_bond.pdbx_ordinal 
ALA N   CA   sing N N 1   
ALA N   H    sing N N 2   
ALA N   H2   sing N N 3   
ALA CA  C    sing N N 4   
ALA CA  CB   sing N N 5   
ALA CA  HA   sing N N 6   
ALA C   O    doub N N 7   
ALA C   OXT  sing N N 8   
ALA CB  HB1  sing N N 9   
ALA CB  HB2  sing N N 10  
ALA CB  HB3  sing N N 11  
ALA OXT HXT  sing N N 12  
ARG N   CA   sing N N 13  
ARG N   H    sing N N 14  
ARG N   H2   sing N N 15  
ARG CA  C    sing N N 16  
ARG CA  CB   sing N N 17  
ARG CA  HA   sing N N 18  
ARG C   O    doub N N 19  
ARG C   OXT  sing N N 20  
ARG CB  CG   sing N N 21  
ARG CB  HB2  sing N N 22  
ARG CB  HB3  sing N N 23  
ARG CG  CD   sing N N 24  
ARG CG  HG2  sing N N 25  
ARG CG  HG3  sing N N 26  
ARG CD  NE   sing N N 27  
ARG CD  HD2  sing N N 28  
ARG CD  HD3  sing N N 29  
ARG NE  CZ   sing N N 30  
ARG NE  HE   sing N N 31  
ARG CZ  NH1  sing N N 32  
ARG CZ  NH2  doub N N 33  
ARG NH1 HH11 sing N N 34  
ARG NH1 HH12 sing N N 35  
ARG NH2 HH21 sing N N 36  
ARG NH2 HH22 sing N N 37  
ARG OXT HXT  sing N N 38  
ASN N   CA   sing N N 39  
ASN N   H    sing N N 40  
ASN N   H2   sing N N 41  
ASN CA  C    sing N N 42  
ASN CA  CB   sing N N 43  
ASN CA  HA   sing N N 44  
ASN C   O    doub N N 45  
ASN C   OXT  sing N N 46  
ASN CB  CG   sing N N 47  
ASN CB  HB2  sing N N 48  
ASN CB  HB3  sing N N 49  
ASN CG  OD1  doub N N 50  
ASN CG  ND2  sing N N 51  
ASN ND2 HD21 sing N N 52  
ASN ND2 HD22 sing N N 53  
ASN OXT HXT  sing N N 54  
ASP N   CA   sing N N 55  
ASP N   H    sing N N 56  
ASP N   H2   sing N N 57  
ASP CA  C    sing N N 58  
ASP CA  CB   sing N N 59  
ASP CA  HA   sing N N 60  
ASP C   O    doub N N 61  
ASP C   OXT  sing N N 62  
ASP CB  CG   sing N N 63  
ASP CB  HB2  sing N N 64  
ASP CB  HB3  sing N N 65  
ASP CG  OD1  doub N N 66  
ASP CG  OD2  sing N N 67  
ASP OD2 HD2  sing N N 68  
ASP OXT HXT  sing N N 69  
CYS N   CA   sing N N 70  
CYS N   H    sing N N 71  
CYS N   H2   sing N N 72  
CYS CA  C    sing N N 73  
CYS CA  CB   sing N N 74  
CYS CA  HA   sing N N 75  
CYS C   O    doub N N 76  
CYS C   OXT  sing N N 77  
CYS CB  SG   sing N N 78  
CYS CB  HB2  sing N N 79  
CYS CB  HB3  sing N N 80  
CYS SG  HG   sing N N 81  
CYS OXT HXT  sing N N 82  
GLN N   CA   sing N N 83  
GLN N   H    sing N N 84  
GLN N   H2   sing N N 85  
GLN CA  C    sing N N 86  
GLN CA  CB   sing N N 87  
GLN CA  HA   sing N N 88  
GLN C   O    doub N N 89  
GLN C   OXT  sing N N 90  
GLN CB  CG   sing N N 91  
GLN CB  HB2  sing N N 92  
GLN CB  HB3  sing N N 93  
GLN CG  CD   sing N N 94  
GLN CG  HG2  sing N N 95  
GLN CG  HG3  sing N N 96  
GLN CD  OE1  doub N N 97  
GLN CD  NE2  sing N N 98  
GLN NE2 HE21 sing N N 99  
GLN NE2 HE22 sing N N 100 
GLN OXT HXT  sing N N 101 
GLU N   CA   sing N N 102 
GLU N   H    sing N N 103 
GLU N   H2   sing N N 104 
GLU CA  C    sing N N 105 
GLU CA  CB   sing N N 106 
GLU CA  HA   sing N N 107 
GLU C   O    doub N N 108 
GLU C   OXT  sing N N 109 
GLU CB  CG   sing N N 110 
GLU CB  HB2  sing N N 111 
GLU CB  HB3  sing N N 112 
GLU CG  CD   sing N N 113 
GLU CG  HG2  sing N N 114 
GLU CG  HG3  sing N N 115 
GLU CD  OE1  doub N N 116 
GLU CD  OE2  sing N N 117 
GLU OE2 HE2  sing N N 118 
GLU OXT HXT  sing N N 119 
GLY N   CA   sing N N 120 
GLY N   H    sing N N 121 
GLY N   H2   sing N N 122 
GLY CA  C    sing N N 123 
GLY CA  HA2  sing N N 124 
GLY CA  HA3  sing N N 125 
GLY C   O    doub N N 126 
GLY C   OXT  sing N N 127 
GLY OXT HXT  sing N N 128 
HIS N   CA   sing N N 129 
HIS N   H    sing N N 130 
HIS N   H2   sing N N 131 
HIS CA  C    sing N N 132 
HIS CA  CB   sing N N 133 
HIS CA  HA   sing N N 134 
HIS C   O    doub N N 135 
HIS C   OXT  sing N N 136 
HIS CB  CG   sing N N 137 
HIS CB  HB2  sing N N 138 
HIS CB  HB3  sing N N 139 
HIS CG  ND1  sing Y N 140 
HIS CG  CD2  doub Y N 141 
HIS ND1 CE1  doub Y N 142 
HIS ND1 HD1  sing N N 143 
HIS CD2 NE2  sing Y N 144 
HIS CD2 HD2  sing N N 145 
HIS CE1 NE2  sing Y N 146 
HIS CE1 HE1  sing N N 147 
HIS NE2 HE2  sing N N 148 
HIS OXT HXT  sing N N 149 
HOH O   H1   sing N N 150 
HOH O   H2   sing N N 151 
ILE N   CA   sing N N 152 
ILE N   H    sing N N 153 
ILE N   H2   sing N N 154 
ILE CA  C    sing N N 155 
ILE CA  CB   sing N N 156 
ILE CA  HA   sing N N 157 
ILE C   O    doub N N 158 
ILE C   OXT  sing N N 159 
ILE CB  CG1  sing N N 160 
ILE CB  CG2  sing N N 161 
ILE CB  HB   sing N N 162 
ILE CG1 CD1  sing N N 163 
ILE CG1 HG12 sing N N 164 
ILE CG1 HG13 sing N N 165 
ILE CG2 HG21 sing N N 166 
ILE CG2 HG22 sing N N 167 
ILE CG2 HG23 sing N N 168 
ILE CD1 HD11 sing N N 169 
ILE CD1 HD12 sing N N 170 
ILE CD1 HD13 sing N N 171 
ILE OXT HXT  sing N N 172 
LEU N   CA   sing N N 173 
LEU N   H    sing N N 174 
LEU N   H2   sing N N 175 
LEU CA  C    sing N N 176 
LEU CA  CB   sing N N 177 
LEU CA  HA   sing N N 178 
LEU C   O    doub N N 179 
LEU C   OXT  sing N N 180 
LEU CB  CG   sing N N 181 
LEU CB  HB2  sing N N 182 
LEU CB  HB3  sing N N 183 
LEU CG  CD1  sing N N 184 
LEU CG  CD2  sing N N 185 
LEU CG  HG   sing N N 186 
LEU CD1 HD11 sing N N 187 
LEU CD1 HD12 sing N N 188 
LEU CD1 HD13 sing N N 189 
LEU CD2 HD21 sing N N 190 
LEU CD2 HD22 sing N N 191 
LEU CD2 HD23 sing N N 192 
LEU OXT HXT  sing N N 193 
LYS N   CA   sing N N 194 
LYS N   H    sing N N 195 
LYS N   H2   sing N N 196 
LYS CA  C    sing N N 197 
LYS CA  CB   sing N N 198 
LYS CA  HA   sing N N 199 
LYS C   O    doub N N 200 
LYS C   OXT  sing N N 201 
LYS CB  CG   sing N N 202 
LYS CB  HB2  sing N N 203 
LYS CB  HB3  sing N N 204 
LYS CG  CD   sing N N 205 
LYS CG  HG2  sing N N 206 
LYS CG  HG3  sing N N 207 
LYS CD  CE   sing N N 208 
LYS CD  HD2  sing N N 209 
LYS CD  HD3  sing N N 210 
LYS CE  NZ   sing N N 211 
LYS CE  HE2  sing N N 212 
LYS CE  HE3  sing N N 213 
LYS NZ  HZ1  sing N N 214 
LYS NZ  HZ2  sing N N 215 
LYS NZ  HZ3  sing N N 216 
LYS OXT HXT  sing N N 217 
MET N   CA   sing N N 218 
MET N   H    sing N N 219 
MET N   H2   sing N N 220 
MET CA  C    sing N N 221 
MET CA  CB   sing N N 222 
MET CA  HA   sing N N 223 
MET C   O    doub N N 224 
MET C   OXT  sing N N 225 
MET CB  CG   sing N N 226 
MET CB  HB2  sing N N 227 
MET CB  HB3  sing N N 228 
MET CG  SD   sing N N 229 
MET CG  HG2  sing N N 230 
MET CG  HG3  sing N N 231 
MET SD  CE   sing N N 232 
MET CE  HE1  sing N N 233 
MET CE  HE2  sing N N 234 
MET CE  HE3  sing N N 235 
MET OXT HXT  sing N N 236 
PHE N   CA   sing N N 237 
PHE N   H    sing N N 238 
PHE N   H2   sing N N 239 
PHE CA  C    sing N N 240 
PHE CA  CB   sing N N 241 
PHE CA  HA   sing N N 242 
PHE C   O    doub N N 243 
PHE C   OXT  sing N N 244 
PHE CB  CG   sing N N 245 
PHE CB  HB2  sing N N 246 
PHE CB  HB3  sing N N 247 
PHE CG  CD1  doub Y N 248 
PHE CG  CD2  sing Y N 249 
PHE CD1 CE1  sing Y N 250 
PHE CD1 HD1  sing N N 251 
PHE CD2 CE2  doub Y N 252 
PHE CD2 HD2  sing N N 253 
PHE CE1 CZ   doub Y N 254 
PHE CE1 HE1  sing N N 255 
PHE CE2 CZ   sing Y N 256 
PHE CE2 HE2  sing N N 257 
PHE CZ  HZ   sing N N 258 
PHE OXT HXT  sing N N 259 
PRO N   CA   sing N N 260 
PRO N   CD   sing N N 261 
PRO N   H    sing N N 262 
PRO CA  C    sing N N 263 
PRO CA  CB   sing N N 264 
PRO CA  HA   sing N N 265 
PRO C   O    doub N N 266 
PRO C   OXT  sing N N 267 
PRO CB  CG   sing N N 268 
PRO CB  HB2  sing N N 269 
PRO CB  HB3  sing N N 270 
PRO CG  CD   sing N N 271 
PRO CG  HG2  sing N N 272 
PRO CG  HG3  sing N N 273 
PRO CD  HD2  sing N N 274 
PRO CD  HD3  sing N N 275 
PRO OXT HXT  sing N N 276 
SER N   CA   sing N N 277 
SER N   H    sing N N 278 
SER N   H2   sing N N 279 
SER CA  C    sing N N 280 
SER CA  CB   sing N N 281 
SER CA  HA   sing N N 282 
SER C   O    doub N N 283 
SER C   OXT  sing N N 284 
SER CB  OG   sing N N 285 
SER CB  HB2  sing N N 286 
SER CB  HB3  sing N N 287 
SER OG  HG   sing N N 288 
SER OXT HXT  sing N N 289 
THR N   CA   sing N N 290 
THR N   H    sing N N 291 
THR N   H2   sing N N 292 
THR CA  C    sing N N 293 
THR CA  CB   sing N N 294 
THR CA  HA   sing N N 295 
THR C   O    doub N N 296 
THR C   OXT  sing N N 297 
THR CB  OG1  sing N N 298 
THR CB  CG2  sing N N 299 
THR CB  HB   sing N N 300 
THR OG1 HG1  sing N N 301 
THR CG2 HG21 sing N N 302 
THR CG2 HG22 sing N N 303 
THR CG2 HG23 sing N N 304 
THR OXT HXT  sing N N 305 
TYR N   CA   sing N N 306 
TYR N   H    sing N N 307 
TYR N   H2   sing N N 308 
TYR CA  C    sing N N 309 
TYR CA  CB   sing N N 310 
TYR CA  HA   sing N N 311 
TYR C   O    doub N N 312 
TYR C   OXT  sing N N 313 
TYR CB  CG   sing N N 314 
TYR CB  HB2  sing N N 315 
TYR CB  HB3  sing N N 316 
TYR CG  CD1  doub Y N 317 
TYR CG  CD2  sing Y N 318 
TYR CD1 CE1  sing Y N 319 
TYR CD1 HD1  sing N N 320 
TYR CD2 CE2  doub Y N 321 
TYR CD2 HD2  sing N N 322 
TYR CE1 CZ   doub Y N 323 
TYR CE1 HE1  sing N N 324 
TYR CE2 CZ   sing Y N 325 
TYR CE2 HE2  sing N N 326 
TYR CZ  OH   sing N N 327 
TYR OH  HH   sing N N 328 
TYR OXT HXT  sing N N 329 
VAL N   CA   sing N N 330 
VAL N   H    sing N N 331 
VAL N   H2   sing N N 332 
VAL CA  C    sing N N 333 
VAL CA  CB   sing N N 334 
VAL CA  HA   sing N N 335 
VAL C   O    doub N N 336 
VAL C   OXT  sing N N 337 
VAL CB  CG1  sing N N 338 
VAL CB  CG2  sing N N 339 
VAL CB  HB   sing N N 340 
VAL CG1 HG11 sing N N 341 
VAL CG1 HG12 sing N N 342 
VAL CG1 HG13 sing N N 343 
VAL CG2 HG21 sing N N 344 
VAL CG2 HG22 sing N N 345 
VAL CG2 HG23 sing N N 346 
VAL OXT HXT  sing N N 347 
# 
_pdbx_entity_nonpoly.entity_id   3 
_pdbx_entity_nonpoly.name        water 
_pdbx_entity_nonpoly.comp_id     HOH 
# 
_pdbx_initial_refinement_model.id               1 
_pdbx_initial_refinement_model.entity_id_list   ? 
_pdbx_initial_refinement_model.type             'experimental model' 
_pdbx_initial_refinement_model.source_name      PDB 
_pdbx_initial_refinement_model.accession_code   1UBI 
_pdbx_initial_refinement_model.details          'PDB entry 1UBI' 
# 
